data_8JN6
# 
_entry.id   8JN6 
# 
_audit_conform.dict_name       mmcif_pdbx.dic 
_audit_conform.dict_version    5.408 
_audit_conform.dict_location   http://mmcif.pdb.org/dictionaries/ascii/mmcif_pdbx.dic 
# 
loop_
_database_2.database_id 
_database_2.database_code 
_database_2.pdbx_database_accession 
_database_2.pdbx_DOI 
PDB   8JN6         pdb_00008jn6 10.2210/pdb8jn6/pdb 
WWPDB D_1300038140 ?            ?                   
EMDB  EMD-36434    ?            ?                   
# 
loop_
_pdbx_audit_revision_history.ordinal 
_pdbx_audit_revision_history.data_content_type 
_pdbx_audit_revision_history.major_revision 
_pdbx_audit_revision_history.minor_revision 
_pdbx_audit_revision_history.revision_date 
_pdbx_audit_revision_history.part_number 
1 'Structure model' 1 0 2024-06-12 ? 
2 'EM metadata'     1 0 2024-06-12 ? 
3 'Half map'        1 0 2024-06-12 1 
4 'Half map'        1 0 2024-06-12 2 
5 Image             1 0 2024-06-12 ? 
6 Mask              1 0 2024-06-12 ? 
7 'Primary map'     1 0 2024-06-12 ? 
8 'Structure model' 1 1 2025-12-24 ? 
9 'EM metadata'     1 1 2025-12-24 ? 
# 
loop_
_pdbx_audit_revision_details.ordinal 
_pdbx_audit_revision_details.revision_ordinal 
_pdbx_audit_revision_details.data_content_type 
_pdbx_audit_revision_details.provider 
_pdbx_audit_revision_details.type 
_pdbx_audit_revision_details.description 
_pdbx_audit_revision_details.details 
1 1 'Structure model' repository 'Initial release' ? ? 
2 2 'EM metadata'     repository 'Initial release' ? ? 
3 3 'Half map'        repository 'Initial release' ? ? 
4 4 'Half map'        repository 'Initial release' ? ? 
5 5 Image             repository 'Initial release' ? ? 
6 6 Mask              repository 'Initial release' ? ? 
7 7 'Primary map'     repository 'Initial release' ? ? 
# 
loop_
_pdbx_audit_revision_group.ordinal 
_pdbx_audit_revision_group.revision_ordinal 
_pdbx_audit_revision_group.data_content_type 
_pdbx_audit_revision_group.group 
1 8 'Structure model' 'Data collection'      
2 8 'Structure model' 'Database references'  
3 8 'Structure model' 'Structure summary'    
4 9 'EM metadata'     'Database references'  
5 9 'EM metadata'     'Experimental summary' 
# 
loop_
_pdbx_audit_revision_category.ordinal 
_pdbx_audit_revision_category.revision_ordinal 
_pdbx_audit_revision_category.data_content_type 
_pdbx_audit_revision_category.category 
1 8 'Structure model' citation           
2 8 'Structure model' citation_author    
3 8 'Structure model' em_admin           
4 8 'Structure model' pdbx_entry_details 
5 9 'EM metadata'     citation           
6 9 'EM metadata'     citation_author    
7 9 'EM metadata'     em_admin           
# 
loop_
_pdbx_audit_revision_item.ordinal 
_pdbx_audit_revision_item.revision_ordinal 
_pdbx_audit_revision_item.data_content_type 
_pdbx_audit_revision_item.item 
1  8 'Structure model' '_citation.country'                 
2  8 'Structure model' '_citation.journal_abbrev'          
3  8 'Structure model' '_citation.journal_id_CSD'          
4  8 'Structure model' '_citation.journal_id_ISSN'         
5  8 'Structure model' '_citation.journal_volume'          
6  8 'Structure model' '_citation.page_first'              
7  8 'Structure model' '_citation.page_last'               
8  8 'Structure model' '_citation.pdbx_database_id_DOI'    
9  8 'Structure model' '_citation.pdbx_database_id_PubMed' 
10 8 'Structure model' '_citation.title'                   
11 8 'Structure model' '_citation.year'                    
12 8 'Structure model' '_citation_author.identifier_ORCID' 
13 8 'Structure model' '_citation_author.name'             
14 8 'Structure model' '_em_admin.last_update'             
15 9 'EM metadata'     '_citation.country'                 
16 9 'EM metadata'     '_citation.journal_abbrev'          
17 9 'EM metadata'     '_citation.journal_id_CSD'          
18 9 'EM metadata'     '_citation.journal_id_ISSN'         
19 9 'EM metadata'     '_citation.journal_volume'          
20 9 'EM metadata'     '_citation.page_first'              
21 9 'EM metadata'     '_citation.page_last'               
22 9 'EM metadata'     '_citation.pdbx_database_id_DOI'    
23 9 'EM metadata'     '_citation.pdbx_database_id_PubMed' 
24 9 'EM metadata'     '_citation.title'                   
25 9 'EM metadata'     '_citation.year'                    
26 9 'EM metadata'     '_citation_author.identifier_ORCID' 
27 9 'EM metadata'     '_citation_author.name'             
28 9 'EM metadata'     '_em_admin.last_update'             
# 
_pdbx_database_status.status_code                     REL 
_pdbx_database_status.status_code_sf                  ? 
_pdbx_database_status.status_code_mr                  ? 
_pdbx_database_status.entry_id                        8JN6 
_pdbx_database_status.recvd_initial_deposition_date   2023-06-06 
_pdbx_database_status.SG_entry                        N 
_pdbx_database_status.deposit_site                    PDBJ 
_pdbx_database_status.process_site                    PDBJ 
_pdbx_database_status.status_code_cs                  ? 
_pdbx_database_status.status_code_nmr_data            ? 
_pdbx_database_status.methods_development_category    ? 
_pdbx_database_status.pdb_format_compatible           Y 
# 
loop_
_pdbx_database_related.db_name 
_pdbx_database_related.details 
_pdbx_database_related.db_id 
_pdbx_database_related.content_type 
EMDB 
;Cryo-EM structure of dengue virus serotype 3 strain 863DK in complex with human antibody DENV-290 Fab at 4 deg C (subparticle LLR-LRR)
;
EMD-36432 'other EM volume'      
EMDB 
;Cryo-EM structure of dengue virus serotype 3 strain 863DK in complex with human antibody DENV-290 Fab at 37 deg C (subparticle LLR-LRR)
;
EMD-36433 'other EM volume'      
EMDB 
;Cryo-EM structure of the big tail club shape particle of dengue virus serotype 3 strain CH53489 in complex with human antibody DENV-290 Fab at 37 deg C
;
EMD-36435 'other EM volume'      
EMDB 'Cryo-EM structure of dengue virus serotype 3 strain 863DK in complex with human antibody DENV-290 Fab at 4 deg C' EMD-36439 
'other EM volume'      
EMDB 'Cryo-EM structure of dengue virus serotype 3 strain 863DK in complex with human antibody DENV-290 Fab at 37 deg C' EMD-36440 
'other EM volume'      
EMDB 
;Cryo-EM structure of dengue virus serotype 3 strain CH53489 spherical particle in complex with human antibody DENV-290 Fab at 37 deg C
;
EMD-36441 'other EM volume'      
EMDB 
;Cryo-EM structure of the small tail club shape particle of dengue virus serotype 3 strain CH53489 in complex with human antibody DENV-290 Fab at 37 deg C
;
EMD-36434 'associated EM volume' 
# 
_pdbx_contact_author.id                 2 
_pdbx_contact_author.email              sheemei.lok@duke-nus.edu.sg 
_pdbx_contact_author.name_first         Shee-Mei 
_pdbx_contact_author.name_last          Lok 
_pdbx_contact_author.name_mi            ? 
_pdbx_contact_author.role               'principal investigator/group leader' 
_pdbx_contact_author.identifier_ORCID   0000-0003-4631-8041 
# 
loop_
_audit_author.name 
_audit_author.pdbx_ordinal 
_audit_author.identifier_ORCID 
'Fibriansah, G.' 1 0000-0002-9990-3335 
'Ng, T.S.'       2 0000-0002-1668-8976 
'Tan, A.W.K.'    3 0000-0002-4046-7380 
'Shi, J.'        4 0000-0003-3810-5302 
'Lok, S.M.'      5 0000-0003-4631-8041 
# 
_citation.abstract                  ? 
_citation.abstract_id_CAS           ? 
_citation.book_id_ISBN              ? 
_citation.book_publisher            ? 
_citation.book_publisher_city       ? 
_citation.book_title                ? 
_citation.coordinate_linkage        ? 
_citation.country                   UK 
_citation.database_id_Medline       ? 
_citation.details                   ? 
_citation.id                        primary 
_citation.journal_abbrev            'Nat Commun' 
_citation.journal_id_ASTM           ? 
_citation.journal_id_CSD            ? 
_citation.journal_id_ISSN           2041-1723 
_citation.journal_full              ? 
_citation.journal_issue             ? 
_citation.journal_volume            16 
_citation.language                  ? 
_citation.page_first                9182 
_citation.page_last                 9182 
_citation.title                     
'Ultrapotent human antibodies lock E protein dimers central region of diverse DENV3 morphological variants.' 
_citation.year                      2025 
_citation.database_id_CSD           ? 
_citation.pdbx_database_id_DOI      10.1038/s41467-025-64210-7 
_citation.pdbx_database_id_PubMed   41102151 
_citation.pdbx_database_id_patent   ? 
_citation.unpublished_flag          ? 
# 
loop_
_citation_author.citation_id 
_citation_author.name 
_citation_author.ordinal 
_citation_author.identifier_ORCID 
primary 'Fibriansah, G.'  1  0000-0002-9990-3335 
primary 'Ng, T.S.'        2  0000-0002-1668-8976 
primary 'Lim, X.N.'       3  0000-0001-8117-3613 
primary 'Shebanova, A.'   4  ?                   
primary 'Ng, L.C.'        5  0000-0003-2413-3863 
primary 'Tan, S.L.'       6  ?                   
primary 'Tan, A.W.K.'     7  0000-0002-4046-7380 
primary 'Shi, J.'         8  ?                   
primary 'Crowe Jr., J.E.' 9  0000-0002-0049-1079 
primary 'Lok, S.M.'       10 0000-0003-4631-8041 
# 
loop_
_entity.id 
_entity.type 
_entity.src_method 
_entity.pdbx_description 
_entity.formula_weight 
_entity.pdbx_number_of_molecules 
_entity.pdbx_ec 
_entity.pdbx_mutation 
_entity.pdbx_fragment 
_entity.details 
1 polymer man 'Polyprotein (Fragment)'              53730.660 2 ? ? ? ? 
2 polymer man 'Human antibody DENV-290 heavy chain' 13495.959 1 ? ? ? ? 
3 polymer man 'Human antibody DENV-290 light chain' 12381.966 1 ? ? ? ? 
# 
loop_
_entity_poly.entity_id 
_entity_poly.type 
_entity_poly.nstd_linkage 
_entity_poly.nstd_monomer 
_entity_poly.pdbx_seq_one_letter_code 
_entity_poly.pdbx_seq_one_letter_code_can 
_entity_poly.pdbx_strand_id 
_entity_poly.pdbx_target_identifier 
1 'polypeptide(L)' no no 
;MRCVGVGNRDFVEGLSGATWVDVVLEHGGCVTTMAKNKPTLDIELQKTEATQLATLRKLCIEGKITNITTDSRCPTQGEA
ILPEEQDQNYVCKHTYVDRGWGNGCGLFGKGSLVTCAKFQCLESIEGKVVQHENLKYTVIITVHTGDQHQVGNETQGVTA
EITPQASTVEAILPEYGTLGLECSPRTGLDFNEMILLTMKNKAWMVHRQWFFDLPLPWTSGATTETPTWNRKELLVTFKN
AHAKKQEVVVLGSQEGAMHTALTGATEIQNSGGTSIFAGHLKCRLKMDKLELKGMSYAMCLNTFVLKKEVSETQHGTILI
KVEYKGEDAPCKIPFSTEDGQGKAHNGRLITANPVVTKKEEPVNIEAEPPFGESNIVIGIGDKALKINWYKKGSSIGKMF
EATARGARRMAILGDTAWDFGSVGGVLNSLGKMVHQIFGSAYTALFSGVSWIMKIGIGVLLTWIGLNSKNTSMSFSCIAI
GIITLYLGAVVQA
;
;MRCVGVGNRDFVEGLSGATWVDVVLEHGGCVTTMAKNKPTLDIELQKTEATQLATLRKLCIEGKITNITTDSRCPTQGEA
ILPEEQDQNYVCKHTYVDRGWGNGCGLFGKGSLVTCAKFQCLESIEGKVVQHENLKYTVIITVHTGDQHQVGNETQGVTA
EITPQASTVEAILPEYGTLGLECSPRTGLDFNEMILLTMKNKAWMVHRQWFFDLPLPWTSGATTETPTWNRKELLVTFKN
AHAKKQEVVVLGSQEGAMHTALTGATEIQNSGGTSIFAGHLKCRLKMDKLELKGMSYAMCLNTFVLKKEVSETQHGTILI
KVEYKGEDAPCKIPFSTEDGQGKAHNGRLITANPVVTKKEEPVNIEAEPPFGESNIVIGIGDKALKINWYKKGSSIGKMF
EATARGARRMAILGDTAWDFGSVGGVLNSLGKMVHQIFGSAYTALFSGVSWIMKIGIGVLLTWIGLNSKNTSMSFSCIAI
GIITLYLGAVVQA
;
C,E ? 
2 'polypeptide(L)' no no 
;QVELVESGGDVVQPGKSLRLSCAASGFTFTNYAMHWLRQAPGKGLEWVAVISSDVNDKYYADSVKGRFTISRDNSKNTLY
LQMNSLTPEDTAVYYCAREQAVGTNPWAFDYWGQGTLVTVSS
;
;QVELVESGGDVVQPGKSLRLSCAASGFTFTNYAMHWLRQAPGKGLEWVAVISSDVNDKYYADSVKGRFTISRDNSKNTLY
LQMNSLTPEDTAVYYCAREQAVGTNPWAFDYWGQGTLVTVSS
;
H   ? 
3 'polypeptide(L)' no no 
;HIVMTQSPLSLSVTPGQPASISCKSSQISSWGSDGKTYLYWYLQKPGQSPQLLIYEVSSRFSGVSDRFSGSGSGTDFTLK
ISRVQAEDVGLYYCMQGLHLPLTFGQGTRLEIK
;
;HIVMTQSPLSLSVTPGQPASISCKSSQISSWGSDGKTYLYWYLQKPGQSPQLLIYEVSSRFSGVSDRFSGSGSGTDFTLK
ISRVQAEDVGLYYCMQGLHLPLTFGQGTRLEIK
;
L   ? 
# 
loop_
_entity_poly_seq.entity_id 
_entity_poly_seq.num 
_entity_poly_seq.mon_id 
_entity_poly_seq.hetero 
1 1   MET n 
1 2   ARG n 
1 3   CYS n 
1 4   VAL n 
1 5   GLY n 
1 6   VAL n 
1 7   GLY n 
1 8   ASN n 
1 9   ARG n 
1 10  ASP n 
1 11  PHE n 
1 12  VAL n 
1 13  GLU n 
1 14  GLY n 
1 15  LEU n 
1 16  SER n 
1 17  GLY n 
1 18  ALA n 
1 19  THR n 
1 20  TRP n 
1 21  VAL n 
1 22  ASP n 
1 23  VAL n 
1 24  VAL n 
1 25  LEU n 
1 26  GLU n 
1 27  HIS n 
1 28  GLY n 
1 29  GLY n 
1 30  CYS n 
1 31  VAL n 
1 32  THR n 
1 33  THR n 
1 34  MET n 
1 35  ALA n 
1 36  LYS n 
1 37  ASN n 
1 38  LYS n 
1 39  PRO n 
1 40  THR n 
1 41  LEU n 
1 42  ASP n 
1 43  ILE n 
1 44  GLU n 
1 45  LEU n 
1 46  GLN n 
1 47  LYS n 
1 48  THR n 
1 49  GLU n 
1 50  ALA n 
1 51  THR n 
1 52  GLN n 
1 53  LEU n 
1 54  ALA n 
1 55  THR n 
1 56  LEU n 
1 57  ARG n 
1 58  LYS n 
1 59  LEU n 
1 60  CYS n 
1 61  ILE n 
1 62  GLU n 
1 63  GLY n 
1 64  LYS n 
1 65  ILE n 
1 66  THR n 
1 67  ASN n 
1 68  ILE n 
1 69  THR n 
1 70  THR n 
1 71  ASP n 
1 72  SER n 
1 73  ARG n 
1 74  CYS n 
1 75  PRO n 
1 76  THR n 
1 77  GLN n 
1 78  GLY n 
1 79  GLU n 
1 80  ALA n 
1 81  ILE n 
1 82  LEU n 
1 83  PRO n 
1 84  GLU n 
1 85  GLU n 
1 86  GLN n 
1 87  ASP n 
1 88  GLN n 
1 89  ASN n 
1 90  TYR n 
1 91  VAL n 
1 92  CYS n 
1 93  LYS n 
1 94  HIS n 
1 95  THR n 
1 96  TYR n 
1 97  VAL n 
1 98  ASP n 
1 99  ARG n 
1 100 GLY n 
1 101 TRP n 
1 102 GLY n 
1 103 ASN n 
1 104 GLY n 
1 105 CYS n 
1 106 GLY n 
1 107 LEU n 
1 108 PHE n 
1 109 GLY n 
1 110 LYS n 
1 111 GLY n 
1 112 SER n 
1 113 LEU n 
1 114 VAL n 
1 115 THR n 
1 116 CYS n 
1 117 ALA n 
1 118 LYS n 
1 119 PHE n 
1 120 GLN n 
1 121 CYS n 
1 122 LEU n 
1 123 GLU n 
1 124 SER n 
1 125 ILE n 
1 126 GLU n 
1 127 GLY n 
1 128 LYS n 
1 129 VAL n 
1 130 VAL n 
1 131 GLN n 
1 132 HIS n 
1 133 GLU n 
1 134 ASN n 
1 135 LEU n 
1 136 LYS n 
1 137 TYR n 
1 138 THR n 
1 139 VAL n 
1 140 ILE n 
1 141 ILE n 
1 142 THR n 
1 143 VAL n 
1 144 HIS n 
1 145 THR n 
1 146 GLY n 
1 147 ASP n 
1 148 GLN n 
1 149 HIS n 
1 150 GLN n 
1 151 VAL n 
1 152 GLY n 
1 153 ASN n 
1 154 GLU n 
1 155 THR n 
1 156 GLN n 
1 157 GLY n 
1 158 VAL n 
1 159 THR n 
1 160 ALA n 
1 161 GLU n 
1 162 ILE n 
1 163 THR n 
1 164 PRO n 
1 165 GLN n 
1 166 ALA n 
1 167 SER n 
1 168 THR n 
1 169 VAL n 
1 170 GLU n 
1 171 ALA n 
1 172 ILE n 
1 173 LEU n 
1 174 PRO n 
1 175 GLU n 
1 176 TYR n 
1 177 GLY n 
1 178 THR n 
1 179 LEU n 
1 180 GLY n 
1 181 LEU n 
1 182 GLU n 
1 183 CYS n 
1 184 SER n 
1 185 PRO n 
1 186 ARG n 
1 187 THR n 
1 188 GLY n 
1 189 LEU n 
1 190 ASP n 
1 191 PHE n 
1 192 ASN n 
1 193 GLU n 
1 194 MET n 
1 195 ILE n 
1 196 LEU n 
1 197 LEU n 
1 198 THR n 
1 199 MET n 
1 200 LYS n 
1 201 ASN n 
1 202 LYS n 
1 203 ALA n 
1 204 TRP n 
1 205 MET n 
1 206 VAL n 
1 207 HIS n 
1 208 ARG n 
1 209 GLN n 
1 210 TRP n 
1 211 PHE n 
1 212 PHE n 
1 213 ASP n 
1 214 LEU n 
1 215 PRO n 
1 216 LEU n 
1 217 PRO n 
1 218 TRP n 
1 219 THR n 
1 220 SER n 
1 221 GLY n 
1 222 ALA n 
1 223 THR n 
1 224 THR n 
1 225 GLU n 
1 226 THR n 
1 227 PRO n 
1 228 THR n 
1 229 TRP n 
1 230 ASN n 
1 231 ARG n 
1 232 LYS n 
1 233 GLU n 
1 234 LEU n 
1 235 LEU n 
1 236 VAL n 
1 237 THR n 
1 238 PHE n 
1 239 LYS n 
1 240 ASN n 
1 241 ALA n 
1 242 HIS n 
1 243 ALA n 
1 244 LYS n 
1 245 LYS n 
1 246 GLN n 
1 247 GLU n 
1 248 VAL n 
1 249 VAL n 
1 250 VAL n 
1 251 LEU n 
1 252 GLY n 
1 253 SER n 
1 254 GLN n 
1 255 GLU n 
1 256 GLY n 
1 257 ALA n 
1 258 MET n 
1 259 HIS n 
1 260 THR n 
1 261 ALA n 
1 262 LEU n 
1 263 THR n 
1 264 GLY n 
1 265 ALA n 
1 266 THR n 
1 267 GLU n 
1 268 ILE n 
1 269 GLN n 
1 270 ASN n 
1 271 SER n 
1 272 GLY n 
1 273 GLY n 
1 274 THR n 
1 275 SER n 
1 276 ILE n 
1 277 PHE n 
1 278 ALA n 
1 279 GLY n 
1 280 HIS n 
1 281 LEU n 
1 282 LYS n 
1 283 CYS n 
1 284 ARG n 
1 285 LEU n 
1 286 LYS n 
1 287 MET n 
1 288 ASP n 
1 289 LYS n 
1 290 LEU n 
1 291 GLU n 
1 292 LEU n 
1 293 LYS n 
1 294 GLY n 
1 295 MET n 
1 296 SER n 
1 297 TYR n 
1 298 ALA n 
1 299 MET n 
1 300 CYS n 
1 301 LEU n 
1 302 ASN n 
1 303 THR n 
1 304 PHE n 
1 305 VAL n 
1 306 LEU n 
1 307 LYS n 
1 308 LYS n 
1 309 GLU n 
1 310 VAL n 
1 311 SER n 
1 312 GLU n 
1 313 THR n 
1 314 GLN n 
1 315 HIS n 
1 316 GLY n 
1 317 THR n 
1 318 ILE n 
1 319 LEU n 
1 320 ILE n 
1 321 LYS n 
1 322 VAL n 
1 323 GLU n 
1 324 TYR n 
1 325 LYS n 
1 326 GLY n 
1 327 GLU n 
1 328 ASP n 
1 329 ALA n 
1 330 PRO n 
1 331 CYS n 
1 332 LYS n 
1 333 ILE n 
1 334 PRO n 
1 335 PHE n 
1 336 SER n 
1 337 THR n 
1 338 GLU n 
1 339 ASP n 
1 340 GLY n 
1 341 GLN n 
1 342 GLY n 
1 343 LYS n 
1 344 ALA n 
1 345 HIS n 
1 346 ASN n 
1 347 GLY n 
1 348 ARG n 
1 349 LEU n 
1 350 ILE n 
1 351 THR n 
1 352 ALA n 
1 353 ASN n 
1 354 PRO n 
1 355 VAL n 
1 356 VAL n 
1 357 THR n 
1 358 LYS n 
1 359 LYS n 
1 360 GLU n 
1 361 GLU n 
1 362 PRO n 
1 363 VAL n 
1 364 ASN n 
1 365 ILE n 
1 366 GLU n 
1 367 ALA n 
1 368 GLU n 
1 369 PRO n 
1 370 PRO n 
1 371 PHE n 
1 372 GLY n 
1 373 GLU n 
1 374 SER n 
1 375 ASN n 
1 376 ILE n 
1 377 VAL n 
1 378 ILE n 
1 379 GLY n 
1 380 ILE n 
1 381 GLY n 
1 382 ASP n 
1 383 LYS n 
1 384 ALA n 
1 385 LEU n 
1 386 LYS n 
1 387 ILE n 
1 388 ASN n 
1 389 TRP n 
1 390 TYR n 
1 391 LYS n 
1 392 LYS n 
1 393 GLY n 
1 394 SER n 
1 395 SER n 
1 396 ILE n 
1 397 GLY n 
1 398 LYS n 
1 399 MET n 
1 400 PHE n 
1 401 GLU n 
1 402 ALA n 
1 403 THR n 
1 404 ALA n 
1 405 ARG n 
1 406 GLY n 
1 407 ALA n 
1 408 ARG n 
1 409 ARG n 
1 410 MET n 
1 411 ALA n 
1 412 ILE n 
1 413 LEU n 
1 414 GLY n 
1 415 ASP n 
1 416 THR n 
1 417 ALA n 
1 418 TRP n 
1 419 ASP n 
1 420 PHE n 
1 421 GLY n 
1 422 SER n 
1 423 VAL n 
1 424 GLY n 
1 425 GLY n 
1 426 VAL n 
1 427 LEU n 
1 428 ASN n 
1 429 SER n 
1 430 LEU n 
1 431 GLY n 
1 432 LYS n 
1 433 MET n 
1 434 VAL n 
1 435 HIS n 
1 436 GLN n 
1 437 ILE n 
1 438 PHE n 
1 439 GLY n 
1 440 SER n 
1 441 ALA n 
1 442 TYR n 
1 443 THR n 
1 444 ALA n 
1 445 LEU n 
1 446 PHE n 
1 447 SER n 
1 448 GLY n 
1 449 VAL n 
1 450 SER n 
1 451 TRP n 
1 452 ILE n 
1 453 MET n 
1 454 LYS n 
1 455 ILE n 
1 456 GLY n 
1 457 ILE n 
1 458 GLY n 
1 459 VAL n 
1 460 LEU n 
1 461 LEU n 
1 462 THR n 
1 463 TRP n 
1 464 ILE n 
1 465 GLY n 
1 466 LEU n 
1 467 ASN n 
1 468 SER n 
1 469 LYS n 
1 470 ASN n 
1 471 THR n 
1 472 SER n 
1 473 MET n 
1 474 SER n 
1 475 PHE n 
1 476 SER n 
1 477 CYS n 
1 478 ILE n 
1 479 ALA n 
1 480 ILE n 
1 481 GLY n 
1 482 ILE n 
1 483 ILE n 
1 484 THR n 
1 485 LEU n 
1 486 TYR n 
1 487 LEU n 
1 488 GLY n 
1 489 ALA n 
1 490 VAL n 
1 491 VAL n 
1 492 GLN n 
1 493 ALA n 
2 1   GLN n 
2 2   VAL n 
2 3   GLU n 
2 4   LEU n 
2 5   VAL n 
2 6   GLU n 
2 7   SER n 
2 8   GLY n 
2 9   GLY n 
2 10  ASP n 
2 11  VAL n 
2 12  VAL n 
2 13  GLN n 
2 14  PRO n 
2 15  GLY n 
2 16  LYS n 
2 17  SER n 
2 18  LEU n 
2 19  ARG n 
2 20  LEU n 
2 21  SER n 
2 22  CYS n 
2 23  ALA n 
2 24  ALA n 
2 25  SER n 
2 26  GLY n 
2 27  PHE n 
2 28  THR n 
2 29  PHE n 
2 30  THR n 
2 31  ASN n 
2 32  TYR n 
2 33  ALA n 
2 34  MET n 
2 35  HIS n 
2 36  TRP n 
2 37  LEU n 
2 38  ARG n 
2 39  GLN n 
2 40  ALA n 
2 41  PRO n 
2 42  GLY n 
2 43  LYS n 
2 44  GLY n 
2 45  LEU n 
2 46  GLU n 
2 47  TRP n 
2 48  VAL n 
2 49  ALA n 
2 50  VAL n 
2 51  ILE n 
2 52  SER n 
2 53  SER n 
2 54  ASP n 
2 55  VAL n 
2 56  ASN n 
2 57  ASP n 
2 58  LYS n 
2 59  TYR n 
2 60  TYR n 
2 61  ALA n 
2 62  ASP n 
2 63  SER n 
2 64  VAL n 
2 65  LYS n 
2 66  GLY n 
2 67  ARG n 
2 68  PHE n 
2 69  THR n 
2 70  ILE n 
2 71  SER n 
2 72  ARG n 
2 73  ASP n 
2 74  ASN n 
2 75  SER n 
2 76  LYS n 
2 77  ASN n 
2 78  THR n 
2 79  LEU n 
2 80  TYR n 
2 81  LEU n 
2 82  GLN n 
2 83  MET n 
2 84  ASN n 
2 85  SER n 
2 86  LEU n 
2 87  THR n 
2 88  PRO n 
2 89  GLU n 
2 90  ASP n 
2 91  THR n 
2 92  ALA n 
2 93  VAL n 
2 94  TYR n 
2 95  TYR n 
2 96  CYS n 
2 97  ALA n 
2 98  ARG n 
2 99  GLU n 
2 100 GLN n 
2 101 ALA n 
2 102 VAL n 
2 103 GLY n 
2 104 THR n 
2 105 ASN n 
2 106 PRO n 
2 107 TRP n 
2 108 ALA n 
2 109 PHE n 
2 110 ASP n 
2 111 TYR n 
2 112 TRP n 
2 113 GLY n 
2 114 GLN n 
2 115 GLY n 
2 116 THR n 
2 117 LEU n 
2 118 VAL n 
2 119 THR n 
2 120 VAL n 
2 121 SER n 
2 122 SER n 
3 1   HIS n 
3 2   ILE n 
3 3   VAL n 
3 4   MET n 
3 5   THR n 
3 6   GLN n 
3 7   SER n 
3 8   PRO n 
3 9   LEU n 
3 10  SER n 
3 11  LEU n 
3 12  SER n 
3 13  VAL n 
3 14  THR n 
3 15  PRO n 
3 16  GLY n 
3 17  GLN n 
3 18  PRO n 
3 19  ALA n 
3 20  SER n 
3 21  ILE n 
3 22  SER n 
3 23  CYS n 
3 24  LYS n 
3 25  SER n 
3 26  SER n 
3 27  GLN n 
3 28  ILE n 
3 29  SER n 
3 30  SER n 
3 31  TRP n 
3 32  GLY n 
3 33  SER n 
3 34  ASP n 
3 35  GLY n 
3 36  LYS n 
3 37  THR n 
3 38  TYR n 
3 39  LEU n 
3 40  TYR n 
3 41  TRP n 
3 42  TYR n 
3 43  LEU n 
3 44  GLN n 
3 45  LYS n 
3 46  PRO n 
3 47  GLY n 
3 48  GLN n 
3 49  SER n 
3 50  PRO n 
3 51  GLN n 
3 52  LEU n 
3 53  LEU n 
3 54  ILE n 
3 55  TYR n 
3 56  GLU n 
3 57  VAL n 
3 58  SER n 
3 59  SER n 
3 60  ARG n 
3 61  PHE n 
3 62  SER n 
3 63  GLY n 
3 64  VAL n 
3 65  SER n 
3 66  ASP n 
3 67  ARG n 
3 68  PHE n 
3 69  SER n 
3 70  GLY n 
3 71  SER n 
3 72  GLY n 
3 73  SER n 
3 74  GLY n 
3 75  THR n 
3 76  ASP n 
3 77  PHE n 
3 78  THR n 
3 79  LEU n 
3 80  LYS n 
3 81  ILE n 
3 82  SER n 
3 83  ARG n 
3 84  VAL n 
3 85  GLN n 
3 86  ALA n 
3 87  GLU n 
3 88  ASP n 
3 89  VAL n 
3 90  GLY n 
3 91  LEU n 
3 92  TYR n 
3 93  TYR n 
3 94  CYS n 
3 95  MET n 
3 96  GLN n 
3 97  GLY n 
3 98  LEU n 
3 99  HIS n 
3 100 LEU n 
3 101 PRO n 
3 102 LEU n 
3 103 THR n 
3 104 PHE n 
3 105 GLY n 
3 106 GLN n 
3 107 GLY n 
3 108 THR n 
3 109 ARG n 
3 110 LEU n 
3 111 GLU n 
3 112 ILE n 
3 113 LYS n 
# 
loop_
_entity_src_gen.entity_id 
_entity_src_gen.pdbx_src_id 
_entity_src_gen.pdbx_alt_source_flag 
_entity_src_gen.pdbx_seq_type 
_entity_src_gen.pdbx_beg_seq_num 
_entity_src_gen.pdbx_end_seq_num 
_entity_src_gen.gene_src_common_name 
_entity_src_gen.gene_src_genus 
_entity_src_gen.pdbx_gene_src_gene 
_entity_src_gen.gene_src_species 
_entity_src_gen.gene_src_strain 
_entity_src_gen.gene_src_tissue 
_entity_src_gen.gene_src_tissue_fraction 
_entity_src_gen.gene_src_details 
_entity_src_gen.pdbx_gene_src_fragment 
_entity_src_gen.pdbx_gene_src_scientific_name 
_entity_src_gen.pdbx_gene_src_ncbi_taxonomy_id 
_entity_src_gen.pdbx_gene_src_variant 
_entity_src_gen.pdbx_gene_src_cell_line 
_entity_src_gen.pdbx_gene_src_atcc 
_entity_src_gen.pdbx_gene_src_organ 
_entity_src_gen.pdbx_gene_src_organelle 
_entity_src_gen.pdbx_gene_src_cell 
_entity_src_gen.pdbx_gene_src_cellular_location 
_entity_src_gen.host_org_common_name 
_entity_src_gen.pdbx_host_org_scientific_name 
_entity_src_gen.pdbx_host_org_ncbi_taxonomy_id 
_entity_src_gen.host_org_genus 
_entity_src_gen.pdbx_host_org_gene 
_entity_src_gen.pdbx_host_org_organ 
_entity_src_gen.host_org_species 
_entity_src_gen.pdbx_host_org_tissue 
_entity_src_gen.pdbx_host_org_tissue_fraction 
_entity_src_gen.pdbx_host_org_strain 
_entity_src_gen.pdbx_host_org_variant 
_entity_src_gen.pdbx_host_org_cell_line 
_entity_src_gen.pdbx_host_org_atcc 
_entity_src_gen.pdbx_host_org_culture_collection 
_entity_src_gen.pdbx_host_org_cell 
_entity_src_gen.pdbx_host_org_organelle 
_entity_src_gen.pdbx_host_org_cellular_location 
_entity_src_gen.pdbx_host_org_vector_type 
_entity_src_gen.pdbx_host_org_vector 
_entity_src_gen.host_org_details 
_entity_src_gen.expression_system_id 
_entity_src_gen.plasmid_name 
_entity_src_gen.plasmid_details 
_entity_src_gen.pdbx_description 
1 1 sample 'Biological sequence' 1 493 ? ? ? ? ? ? ? ? ? 'Dengue virus type 3' 11069 ? ? ? ? ? ? ? 'Asian tiger mosquito' 
'Aedes albopictus' 7160 ? ? ? ? ? ? ? ? ?        ? ? ?        ? ? ? ? ? ? ? ? ? 
2 1 sample 'Biological sequence' 1 122 ? ? ? ? ? ? ? ? ? 'Homo sapiens'        9606  ? ? ? ? ? ? ? ?                      
'Homo sapiens'     9606 ? ? ? ? ? ? ? ? EXPI293F ? ? EXPI293F ? ? ? ? ? ? ? ? ? 
3 1 sample 'Biological sequence' 1 113 ? ? ? ? ? ? ? ? ? 'Homo sapiens'        9606  ? ? ? ? ? ? ? ?                      
'Homo sapiens'     9606 ? ? ? ? ? ? ? ? EXPI293F ? ? EXPI293F ? ? ? ? ? ? ? ? ? 
# 
loop_
_chem_comp.id 
_chem_comp.type 
_chem_comp.mon_nstd_flag 
_chem_comp.name 
_chem_comp.pdbx_synonyms 
_chem_comp.formula 
_chem_comp.formula_weight 
ALA 'L-peptide linking' y ALANINE         ? 'C3 H7 N O2'     89.093  
ARG 'L-peptide linking' y ARGININE        ? 'C6 H15 N4 O2 1' 175.209 
ASN 'L-peptide linking' y ASPARAGINE      ? 'C4 H8 N2 O3'    132.118 
ASP 'L-peptide linking' y 'ASPARTIC ACID' ? 'C4 H7 N O4'     133.103 
CYS 'L-peptide linking' y CYSTEINE        ? 'C3 H7 N O2 S'   121.158 
GLN 'L-peptide linking' y GLUTAMINE       ? 'C5 H10 N2 O3'   146.144 
GLU 'L-peptide linking' y 'GLUTAMIC ACID' ? 'C5 H9 N O4'     147.129 
GLY 'peptide linking'   y GLYCINE         ? 'C2 H5 N O2'     75.067  
HIS 'L-peptide linking' y HISTIDINE       ? 'C6 H10 N3 O2 1' 156.162 
ILE 'L-peptide linking' y ISOLEUCINE      ? 'C6 H13 N O2'    131.173 
LEU 'L-peptide linking' y LEUCINE         ? 'C6 H13 N O2'    131.173 
LYS 'L-peptide linking' y LYSINE          ? 'C6 H15 N2 O2 1' 147.195 
MET 'L-peptide linking' y METHIONINE      ? 'C5 H11 N O2 S'  149.211 
PHE 'L-peptide linking' y PHENYLALANINE   ? 'C9 H11 N O2'    165.189 
PRO 'L-peptide linking' y PROLINE         ? 'C5 H9 N O2'     115.130 
SER 'L-peptide linking' y SERINE          ? 'C3 H7 N O3'     105.093 
THR 'L-peptide linking' y THREONINE       ? 'C4 H9 N O3'     119.119 
TRP 'L-peptide linking' y TRYPTOPHAN      ? 'C11 H12 N2 O2'  204.225 
TYR 'L-peptide linking' y TYROSINE        ? 'C9 H11 N O3'    181.189 
VAL 'L-peptide linking' y VALINE          ? 'C5 H11 N O2'    117.146 
# 
loop_
_pdbx_poly_seq_scheme.asym_id 
_pdbx_poly_seq_scheme.entity_id 
_pdbx_poly_seq_scheme.seq_id 
_pdbx_poly_seq_scheme.mon_id 
_pdbx_poly_seq_scheme.ndb_seq_num 
_pdbx_poly_seq_scheme.pdb_seq_num 
_pdbx_poly_seq_scheme.auth_seq_num 
_pdbx_poly_seq_scheme.pdb_mon_id 
_pdbx_poly_seq_scheme.auth_mon_id 
_pdbx_poly_seq_scheme.pdb_strand_id 
_pdbx_poly_seq_scheme.pdb_ins_code 
_pdbx_poly_seq_scheme.hetero 
A 1 1   MET 1   1   1   MET MET C . n 
A 1 2   ARG 2   2   2   ARG ARG C . n 
A 1 3   CYS 3   3   3   CYS CYS C . n 
A 1 4   VAL 4   4   4   VAL VAL C . n 
A 1 5   GLY 5   5   5   GLY GLY C . n 
A 1 6   VAL 6   6   6   VAL VAL C . n 
A 1 7   GLY 7   7   7   GLY GLY C . n 
A 1 8   ASN 8   8   8   ASN ASN C . n 
A 1 9   ARG 9   9   9   ARG ARG C . n 
A 1 10  ASP 10  10  10  ASP ASP C . n 
A 1 11  PHE 11  11  11  PHE PHE C . n 
A 1 12  VAL 12  12  12  VAL VAL C . n 
A 1 13  GLU 13  13  13  GLU GLU C . n 
A 1 14  GLY 14  14  14  GLY GLY C . n 
A 1 15  LEU 15  15  15  LEU LEU C . n 
A 1 16  SER 16  16  16  SER SER C . n 
A 1 17  GLY 17  17  17  GLY GLY C . n 
A 1 18  ALA 18  18  18  ALA ALA C . n 
A 1 19  THR 19  19  19  THR THR C . n 
A 1 20  TRP 20  20  20  TRP TRP C . n 
A 1 21  VAL 21  21  21  VAL VAL C . n 
A 1 22  ASP 22  22  22  ASP ASP C . n 
A 1 23  VAL 23  23  23  VAL VAL C . n 
A 1 24  VAL 24  24  24  VAL VAL C . n 
A 1 25  LEU 25  25  25  LEU LEU C . n 
A 1 26  GLU 26  26  26  GLU GLU C . n 
A 1 27  HIS 27  27  27  HIS HIS C . n 
A 1 28  GLY 28  28  28  GLY GLY C . n 
A 1 29  GLY 29  29  29  GLY GLY C . n 
A 1 30  CYS 30  30  30  CYS CYS C . n 
A 1 31  VAL 31  31  31  VAL VAL C . n 
A 1 32  THR 32  32  32  THR THR C . n 
A 1 33  THR 33  33  33  THR THR C . n 
A 1 34  MET 34  34  34  MET MET C . n 
A 1 35  ALA 35  35  35  ALA ALA C . n 
A 1 36  LYS 36  36  36  LYS LYS C . n 
A 1 37  ASN 37  37  37  ASN ASN C . n 
A 1 38  LYS 38  38  38  LYS LYS C . n 
A 1 39  PRO 39  39  39  PRO PRO C . n 
A 1 40  THR 40  40  40  THR THR C . n 
A 1 41  LEU 41  41  41  LEU LEU C . n 
A 1 42  ASP 42  42  42  ASP ASP C . n 
A 1 43  ILE 43  43  43  ILE ILE C . n 
A 1 44  GLU 44  44  44  GLU GLU C . n 
A 1 45  LEU 45  45  45  LEU LEU C . n 
A 1 46  GLN 46  46  46  GLN GLN C . n 
A 1 47  LYS 47  47  47  LYS LYS C . n 
A 1 48  THR 48  48  48  THR THR C . n 
A 1 49  GLU 49  49  49  GLU GLU C . n 
A 1 50  ALA 50  50  50  ALA ALA C . n 
A 1 51  THR 51  51  51  THR THR C . n 
A 1 52  GLN 52  52  52  GLN GLN C . n 
A 1 53  LEU 53  53  53  LEU LEU C . n 
A 1 54  ALA 54  54  54  ALA ALA C . n 
A 1 55  THR 55  55  55  THR THR C . n 
A 1 56  LEU 56  56  56  LEU LEU C . n 
A 1 57  ARG 57  57  57  ARG ARG C . n 
A 1 58  LYS 58  58  58  LYS LYS C . n 
A 1 59  LEU 59  59  59  LEU LEU C . n 
A 1 60  CYS 60  60  60  CYS CYS C . n 
A 1 61  ILE 61  61  61  ILE ILE C . n 
A 1 62  GLU 62  62  62  GLU GLU C . n 
A 1 63  GLY 63  63  63  GLY GLY C . n 
A 1 64  LYS 64  64  64  LYS LYS C . n 
A 1 65  ILE 65  65  65  ILE ILE C . n 
A 1 66  THR 66  66  66  THR THR C . n 
A 1 67  ASN 67  67  67  ASN ASN C . n 
A 1 68  ILE 68  68  68  ILE ILE C . n 
A 1 69  THR 69  69  69  THR THR C . n 
A 1 70  THR 70  70  70  THR THR C . n 
A 1 71  ASP 71  71  71  ASP ASP C . n 
A 1 72  SER 72  72  72  SER SER C . n 
A 1 73  ARG 73  73  73  ARG ARG C . n 
A 1 74  CYS 74  74  74  CYS CYS C . n 
A 1 75  PRO 75  75  75  PRO PRO C . n 
A 1 76  THR 76  76  76  THR THR C . n 
A 1 77  GLN 77  77  77  GLN GLN C . n 
A 1 78  GLY 78  78  78  GLY GLY C . n 
A 1 79  GLU 79  79  79  GLU GLU C . n 
A 1 80  ALA 80  80  80  ALA ALA C . n 
A 1 81  ILE 81  81  81  ILE ILE C . n 
A 1 82  LEU 82  82  82  LEU LEU C . n 
A 1 83  PRO 83  83  83  PRO PRO C . n 
A 1 84  GLU 84  84  84  GLU GLU C . n 
A 1 85  GLU 85  85  85  GLU GLU C . n 
A 1 86  GLN 86  86  86  GLN GLN C . n 
A 1 87  ASP 87  87  87  ASP ASP C . n 
A 1 88  GLN 88  88  88  GLN GLN C . n 
A 1 89  ASN 89  89  89  ASN ASN C . n 
A 1 90  TYR 90  90  90  TYR TYR C . n 
A 1 91  VAL 91  91  91  VAL VAL C . n 
A 1 92  CYS 92  92  92  CYS CYS C . n 
A 1 93  LYS 93  93  93  LYS LYS C . n 
A 1 94  HIS 94  94  94  HIS HIS C . n 
A 1 95  THR 95  95  95  THR THR C . n 
A 1 96  TYR 96  96  96  TYR TYR C . n 
A 1 97  VAL 97  97  97  VAL VAL C . n 
A 1 98  ASP 98  98  98  ASP ASP C . n 
A 1 99  ARG 99  99  99  ARG ARG C . n 
A 1 100 GLY 100 100 100 GLY GLY C . n 
A 1 101 TRP 101 101 101 TRP TRP C . n 
A 1 102 GLY 102 102 102 GLY GLY C . n 
A 1 103 ASN 103 103 103 ASN ASN C . n 
A 1 104 GLY 104 104 104 GLY GLY C . n 
A 1 105 CYS 105 105 105 CYS CYS C . n 
A 1 106 GLY 106 106 106 GLY GLY C . n 
A 1 107 LEU 107 107 107 LEU LEU C . n 
A 1 108 PHE 108 108 108 PHE PHE C . n 
A 1 109 GLY 109 109 109 GLY GLY C . n 
A 1 110 LYS 110 110 110 LYS LYS C . n 
A 1 111 GLY 111 111 111 GLY GLY C . n 
A 1 112 SER 112 112 112 SER SER C . n 
A 1 113 LEU 113 113 113 LEU LEU C . n 
A 1 114 VAL 114 114 114 VAL VAL C . n 
A 1 115 THR 115 115 115 THR THR C . n 
A 1 116 CYS 116 116 116 CYS CYS C . n 
A 1 117 ALA 117 117 117 ALA ALA C . n 
A 1 118 LYS 118 118 118 LYS LYS C . n 
A 1 119 PHE 119 119 119 PHE PHE C . n 
A 1 120 GLN 120 120 120 GLN GLN C . n 
A 1 121 CYS 121 121 121 CYS CYS C . n 
A 1 122 LEU 122 122 122 LEU LEU C . n 
A 1 123 GLU 123 123 123 GLU GLU C . n 
A 1 124 SER 124 124 124 SER SER C . n 
A 1 125 ILE 125 125 125 ILE ILE C . n 
A 1 126 GLU 126 126 126 GLU GLU C . n 
A 1 127 GLY 127 127 127 GLY GLY C . n 
A 1 128 LYS 128 128 128 LYS LYS C . n 
A 1 129 VAL 129 129 129 VAL VAL C . n 
A 1 130 VAL 130 130 130 VAL VAL C . n 
A 1 131 GLN 131 131 131 GLN GLN C . n 
A 1 132 HIS 132 132 132 HIS HIS C . n 
A 1 133 GLU 133 133 133 GLU GLU C . n 
A 1 134 ASN 134 134 134 ASN ASN C . n 
A 1 135 LEU 135 135 135 LEU LEU C . n 
A 1 136 LYS 136 136 136 LYS LYS C . n 
A 1 137 TYR 137 137 137 TYR TYR C . n 
A 1 138 THR 138 138 138 THR THR C . n 
A 1 139 VAL 139 139 139 VAL VAL C . n 
A 1 140 ILE 140 140 140 ILE ILE C . n 
A 1 141 ILE 141 141 141 ILE ILE C . n 
A 1 142 THR 142 142 142 THR THR C . n 
A 1 143 VAL 143 143 143 VAL VAL C . n 
A 1 144 HIS 144 144 144 HIS HIS C . n 
A 1 145 THR 145 145 145 THR THR C . n 
A 1 146 GLY 146 146 146 GLY GLY C . n 
A 1 147 ASP 147 147 147 ASP ASP C . n 
A 1 148 GLN 148 148 148 GLN GLN C . n 
A 1 149 HIS 149 149 149 HIS HIS C . n 
A 1 150 GLN 150 150 150 GLN GLN C . n 
A 1 151 VAL 151 151 151 VAL VAL C . n 
A 1 152 GLY 152 152 152 GLY GLY C . n 
A 1 153 ASN 153 153 153 ASN ASN C . n 
A 1 154 GLU 154 154 154 GLU GLU C . n 
A 1 155 THR 155 155 155 THR THR C . n 
A 1 156 GLN 156 156 156 GLN GLN C . n 
A 1 157 GLY 157 157 157 GLY GLY C . n 
A 1 158 VAL 158 158 158 VAL VAL C . n 
A 1 159 THR 159 159 159 THR THR C . n 
A 1 160 ALA 160 160 160 ALA ALA C . n 
A 1 161 GLU 161 161 161 GLU GLU C . n 
A 1 162 ILE 162 162 162 ILE ILE C . n 
A 1 163 THR 163 163 163 THR THR C . n 
A 1 164 PRO 164 164 164 PRO PRO C . n 
A 1 165 GLN 165 165 165 GLN GLN C . n 
A 1 166 ALA 166 166 166 ALA ALA C . n 
A 1 167 SER 167 167 167 SER SER C . n 
A 1 168 THR 168 168 168 THR THR C . n 
A 1 169 VAL 169 169 169 VAL VAL C . n 
A 1 170 GLU 170 170 170 GLU GLU C . n 
A 1 171 ALA 171 171 171 ALA ALA C . n 
A 1 172 ILE 172 172 172 ILE ILE C . n 
A 1 173 LEU 173 173 173 LEU LEU C . n 
A 1 174 PRO 174 174 174 PRO PRO C . n 
A 1 175 GLU 175 175 175 GLU GLU C . n 
A 1 176 TYR 176 176 176 TYR TYR C . n 
A 1 177 GLY 177 177 177 GLY GLY C . n 
A 1 178 THR 178 178 178 THR THR C . n 
A 1 179 LEU 179 179 179 LEU LEU C . n 
A 1 180 GLY 180 180 180 GLY GLY C . n 
A 1 181 LEU 181 181 181 LEU LEU C . n 
A 1 182 GLU 182 182 182 GLU GLU C . n 
A 1 183 CYS 183 183 183 CYS CYS C . n 
A 1 184 SER 184 184 184 SER SER C . n 
A 1 185 PRO 185 185 185 PRO PRO C . n 
A 1 186 ARG 186 186 186 ARG ARG C . n 
A 1 187 THR 187 187 187 THR THR C . n 
A 1 188 GLY 188 188 188 GLY GLY C . n 
A 1 189 LEU 189 189 189 LEU LEU C . n 
A 1 190 ASP 190 190 190 ASP ASP C . n 
A 1 191 PHE 191 191 191 PHE PHE C . n 
A 1 192 ASN 192 192 192 ASN ASN C . n 
A 1 193 GLU 193 193 193 GLU GLU C . n 
A 1 194 MET 194 194 194 MET MET C . n 
A 1 195 ILE 195 195 195 ILE ILE C . n 
A 1 196 LEU 196 196 196 LEU LEU C . n 
A 1 197 LEU 197 197 197 LEU LEU C . n 
A 1 198 THR 198 198 198 THR THR C . n 
A 1 199 MET 199 199 199 MET MET C . n 
A 1 200 LYS 200 200 200 LYS LYS C . n 
A 1 201 ASN 201 201 201 ASN ASN C . n 
A 1 202 LYS 202 202 202 LYS LYS C . n 
A 1 203 ALA 203 203 203 ALA ALA C . n 
A 1 204 TRP 204 204 204 TRP TRP C . n 
A 1 205 MET 205 205 205 MET MET C . n 
A 1 206 VAL 206 206 206 VAL VAL C . n 
A 1 207 HIS 207 207 207 HIS HIS C . n 
A 1 208 ARG 208 208 208 ARG ARG C . n 
A 1 209 GLN 209 209 209 GLN GLN C . n 
A 1 210 TRP 210 210 210 TRP TRP C . n 
A 1 211 PHE 211 211 211 PHE PHE C . n 
A 1 212 PHE 212 212 212 PHE PHE C . n 
A 1 213 ASP 213 213 213 ASP ASP C . n 
A 1 214 LEU 214 214 214 LEU LEU C . n 
A 1 215 PRO 215 215 215 PRO PRO C . n 
A 1 216 LEU 216 216 216 LEU LEU C . n 
A 1 217 PRO 217 217 217 PRO PRO C . n 
A 1 218 TRP 218 218 218 TRP TRP C . n 
A 1 219 THR 219 219 219 THR THR C . n 
A 1 220 SER 220 220 220 SER SER C . n 
A 1 221 GLY 221 221 221 GLY GLY C . n 
A 1 222 ALA 222 222 222 ALA ALA C . n 
A 1 223 THR 223 223 223 THR THR C . n 
A 1 224 THR 224 224 224 THR THR C . n 
A 1 225 GLU 225 225 225 GLU GLU C . n 
A 1 226 THR 226 226 226 THR THR C . n 
A 1 227 PRO 227 227 227 PRO PRO C . n 
A 1 228 THR 228 228 228 THR THR C . n 
A 1 229 TRP 229 229 229 TRP TRP C . n 
A 1 230 ASN 230 230 230 ASN ASN C . n 
A 1 231 ARG 231 231 231 ARG ARG C . n 
A 1 232 LYS 232 232 232 LYS LYS C . n 
A 1 233 GLU 233 233 233 GLU GLU C . n 
A 1 234 LEU 234 234 234 LEU LEU C . n 
A 1 235 LEU 235 235 235 LEU LEU C . n 
A 1 236 VAL 236 236 236 VAL VAL C . n 
A 1 237 THR 237 237 237 THR THR C . n 
A 1 238 PHE 238 238 238 PHE PHE C . n 
A 1 239 LYS 239 239 239 LYS LYS C . n 
A 1 240 ASN 240 240 240 ASN ASN C . n 
A 1 241 ALA 241 241 241 ALA ALA C . n 
A 1 242 HIS 242 242 242 HIS HIS C . n 
A 1 243 ALA 243 243 243 ALA ALA C . n 
A 1 244 LYS 244 244 244 LYS LYS C . n 
A 1 245 LYS 245 245 245 LYS LYS C . n 
A 1 246 GLN 246 246 246 GLN GLN C . n 
A 1 247 GLU 247 247 247 GLU GLU C . n 
A 1 248 VAL 248 248 248 VAL VAL C . n 
A 1 249 VAL 249 249 249 VAL VAL C . n 
A 1 250 VAL 250 250 250 VAL VAL C . n 
A 1 251 LEU 251 251 251 LEU LEU C . n 
A 1 252 GLY 252 252 252 GLY GLY C . n 
A 1 253 SER 253 253 253 SER SER C . n 
A 1 254 GLN 254 254 254 GLN GLN C . n 
A 1 255 GLU 255 255 255 GLU GLU C . n 
A 1 256 GLY 256 256 256 GLY GLY C . n 
A 1 257 ALA 257 257 257 ALA ALA C . n 
A 1 258 MET 258 258 258 MET MET C . n 
A 1 259 HIS 259 259 259 HIS HIS C . n 
A 1 260 THR 260 260 260 THR THR C . n 
A 1 261 ALA 261 261 261 ALA ALA C . n 
A 1 262 LEU 262 262 262 LEU LEU C . n 
A 1 263 THR 263 263 263 THR THR C . n 
A 1 264 GLY 264 264 264 GLY GLY C . n 
A 1 265 ALA 265 265 265 ALA ALA C . n 
A 1 266 THR 266 266 266 THR THR C . n 
A 1 267 GLU 267 267 267 GLU GLU C . n 
A 1 268 ILE 268 268 268 ILE ILE C . n 
A 1 269 GLN 269 269 269 GLN GLN C . n 
A 1 270 ASN 270 270 270 ASN ASN C . n 
A 1 271 SER 271 271 271 SER SER C . n 
A 1 272 GLY 272 272 272 GLY GLY C . n 
A 1 273 GLY 273 273 273 GLY GLY C . n 
A 1 274 THR 274 274 274 THR THR C . n 
A 1 275 SER 275 275 275 SER SER C . n 
A 1 276 ILE 276 276 276 ILE ILE C . n 
A 1 277 PHE 277 277 277 PHE PHE C . n 
A 1 278 ALA 278 278 278 ALA ALA C . n 
A 1 279 GLY 279 279 279 GLY GLY C . n 
A 1 280 HIS 280 280 280 HIS HIS C . n 
A 1 281 LEU 281 281 281 LEU LEU C . n 
A 1 282 LYS 282 282 282 LYS LYS C . n 
A 1 283 CYS 283 283 283 CYS CYS C . n 
A 1 284 ARG 284 284 284 ARG ARG C . n 
A 1 285 LEU 285 285 285 LEU LEU C . n 
A 1 286 LYS 286 286 286 LYS LYS C . n 
A 1 287 MET 287 287 287 MET MET C . n 
A 1 288 ASP 288 288 288 ASP ASP C . n 
A 1 289 LYS 289 289 289 LYS LYS C . n 
A 1 290 LEU 290 290 290 LEU LEU C . n 
A 1 291 GLU 291 291 291 GLU GLU C . n 
A 1 292 LEU 292 292 292 LEU LEU C . n 
A 1 293 LYS 293 293 293 LYS LYS C . n 
A 1 294 GLY 294 294 294 GLY GLY C . n 
A 1 295 MET 295 295 295 MET MET C . n 
A 1 296 SER 296 296 296 SER SER C . n 
A 1 297 TYR 297 297 297 TYR TYR C . n 
A 1 298 ALA 298 298 298 ALA ALA C . n 
A 1 299 MET 299 299 299 MET MET C . n 
A 1 300 CYS 300 300 300 CYS CYS C . n 
A 1 301 LEU 301 301 301 LEU LEU C . n 
A 1 302 ASN 302 302 302 ASN ASN C . n 
A 1 303 THR 303 303 303 THR THR C . n 
A 1 304 PHE 304 304 304 PHE PHE C . n 
A 1 305 VAL 305 305 305 VAL VAL C . n 
A 1 306 LEU 306 306 306 LEU LEU C . n 
A 1 307 LYS 307 307 307 LYS LYS C . n 
A 1 308 LYS 308 308 308 LYS LYS C . n 
A 1 309 GLU 309 309 309 GLU GLU C . n 
A 1 310 VAL 310 310 310 VAL VAL C . n 
A 1 311 SER 311 311 311 SER SER C . n 
A 1 312 GLU 312 312 312 GLU GLU C . n 
A 1 313 THR 313 313 313 THR THR C . n 
A 1 314 GLN 314 314 314 GLN GLN C . n 
A 1 315 HIS 315 315 315 HIS HIS C . n 
A 1 316 GLY 316 316 316 GLY GLY C . n 
A 1 317 THR 317 317 317 THR THR C . n 
A 1 318 ILE 318 318 318 ILE ILE C . n 
A 1 319 LEU 319 319 319 LEU LEU C . n 
A 1 320 ILE 320 320 320 ILE ILE C . n 
A 1 321 LYS 321 321 321 LYS LYS C . n 
A 1 322 VAL 322 322 322 VAL VAL C . n 
A 1 323 GLU 323 323 323 GLU GLU C . n 
A 1 324 TYR 324 324 324 TYR TYR C . n 
A 1 325 LYS 325 325 325 LYS LYS C . n 
A 1 326 GLY 326 326 326 GLY GLY C . n 
A 1 327 GLU 327 327 327 GLU GLU C . n 
A 1 328 ASP 328 328 328 ASP ASP C . n 
A 1 329 ALA 329 329 329 ALA ALA C . n 
A 1 330 PRO 330 330 330 PRO PRO C . n 
A 1 331 CYS 331 331 331 CYS CYS C . n 
A 1 332 LYS 332 332 332 LYS LYS C . n 
A 1 333 ILE 333 333 333 ILE ILE C . n 
A 1 334 PRO 334 334 334 PRO PRO C . n 
A 1 335 PHE 335 335 335 PHE PHE C . n 
A 1 336 SER 336 336 336 SER SER C . n 
A 1 337 THR 337 337 337 THR THR C . n 
A 1 338 GLU 338 338 338 GLU GLU C . n 
A 1 339 ASP 339 339 339 ASP ASP C . n 
A 1 340 GLY 340 340 340 GLY GLY C . n 
A 1 341 GLN 341 341 341 GLN GLN C . n 
A 1 342 GLY 342 342 342 GLY GLY C . n 
A 1 343 LYS 343 343 343 LYS LYS C . n 
A 1 344 ALA 344 344 344 ALA ALA C . n 
A 1 345 HIS 345 345 345 HIS HIS C . n 
A 1 346 ASN 346 346 346 ASN ASN C . n 
A 1 347 GLY 347 347 347 GLY GLY C . n 
A 1 348 ARG 348 348 348 ARG ARG C . n 
A 1 349 LEU 349 349 349 LEU LEU C . n 
A 1 350 ILE 350 350 350 ILE ILE C . n 
A 1 351 THR 351 351 351 THR THR C . n 
A 1 352 ALA 352 352 352 ALA ALA C . n 
A 1 353 ASN 353 353 353 ASN ASN C . n 
A 1 354 PRO 354 354 354 PRO PRO C . n 
A 1 355 VAL 355 355 355 VAL VAL C . n 
A 1 356 VAL 356 356 356 VAL VAL C . n 
A 1 357 THR 357 357 357 THR THR C . n 
A 1 358 LYS 358 358 358 LYS LYS C . n 
A 1 359 LYS 359 359 359 LYS LYS C . n 
A 1 360 GLU 360 360 360 GLU GLU C . n 
A 1 361 GLU 361 361 361 GLU GLU C . n 
A 1 362 PRO 362 362 362 PRO PRO C . n 
A 1 363 VAL 363 363 363 VAL VAL C . n 
A 1 364 ASN 364 364 364 ASN ASN C . n 
A 1 365 ILE 365 365 365 ILE ILE C . n 
A 1 366 GLU 366 366 366 GLU GLU C . n 
A 1 367 ALA 367 367 367 ALA ALA C . n 
A 1 368 GLU 368 368 368 GLU GLU C . n 
A 1 369 PRO 369 369 369 PRO PRO C . n 
A 1 370 PRO 370 370 370 PRO PRO C . n 
A 1 371 PHE 371 371 371 PHE PHE C . n 
A 1 372 GLY 372 372 372 GLY GLY C . n 
A 1 373 GLU 373 373 373 GLU GLU C . n 
A 1 374 SER 374 374 374 SER SER C . n 
A 1 375 ASN 375 375 375 ASN ASN C . n 
A 1 376 ILE 376 376 376 ILE ILE C . n 
A 1 377 VAL 377 377 377 VAL VAL C . n 
A 1 378 ILE 378 378 378 ILE ILE C . n 
A 1 379 GLY 379 379 379 GLY GLY C . n 
A 1 380 ILE 380 380 380 ILE ILE C . n 
A 1 381 GLY 381 381 381 GLY GLY C . n 
A 1 382 ASP 382 382 382 ASP ASP C . n 
A 1 383 LYS 383 383 383 LYS LYS C . n 
A 1 384 ALA 384 384 384 ALA ALA C . n 
A 1 385 LEU 385 385 385 LEU LEU C . n 
A 1 386 LYS 386 386 386 LYS LYS C . n 
A 1 387 ILE 387 387 387 ILE ILE C . n 
A 1 388 ASN 388 388 388 ASN ASN C . n 
A 1 389 TRP 389 389 389 TRP TRP C . n 
A 1 390 TYR 390 390 390 TYR TYR C . n 
A 1 391 LYS 391 391 391 LYS LYS C . n 
A 1 392 LYS 392 392 392 LYS LYS C . n 
A 1 393 GLY 393 393 393 GLY GLY C . n 
A 1 394 SER 394 394 394 SER SER C . n 
A 1 395 SER 395 395 ?   ?   ?   C . n 
A 1 396 ILE 396 396 ?   ?   ?   C . n 
A 1 397 GLY 397 397 ?   ?   ?   C . n 
A 1 398 LYS 398 398 ?   ?   ?   C . n 
A 1 399 MET 399 399 ?   ?   ?   C . n 
A 1 400 PHE 400 400 ?   ?   ?   C . n 
A 1 401 GLU 401 401 ?   ?   ?   C . n 
A 1 402 ALA 402 402 ?   ?   ?   C . n 
A 1 403 THR 403 403 ?   ?   ?   C . n 
A 1 404 ALA 404 404 ?   ?   ?   C . n 
A 1 405 ARG 405 405 ?   ?   ?   C . n 
A 1 406 GLY 406 406 ?   ?   ?   C . n 
A 1 407 ALA 407 407 ?   ?   ?   C . n 
A 1 408 ARG 408 408 ?   ?   ?   C . n 
A 1 409 ARG 409 409 ?   ?   ?   C . n 
A 1 410 MET 410 410 ?   ?   ?   C . n 
A 1 411 ALA 411 411 ?   ?   ?   C . n 
A 1 412 ILE 412 412 ?   ?   ?   C . n 
A 1 413 LEU 413 413 ?   ?   ?   C . n 
A 1 414 GLY 414 414 ?   ?   ?   C . n 
A 1 415 ASP 415 415 ?   ?   ?   C . n 
A 1 416 THR 416 416 ?   ?   ?   C . n 
A 1 417 ALA 417 417 ?   ?   ?   C . n 
A 1 418 TRP 418 418 ?   ?   ?   C . n 
A 1 419 ASP 419 419 ?   ?   ?   C . n 
A 1 420 PHE 420 420 ?   ?   ?   C . n 
A 1 421 GLY 421 421 ?   ?   ?   C . n 
A 1 422 SER 422 422 ?   ?   ?   C . n 
A 1 423 VAL 423 423 ?   ?   ?   C . n 
A 1 424 GLY 424 424 ?   ?   ?   C . n 
A 1 425 GLY 425 425 ?   ?   ?   C . n 
A 1 426 VAL 426 426 ?   ?   ?   C . n 
A 1 427 LEU 427 427 ?   ?   ?   C . n 
A 1 428 ASN 428 428 ?   ?   ?   C . n 
A 1 429 SER 429 429 ?   ?   ?   C . n 
A 1 430 LEU 430 430 ?   ?   ?   C . n 
A 1 431 GLY 431 431 ?   ?   ?   C . n 
A 1 432 LYS 432 432 ?   ?   ?   C . n 
A 1 433 MET 433 433 ?   ?   ?   C . n 
A 1 434 VAL 434 434 ?   ?   ?   C . n 
A 1 435 HIS 435 435 ?   ?   ?   C . n 
A 1 436 GLN 436 436 ?   ?   ?   C . n 
A 1 437 ILE 437 437 ?   ?   ?   C . n 
A 1 438 PHE 438 438 ?   ?   ?   C . n 
A 1 439 GLY 439 439 ?   ?   ?   C . n 
A 1 440 SER 440 440 ?   ?   ?   C . n 
A 1 441 ALA 441 441 ?   ?   ?   C . n 
A 1 442 TYR 442 442 ?   ?   ?   C . n 
A 1 443 THR 443 443 ?   ?   ?   C . n 
A 1 444 ALA 444 444 ?   ?   ?   C . n 
A 1 445 LEU 445 445 ?   ?   ?   C . n 
A 1 446 PHE 446 446 ?   ?   ?   C . n 
A 1 447 SER 447 447 ?   ?   ?   C . n 
A 1 448 GLY 448 448 ?   ?   ?   C . n 
A 1 449 VAL 449 449 ?   ?   ?   C . n 
A 1 450 SER 450 450 ?   ?   ?   C . n 
A 1 451 TRP 451 451 ?   ?   ?   C . n 
A 1 452 ILE 452 452 ?   ?   ?   C . n 
A 1 453 MET 453 453 ?   ?   ?   C . n 
A 1 454 LYS 454 454 ?   ?   ?   C . n 
A 1 455 ILE 455 455 ?   ?   ?   C . n 
A 1 456 GLY 456 456 ?   ?   ?   C . n 
A 1 457 ILE 457 457 ?   ?   ?   C . n 
A 1 458 GLY 458 458 ?   ?   ?   C . n 
A 1 459 VAL 459 459 ?   ?   ?   C . n 
A 1 460 LEU 460 460 ?   ?   ?   C . n 
A 1 461 LEU 461 461 ?   ?   ?   C . n 
A 1 462 THR 462 462 ?   ?   ?   C . n 
A 1 463 TRP 463 463 ?   ?   ?   C . n 
A 1 464 ILE 464 464 ?   ?   ?   C . n 
A 1 465 GLY 465 465 ?   ?   ?   C . n 
A 1 466 LEU 466 466 ?   ?   ?   C . n 
A 1 467 ASN 467 467 ?   ?   ?   C . n 
A 1 468 SER 468 468 ?   ?   ?   C . n 
A 1 469 LYS 469 469 ?   ?   ?   C . n 
A 1 470 ASN 470 470 ?   ?   ?   C . n 
A 1 471 THR 471 471 ?   ?   ?   C . n 
A 1 472 SER 472 472 ?   ?   ?   C . n 
A 1 473 MET 473 473 ?   ?   ?   C . n 
A 1 474 SER 474 474 ?   ?   ?   C . n 
A 1 475 PHE 475 475 ?   ?   ?   C . n 
A 1 476 SER 476 476 ?   ?   ?   C . n 
A 1 477 CYS 477 477 ?   ?   ?   C . n 
A 1 478 ILE 478 478 ?   ?   ?   C . n 
A 1 479 ALA 479 479 ?   ?   ?   C . n 
A 1 480 ILE 480 480 ?   ?   ?   C . n 
A 1 481 GLY 481 481 ?   ?   ?   C . n 
A 1 482 ILE 482 482 ?   ?   ?   C . n 
A 1 483 ILE 483 483 ?   ?   ?   C . n 
A 1 484 THR 484 484 ?   ?   ?   C . n 
A 1 485 LEU 485 485 ?   ?   ?   C . n 
A 1 486 TYR 486 486 ?   ?   ?   C . n 
A 1 487 LEU 487 487 ?   ?   ?   C . n 
A 1 488 GLY 488 488 ?   ?   ?   C . n 
A 1 489 ALA 489 489 ?   ?   ?   C . n 
A 1 490 VAL 490 490 ?   ?   ?   C . n 
A 1 491 VAL 491 491 ?   ?   ?   C . n 
A 1 492 GLN 492 492 ?   ?   ?   C . n 
A 1 493 ALA 493 493 ?   ?   ?   C . n 
B 1 1   MET 1   1   1   MET MET E . n 
B 1 2   ARG 2   2   2   ARG ARG E . n 
B 1 3   CYS 3   3   3   CYS CYS E . n 
B 1 4   VAL 4   4   4   VAL VAL E . n 
B 1 5   GLY 5   5   5   GLY GLY E . n 
B 1 6   VAL 6   6   6   VAL VAL E . n 
B 1 7   GLY 7   7   7   GLY GLY E . n 
B 1 8   ASN 8   8   8   ASN ASN E . n 
B 1 9   ARG 9   9   9   ARG ARG E . n 
B 1 10  ASP 10  10  10  ASP ASP E . n 
B 1 11  PHE 11  11  11  PHE PHE E . n 
B 1 12  VAL 12  12  12  VAL VAL E . n 
B 1 13  GLU 13  13  13  GLU GLU E . n 
B 1 14  GLY 14  14  14  GLY GLY E . n 
B 1 15  LEU 15  15  15  LEU LEU E . n 
B 1 16  SER 16  16  16  SER SER E . n 
B 1 17  GLY 17  17  17  GLY GLY E . n 
B 1 18  ALA 18  18  18  ALA ALA E . n 
B 1 19  THR 19  19  19  THR THR E . n 
B 1 20  TRP 20  20  20  TRP TRP E . n 
B 1 21  VAL 21  21  21  VAL VAL E . n 
B 1 22  ASP 22  22  22  ASP ASP E . n 
B 1 23  VAL 23  23  23  VAL VAL E . n 
B 1 24  VAL 24  24  24  VAL VAL E . n 
B 1 25  LEU 25  25  25  LEU LEU E . n 
B 1 26  GLU 26  26  26  GLU GLU E . n 
B 1 27  HIS 27  27  27  HIS HIS E . n 
B 1 28  GLY 28  28  28  GLY GLY E . n 
B 1 29  GLY 29  29  29  GLY GLY E . n 
B 1 30  CYS 30  30  30  CYS CYS E . n 
B 1 31  VAL 31  31  31  VAL VAL E . n 
B 1 32  THR 32  32  32  THR THR E . n 
B 1 33  THR 33  33  33  THR THR E . n 
B 1 34  MET 34  34  34  MET MET E . n 
B 1 35  ALA 35  35  35  ALA ALA E . n 
B 1 36  LYS 36  36  36  LYS LYS E . n 
B 1 37  ASN 37  37  37  ASN ASN E . n 
B 1 38  LYS 38  38  38  LYS LYS E . n 
B 1 39  PRO 39  39  39  PRO PRO E . n 
B 1 40  THR 40  40  40  THR THR E . n 
B 1 41  LEU 41  41  41  LEU LEU E . n 
B 1 42  ASP 42  42  42  ASP ASP E . n 
B 1 43  ILE 43  43  43  ILE ILE E . n 
B 1 44  GLU 44  44  44  GLU GLU E . n 
B 1 45  LEU 45  45  45  LEU LEU E . n 
B 1 46  GLN 46  46  46  GLN GLN E . n 
B 1 47  LYS 47  47  47  LYS LYS E . n 
B 1 48  THR 48  48  48  THR THR E . n 
B 1 49  GLU 49  49  49  GLU GLU E . n 
B 1 50  ALA 50  50  50  ALA ALA E . n 
B 1 51  THR 51  51  51  THR THR E . n 
B 1 52  GLN 52  52  52  GLN GLN E . n 
B 1 53  LEU 53  53  53  LEU LEU E . n 
B 1 54  ALA 54  54  54  ALA ALA E . n 
B 1 55  THR 55  55  55  THR THR E . n 
B 1 56  LEU 56  56  56  LEU LEU E . n 
B 1 57  ARG 57  57  57  ARG ARG E . n 
B 1 58  LYS 58  58  58  LYS LYS E . n 
B 1 59  LEU 59  59  59  LEU LEU E . n 
B 1 60  CYS 60  60  60  CYS CYS E . n 
B 1 61  ILE 61  61  61  ILE ILE E . n 
B 1 62  GLU 62  62  62  GLU GLU E . n 
B 1 63  GLY 63  63  63  GLY GLY E . n 
B 1 64  LYS 64  64  64  LYS LYS E . n 
B 1 65  ILE 65  65  65  ILE ILE E . n 
B 1 66  THR 66  66  66  THR THR E . n 
B 1 67  ASN 67  67  67  ASN ASN E . n 
B 1 68  ILE 68  68  68  ILE ILE E . n 
B 1 69  THR 69  69  69  THR THR E . n 
B 1 70  THR 70  70  70  THR THR E . n 
B 1 71  ASP 71  71  71  ASP ASP E . n 
B 1 72  SER 72  72  72  SER SER E . n 
B 1 73  ARG 73  73  73  ARG ARG E . n 
B 1 74  CYS 74  74  74  CYS CYS E . n 
B 1 75  PRO 75  75  75  PRO PRO E . n 
B 1 76  THR 76  76  76  THR THR E . n 
B 1 77  GLN 77  77  77  GLN GLN E . n 
B 1 78  GLY 78  78  78  GLY GLY E . n 
B 1 79  GLU 79  79  79  GLU GLU E . n 
B 1 80  ALA 80  80  80  ALA ALA E . n 
B 1 81  ILE 81  81  81  ILE ILE E . n 
B 1 82  LEU 82  82  82  LEU LEU E . n 
B 1 83  PRO 83  83  83  PRO PRO E . n 
B 1 84  GLU 84  84  84  GLU GLU E . n 
B 1 85  GLU 85  85  85  GLU GLU E . n 
B 1 86  GLN 86  86  86  GLN GLN E . n 
B 1 87  ASP 87  87  87  ASP ASP E . n 
B 1 88  GLN 88  88  88  GLN GLN E . n 
B 1 89  ASN 89  89  89  ASN ASN E . n 
B 1 90  TYR 90  90  90  TYR TYR E . n 
B 1 91  VAL 91  91  91  VAL VAL E . n 
B 1 92  CYS 92  92  92  CYS CYS E . n 
B 1 93  LYS 93  93  93  LYS LYS E . n 
B 1 94  HIS 94  94  94  HIS HIS E . n 
B 1 95  THR 95  95  95  THR THR E . n 
B 1 96  TYR 96  96  96  TYR TYR E . n 
B 1 97  VAL 97  97  97  VAL VAL E . n 
B 1 98  ASP 98  98  98  ASP ASP E . n 
B 1 99  ARG 99  99  99  ARG ARG E . n 
B 1 100 GLY 100 100 100 GLY GLY E . n 
B 1 101 TRP 101 101 101 TRP TRP E . n 
B 1 102 GLY 102 102 102 GLY GLY E . n 
B 1 103 ASN 103 103 103 ASN ASN E . n 
B 1 104 GLY 104 104 104 GLY GLY E . n 
B 1 105 CYS 105 105 105 CYS CYS E . n 
B 1 106 GLY 106 106 106 GLY GLY E . n 
B 1 107 LEU 107 107 107 LEU LEU E . n 
B 1 108 PHE 108 108 108 PHE PHE E . n 
B 1 109 GLY 109 109 109 GLY GLY E . n 
B 1 110 LYS 110 110 110 LYS LYS E . n 
B 1 111 GLY 111 111 111 GLY GLY E . n 
B 1 112 SER 112 112 112 SER SER E . n 
B 1 113 LEU 113 113 113 LEU LEU E . n 
B 1 114 VAL 114 114 114 VAL VAL E . n 
B 1 115 THR 115 115 115 THR THR E . n 
B 1 116 CYS 116 116 116 CYS CYS E . n 
B 1 117 ALA 117 117 117 ALA ALA E . n 
B 1 118 LYS 118 118 118 LYS LYS E . n 
B 1 119 PHE 119 119 119 PHE PHE E . n 
B 1 120 GLN 120 120 120 GLN GLN E . n 
B 1 121 CYS 121 121 121 CYS CYS E . n 
B 1 122 LEU 122 122 122 LEU LEU E . n 
B 1 123 GLU 123 123 123 GLU GLU E . n 
B 1 124 SER 124 124 124 SER SER E . n 
B 1 125 ILE 125 125 125 ILE ILE E . n 
B 1 126 GLU 126 126 126 GLU GLU E . n 
B 1 127 GLY 127 127 127 GLY GLY E . n 
B 1 128 LYS 128 128 128 LYS LYS E . n 
B 1 129 VAL 129 129 129 VAL VAL E . n 
B 1 130 VAL 130 130 130 VAL VAL E . n 
B 1 131 GLN 131 131 131 GLN GLN E . n 
B 1 132 HIS 132 132 132 HIS HIS E . n 
B 1 133 GLU 133 133 133 GLU GLU E . n 
B 1 134 ASN 134 134 134 ASN ASN E . n 
B 1 135 LEU 135 135 135 LEU LEU E . n 
B 1 136 LYS 136 136 136 LYS LYS E . n 
B 1 137 TYR 137 137 137 TYR TYR E . n 
B 1 138 THR 138 138 138 THR THR E . n 
B 1 139 VAL 139 139 139 VAL VAL E . n 
B 1 140 ILE 140 140 140 ILE ILE E . n 
B 1 141 ILE 141 141 141 ILE ILE E . n 
B 1 142 THR 142 142 142 THR THR E . n 
B 1 143 VAL 143 143 143 VAL VAL E . n 
B 1 144 HIS 144 144 144 HIS HIS E . n 
B 1 145 THR 145 145 145 THR THR E . n 
B 1 146 GLY 146 146 146 GLY GLY E . n 
B 1 147 ASP 147 147 147 ASP ASP E . n 
B 1 148 GLN 148 148 148 GLN GLN E . n 
B 1 149 HIS 149 149 149 HIS HIS E . n 
B 1 150 GLN 150 150 150 GLN GLN E . n 
B 1 151 VAL 151 151 151 VAL VAL E . n 
B 1 152 GLY 152 152 152 GLY GLY E . n 
B 1 153 ASN 153 153 153 ASN ASN E . n 
B 1 154 GLU 154 154 154 GLU GLU E . n 
B 1 155 THR 155 155 155 THR THR E . n 
B 1 156 GLN 156 156 156 GLN GLN E . n 
B 1 157 GLY 157 157 157 GLY GLY E . n 
B 1 158 VAL 158 158 158 VAL VAL E . n 
B 1 159 THR 159 159 159 THR THR E . n 
B 1 160 ALA 160 160 160 ALA ALA E . n 
B 1 161 GLU 161 161 161 GLU GLU E . n 
B 1 162 ILE 162 162 162 ILE ILE E . n 
B 1 163 THR 163 163 163 THR THR E . n 
B 1 164 PRO 164 164 164 PRO PRO E . n 
B 1 165 GLN 165 165 165 GLN GLN E . n 
B 1 166 ALA 166 166 166 ALA ALA E . n 
B 1 167 SER 167 167 167 SER SER E . n 
B 1 168 THR 168 168 168 THR THR E . n 
B 1 169 VAL 169 169 169 VAL VAL E . n 
B 1 170 GLU 170 170 170 GLU GLU E . n 
B 1 171 ALA 171 171 171 ALA ALA E . n 
B 1 172 ILE 172 172 172 ILE ILE E . n 
B 1 173 LEU 173 173 173 LEU LEU E . n 
B 1 174 PRO 174 174 174 PRO PRO E . n 
B 1 175 GLU 175 175 175 GLU GLU E . n 
B 1 176 TYR 176 176 176 TYR TYR E . n 
B 1 177 GLY 177 177 177 GLY GLY E . n 
B 1 178 THR 178 178 178 THR THR E . n 
B 1 179 LEU 179 179 179 LEU LEU E . n 
B 1 180 GLY 180 180 180 GLY GLY E . n 
B 1 181 LEU 181 181 181 LEU LEU E . n 
B 1 182 GLU 182 182 182 GLU GLU E . n 
B 1 183 CYS 183 183 183 CYS CYS E . n 
B 1 184 SER 184 184 184 SER SER E . n 
B 1 185 PRO 185 185 185 PRO PRO E . n 
B 1 186 ARG 186 186 186 ARG ARG E . n 
B 1 187 THR 187 187 187 THR THR E . n 
B 1 188 GLY 188 188 188 GLY GLY E . n 
B 1 189 LEU 189 189 189 LEU LEU E . n 
B 1 190 ASP 190 190 190 ASP ASP E . n 
B 1 191 PHE 191 191 191 PHE PHE E . n 
B 1 192 ASN 192 192 192 ASN ASN E . n 
B 1 193 GLU 193 193 193 GLU GLU E . n 
B 1 194 MET 194 194 194 MET MET E . n 
B 1 195 ILE 195 195 195 ILE ILE E . n 
B 1 196 LEU 196 196 196 LEU LEU E . n 
B 1 197 LEU 197 197 197 LEU LEU E . n 
B 1 198 THR 198 198 198 THR THR E . n 
B 1 199 MET 199 199 199 MET MET E . n 
B 1 200 LYS 200 200 200 LYS LYS E . n 
B 1 201 ASN 201 201 201 ASN ASN E . n 
B 1 202 LYS 202 202 202 LYS LYS E . n 
B 1 203 ALA 203 203 203 ALA ALA E . n 
B 1 204 TRP 204 204 204 TRP TRP E . n 
B 1 205 MET 205 205 205 MET MET E . n 
B 1 206 VAL 206 206 206 VAL VAL E . n 
B 1 207 HIS 207 207 207 HIS HIS E . n 
B 1 208 ARG 208 208 208 ARG ARG E . n 
B 1 209 GLN 209 209 209 GLN GLN E . n 
B 1 210 TRP 210 210 210 TRP TRP E . n 
B 1 211 PHE 211 211 211 PHE PHE E . n 
B 1 212 PHE 212 212 212 PHE PHE E . n 
B 1 213 ASP 213 213 213 ASP ASP E . n 
B 1 214 LEU 214 214 214 LEU LEU E . n 
B 1 215 PRO 215 215 215 PRO PRO E . n 
B 1 216 LEU 216 216 216 LEU LEU E . n 
B 1 217 PRO 217 217 217 PRO PRO E . n 
B 1 218 TRP 218 218 218 TRP TRP E . n 
B 1 219 THR 219 219 219 THR THR E . n 
B 1 220 SER 220 220 220 SER SER E . n 
B 1 221 GLY 221 221 221 GLY GLY E . n 
B 1 222 ALA 222 222 222 ALA ALA E . n 
B 1 223 THR 223 223 223 THR THR E . n 
B 1 224 THR 224 224 224 THR THR E . n 
B 1 225 GLU 225 225 225 GLU GLU E . n 
B 1 226 THR 226 226 226 THR THR E . n 
B 1 227 PRO 227 227 227 PRO PRO E . n 
B 1 228 THR 228 228 228 THR THR E . n 
B 1 229 TRP 229 229 229 TRP TRP E . n 
B 1 230 ASN 230 230 230 ASN ASN E . n 
B 1 231 ARG 231 231 231 ARG ARG E . n 
B 1 232 LYS 232 232 232 LYS LYS E . n 
B 1 233 GLU 233 233 233 GLU GLU E . n 
B 1 234 LEU 234 234 234 LEU LEU E . n 
B 1 235 LEU 235 235 235 LEU LEU E . n 
B 1 236 VAL 236 236 236 VAL VAL E . n 
B 1 237 THR 237 237 237 THR THR E . n 
B 1 238 PHE 238 238 238 PHE PHE E . n 
B 1 239 LYS 239 239 239 LYS LYS E . n 
B 1 240 ASN 240 240 240 ASN ASN E . n 
B 1 241 ALA 241 241 241 ALA ALA E . n 
B 1 242 HIS 242 242 242 HIS HIS E . n 
B 1 243 ALA 243 243 243 ALA ALA E . n 
B 1 244 LYS 244 244 244 LYS LYS E . n 
B 1 245 LYS 245 245 245 LYS LYS E . n 
B 1 246 GLN 246 246 246 GLN GLN E . n 
B 1 247 GLU 247 247 247 GLU GLU E . n 
B 1 248 VAL 248 248 248 VAL VAL E . n 
B 1 249 VAL 249 249 249 VAL VAL E . n 
B 1 250 VAL 250 250 250 VAL VAL E . n 
B 1 251 LEU 251 251 251 LEU LEU E . n 
B 1 252 GLY 252 252 252 GLY GLY E . n 
B 1 253 SER 253 253 253 SER SER E . n 
B 1 254 GLN 254 254 254 GLN GLN E . n 
B 1 255 GLU 255 255 255 GLU GLU E . n 
B 1 256 GLY 256 256 256 GLY GLY E . n 
B 1 257 ALA 257 257 257 ALA ALA E . n 
B 1 258 MET 258 258 258 MET MET E . n 
B 1 259 HIS 259 259 259 HIS HIS E . n 
B 1 260 THR 260 260 260 THR THR E . n 
B 1 261 ALA 261 261 261 ALA ALA E . n 
B 1 262 LEU 262 262 262 LEU LEU E . n 
B 1 263 THR 263 263 263 THR THR E . n 
B 1 264 GLY 264 264 264 GLY GLY E . n 
B 1 265 ALA 265 265 265 ALA ALA E . n 
B 1 266 THR 266 266 266 THR THR E . n 
B 1 267 GLU 267 267 267 GLU GLU E . n 
B 1 268 ILE 268 268 268 ILE ILE E . n 
B 1 269 GLN 269 269 269 GLN GLN E . n 
B 1 270 ASN 270 270 270 ASN ASN E . n 
B 1 271 SER 271 271 271 SER SER E . n 
B 1 272 GLY 272 272 272 GLY GLY E . n 
B 1 273 GLY 273 273 273 GLY GLY E . n 
B 1 274 THR 274 274 274 THR THR E . n 
B 1 275 SER 275 275 275 SER SER E . n 
B 1 276 ILE 276 276 276 ILE ILE E . n 
B 1 277 PHE 277 277 277 PHE PHE E . n 
B 1 278 ALA 278 278 278 ALA ALA E . n 
B 1 279 GLY 279 279 279 GLY GLY E . n 
B 1 280 HIS 280 280 280 HIS HIS E . n 
B 1 281 LEU 281 281 281 LEU LEU E . n 
B 1 282 LYS 282 282 282 LYS LYS E . n 
B 1 283 CYS 283 283 283 CYS CYS E . n 
B 1 284 ARG 284 284 284 ARG ARG E . n 
B 1 285 LEU 285 285 285 LEU LEU E . n 
B 1 286 LYS 286 286 286 LYS LYS E . n 
B 1 287 MET 287 287 287 MET MET E . n 
B 1 288 ASP 288 288 288 ASP ASP E . n 
B 1 289 LYS 289 289 289 LYS LYS E . n 
B 1 290 LEU 290 290 290 LEU LEU E . n 
B 1 291 GLU 291 291 291 GLU GLU E . n 
B 1 292 LEU 292 292 292 LEU LEU E . n 
B 1 293 LYS 293 293 293 LYS LYS E . n 
B 1 294 GLY 294 294 294 GLY GLY E . n 
B 1 295 MET 295 295 295 MET MET E . n 
B 1 296 SER 296 296 296 SER SER E . n 
B 1 297 TYR 297 297 297 TYR TYR E . n 
B 1 298 ALA 298 298 298 ALA ALA E . n 
B 1 299 MET 299 299 299 MET MET E . n 
B 1 300 CYS 300 300 300 CYS CYS E . n 
B 1 301 LEU 301 301 301 LEU LEU E . n 
B 1 302 ASN 302 302 302 ASN ASN E . n 
B 1 303 THR 303 303 303 THR THR E . n 
B 1 304 PHE 304 304 304 PHE PHE E . n 
B 1 305 VAL 305 305 305 VAL VAL E . n 
B 1 306 LEU 306 306 306 LEU LEU E . n 
B 1 307 LYS 307 307 307 LYS LYS E . n 
B 1 308 LYS 308 308 308 LYS LYS E . n 
B 1 309 GLU 309 309 309 GLU GLU E . n 
B 1 310 VAL 310 310 310 VAL VAL E . n 
B 1 311 SER 311 311 311 SER SER E . n 
B 1 312 GLU 312 312 312 GLU GLU E . n 
B 1 313 THR 313 313 313 THR THR E . n 
B 1 314 GLN 314 314 314 GLN GLN E . n 
B 1 315 HIS 315 315 315 HIS HIS E . n 
B 1 316 GLY 316 316 316 GLY GLY E . n 
B 1 317 THR 317 317 317 THR THR E . n 
B 1 318 ILE 318 318 318 ILE ILE E . n 
B 1 319 LEU 319 319 319 LEU LEU E . n 
B 1 320 ILE 320 320 320 ILE ILE E . n 
B 1 321 LYS 321 321 321 LYS LYS E . n 
B 1 322 VAL 322 322 322 VAL VAL E . n 
B 1 323 GLU 323 323 323 GLU GLU E . n 
B 1 324 TYR 324 324 324 TYR TYR E . n 
B 1 325 LYS 325 325 325 LYS LYS E . n 
B 1 326 GLY 326 326 326 GLY GLY E . n 
B 1 327 GLU 327 327 327 GLU GLU E . n 
B 1 328 ASP 328 328 328 ASP ASP E . n 
B 1 329 ALA 329 329 329 ALA ALA E . n 
B 1 330 PRO 330 330 330 PRO PRO E . n 
B 1 331 CYS 331 331 331 CYS CYS E . n 
B 1 332 LYS 332 332 332 LYS LYS E . n 
B 1 333 ILE 333 333 333 ILE ILE E . n 
B 1 334 PRO 334 334 334 PRO PRO E . n 
B 1 335 PHE 335 335 335 PHE PHE E . n 
B 1 336 SER 336 336 336 SER SER E . n 
B 1 337 THR 337 337 337 THR THR E . n 
B 1 338 GLU 338 338 338 GLU GLU E . n 
B 1 339 ASP 339 339 339 ASP ASP E . n 
B 1 340 GLY 340 340 340 GLY GLY E . n 
B 1 341 GLN 341 341 341 GLN GLN E . n 
B 1 342 GLY 342 342 342 GLY GLY E . n 
B 1 343 LYS 343 343 343 LYS LYS E . n 
B 1 344 ALA 344 344 344 ALA ALA E . n 
B 1 345 HIS 345 345 345 HIS HIS E . n 
B 1 346 ASN 346 346 346 ASN ASN E . n 
B 1 347 GLY 347 347 347 GLY GLY E . n 
B 1 348 ARG 348 348 348 ARG ARG E . n 
B 1 349 LEU 349 349 349 LEU LEU E . n 
B 1 350 ILE 350 350 350 ILE ILE E . n 
B 1 351 THR 351 351 351 THR THR E . n 
B 1 352 ALA 352 352 352 ALA ALA E . n 
B 1 353 ASN 353 353 353 ASN ASN E . n 
B 1 354 PRO 354 354 354 PRO PRO E . n 
B 1 355 VAL 355 355 355 VAL VAL E . n 
B 1 356 VAL 356 356 356 VAL VAL E . n 
B 1 357 THR 357 357 357 THR THR E . n 
B 1 358 LYS 358 358 358 LYS LYS E . n 
B 1 359 LYS 359 359 359 LYS LYS E . n 
B 1 360 GLU 360 360 360 GLU GLU E . n 
B 1 361 GLU 361 361 361 GLU GLU E . n 
B 1 362 PRO 362 362 362 PRO PRO E . n 
B 1 363 VAL 363 363 363 VAL VAL E . n 
B 1 364 ASN 364 364 364 ASN ASN E . n 
B 1 365 ILE 365 365 365 ILE ILE E . n 
B 1 366 GLU 366 366 366 GLU GLU E . n 
B 1 367 ALA 367 367 367 ALA ALA E . n 
B 1 368 GLU 368 368 368 GLU GLU E . n 
B 1 369 PRO 369 369 369 PRO PRO E . n 
B 1 370 PRO 370 370 370 PRO PRO E . n 
B 1 371 PHE 371 371 371 PHE PHE E . n 
B 1 372 GLY 372 372 372 GLY GLY E . n 
B 1 373 GLU 373 373 373 GLU GLU E . n 
B 1 374 SER 374 374 374 SER SER E . n 
B 1 375 ASN 375 375 375 ASN ASN E . n 
B 1 376 ILE 376 376 376 ILE ILE E . n 
B 1 377 VAL 377 377 377 VAL VAL E . n 
B 1 378 ILE 378 378 378 ILE ILE E . n 
B 1 379 GLY 379 379 379 GLY GLY E . n 
B 1 380 ILE 380 380 380 ILE ILE E . n 
B 1 381 GLY 381 381 381 GLY GLY E . n 
B 1 382 ASP 382 382 382 ASP ASP E . n 
B 1 383 LYS 383 383 383 LYS LYS E . n 
B 1 384 ALA 384 384 384 ALA ALA E . n 
B 1 385 LEU 385 385 385 LEU LEU E . n 
B 1 386 LYS 386 386 386 LYS LYS E . n 
B 1 387 ILE 387 387 387 ILE ILE E . n 
B 1 388 ASN 388 388 388 ASN ASN E . n 
B 1 389 TRP 389 389 389 TRP TRP E . n 
B 1 390 TYR 390 390 390 TYR TYR E . n 
B 1 391 LYS 391 391 391 LYS LYS E . n 
B 1 392 LYS 392 392 392 LYS LYS E . n 
B 1 393 GLY 393 393 393 GLY GLY E . n 
B 1 394 SER 394 394 394 SER SER E . n 
B 1 395 SER 395 395 ?   ?   ?   E . n 
B 1 396 ILE 396 396 ?   ?   ?   E . n 
B 1 397 GLY 397 397 ?   ?   ?   E . n 
B 1 398 LYS 398 398 ?   ?   ?   E . n 
B 1 399 MET 399 399 ?   ?   ?   E . n 
B 1 400 PHE 400 400 ?   ?   ?   E . n 
B 1 401 GLU 401 401 ?   ?   ?   E . n 
B 1 402 ALA 402 402 ?   ?   ?   E . n 
B 1 403 THR 403 403 ?   ?   ?   E . n 
B 1 404 ALA 404 404 ?   ?   ?   E . n 
B 1 405 ARG 405 405 ?   ?   ?   E . n 
B 1 406 GLY 406 406 ?   ?   ?   E . n 
B 1 407 ALA 407 407 ?   ?   ?   E . n 
B 1 408 ARG 408 408 ?   ?   ?   E . n 
B 1 409 ARG 409 409 ?   ?   ?   E . n 
B 1 410 MET 410 410 ?   ?   ?   E . n 
B 1 411 ALA 411 411 ?   ?   ?   E . n 
B 1 412 ILE 412 412 ?   ?   ?   E . n 
B 1 413 LEU 413 413 ?   ?   ?   E . n 
B 1 414 GLY 414 414 ?   ?   ?   E . n 
B 1 415 ASP 415 415 ?   ?   ?   E . n 
B 1 416 THR 416 416 ?   ?   ?   E . n 
B 1 417 ALA 417 417 ?   ?   ?   E . n 
B 1 418 TRP 418 418 ?   ?   ?   E . n 
B 1 419 ASP 419 419 ?   ?   ?   E . n 
B 1 420 PHE 420 420 ?   ?   ?   E . n 
B 1 421 GLY 421 421 ?   ?   ?   E . n 
B 1 422 SER 422 422 ?   ?   ?   E . n 
B 1 423 VAL 423 423 ?   ?   ?   E . n 
B 1 424 GLY 424 424 ?   ?   ?   E . n 
B 1 425 GLY 425 425 ?   ?   ?   E . n 
B 1 426 VAL 426 426 ?   ?   ?   E . n 
B 1 427 LEU 427 427 ?   ?   ?   E . n 
B 1 428 ASN 428 428 ?   ?   ?   E . n 
B 1 429 SER 429 429 ?   ?   ?   E . n 
B 1 430 LEU 430 430 ?   ?   ?   E . n 
B 1 431 GLY 431 431 ?   ?   ?   E . n 
B 1 432 LYS 432 432 ?   ?   ?   E . n 
B 1 433 MET 433 433 ?   ?   ?   E . n 
B 1 434 VAL 434 434 ?   ?   ?   E . n 
B 1 435 HIS 435 435 ?   ?   ?   E . n 
B 1 436 GLN 436 436 ?   ?   ?   E . n 
B 1 437 ILE 437 437 ?   ?   ?   E . n 
B 1 438 PHE 438 438 ?   ?   ?   E . n 
B 1 439 GLY 439 439 ?   ?   ?   E . n 
B 1 440 SER 440 440 ?   ?   ?   E . n 
B 1 441 ALA 441 441 ?   ?   ?   E . n 
B 1 442 TYR 442 442 ?   ?   ?   E . n 
B 1 443 THR 443 443 ?   ?   ?   E . n 
B 1 444 ALA 444 444 ?   ?   ?   E . n 
B 1 445 LEU 445 445 ?   ?   ?   E . n 
B 1 446 PHE 446 446 ?   ?   ?   E . n 
B 1 447 SER 447 447 ?   ?   ?   E . n 
B 1 448 GLY 448 448 ?   ?   ?   E . n 
B 1 449 VAL 449 449 ?   ?   ?   E . n 
B 1 450 SER 450 450 ?   ?   ?   E . n 
B 1 451 TRP 451 451 ?   ?   ?   E . n 
B 1 452 ILE 452 452 ?   ?   ?   E . n 
B 1 453 MET 453 453 ?   ?   ?   E . n 
B 1 454 LYS 454 454 ?   ?   ?   E . n 
B 1 455 ILE 455 455 ?   ?   ?   E . n 
B 1 456 GLY 456 456 ?   ?   ?   E . n 
B 1 457 ILE 457 457 ?   ?   ?   E . n 
B 1 458 GLY 458 458 ?   ?   ?   E . n 
B 1 459 VAL 459 459 ?   ?   ?   E . n 
B 1 460 LEU 460 460 ?   ?   ?   E . n 
B 1 461 LEU 461 461 ?   ?   ?   E . n 
B 1 462 THR 462 462 ?   ?   ?   E . n 
B 1 463 TRP 463 463 ?   ?   ?   E . n 
B 1 464 ILE 464 464 ?   ?   ?   E . n 
B 1 465 GLY 465 465 ?   ?   ?   E . n 
B 1 466 LEU 466 466 ?   ?   ?   E . n 
B 1 467 ASN 467 467 ?   ?   ?   E . n 
B 1 468 SER 468 468 ?   ?   ?   E . n 
B 1 469 LYS 469 469 ?   ?   ?   E . n 
B 1 470 ASN 470 470 ?   ?   ?   E . n 
B 1 471 THR 471 471 ?   ?   ?   E . n 
B 1 472 SER 472 472 ?   ?   ?   E . n 
B 1 473 MET 473 473 ?   ?   ?   E . n 
B 1 474 SER 474 474 ?   ?   ?   E . n 
B 1 475 PHE 475 475 ?   ?   ?   E . n 
B 1 476 SER 476 476 ?   ?   ?   E . n 
B 1 477 CYS 477 477 ?   ?   ?   E . n 
B 1 478 ILE 478 478 ?   ?   ?   E . n 
B 1 479 ALA 479 479 ?   ?   ?   E . n 
B 1 480 ILE 480 480 ?   ?   ?   E . n 
B 1 481 GLY 481 481 ?   ?   ?   E . n 
B 1 482 ILE 482 482 ?   ?   ?   E . n 
B 1 483 ILE 483 483 ?   ?   ?   E . n 
B 1 484 THR 484 484 ?   ?   ?   E . n 
B 1 485 LEU 485 485 ?   ?   ?   E . n 
B 1 486 TYR 486 486 ?   ?   ?   E . n 
B 1 487 LEU 487 487 ?   ?   ?   E . n 
B 1 488 GLY 488 488 ?   ?   ?   E . n 
B 1 489 ALA 489 489 ?   ?   ?   E . n 
B 1 490 VAL 490 490 ?   ?   ?   E . n 
B 1 491 VAL 491 491 ?   ?   ?   E . n 
B 1 492 GLN 492 492 ?   ?   ?   E . n 
B 1 493 ALA 493 493 ?   ?   ?   E . n 
C 2 1   GLN 1   1   1   GLN GLN H . n 
C 2 2   VAL 2   2   2   VAL VAL H . n 
C 2 3   GLU 3   3   3   GLU GLU H . n 
C 2 4   LEU 4   4   4   LEU LEU H . n 
C 2 5   VAL 5   5   5   VAL VAL H . n 
C 2 6   GLU 6   6   6   GLU GLU H . n 
C 2 7   SER 7   7   7   SER SER H . n 
C 2 8   GLY 8   8   8   GLY GLY H . n 
C 2 9   GLY 9   9   9   GLY GLY H . n 
C 2 10  ASP 10  10  10  ASP ASP H . n 
C 2 11  VAL 11  11  11  VAL VAL H . n 
C 2 12  VAL 12  12  12  VAL VAL H . n 
C 2 13  GLN 13  13  13  GLN GLN H . n 
C 2 14  PRO 14  14  14  PRO PRO H . n 
C 2 15  GLY 15  15  15  GLY GLY H . n 
C 2 16  LYS 16  16  16  LYS LYS H . n 
C 2 17  SER 17  17  17  SER SER H . n 
C 2 18  LEU 18  18  18  LEU LEU H . n 
C 2 19  ARG 19  19  19  ARG ARG H . n 
C 2 20  LEU 20  20  20  LEU LEU H . n 
C 2 21  SER 21  21  21  SER SER H . n 
C 2 22  CYS 22  22  22  CYS CYS H . n 
C 2 23  ALA 23  23  23  ALA ALA H . n 
C 2 24  ALA 24  24  24  ALA ALA H . n 
C 2 25  SER 25  25  25  SER SER H . n 
C 2 26  GLY 26  26  26  GLY GLY H . n 
C 2 27  PHE 27  27  27  PHE PHE H . n 
C 2 28  THR 28  28  28  THR THR H . n 
C 2 29  PHE 29  29  29  PHE PHE H . n 
C 2 30  THR 30  30  30  THR THR H . n 
C 2 31  ASN 31  31  31  ASN ASN H . n 
C 2 32  TYR 32  32  32  TYR TYR H . n 
C 2 33  ALA 33  33  33  ALA ALA H . n 
C 2 34  MET 34  34  34  MET MET H . n 
C 2 35  HIS 35  35  35  HIS HIS H . n 
C 2 36  TRP 36  36  36  TRP TRP H . n 
C 2 37  LEU 37  37  37  LEU LEU H . n 
C 2 38  ARG 38  38  38  ARG ARG H . n 
C 2 39  GLN 39  39  39  GLN GLN H . n 
C 2 40  ALA 40  40  40  ALA ALA H . n 
C 2 41  PRO 41  41  41  PRO PRO H . n 
C 2 42  GLY 42  42  42  GLY GLY H . n 
C 2 43  LYS 43  43  43  LYS LYS H . n 
C 2 44  GLY 44  44  44  GLY GLY H . n 
C 2 45  LEU 45  45  45  LEU LEU H . n 
C 2 46  GLU 46  46  46  GLU GLU H . n 
C 2 47  TRP 47  47  47  TRP TRP H . n 
C 2 48  VAL 48  48  48  VAL VAL H . n 
C 2 49  ALA 49  49  49  ALA ALA H . n 
C 2 50  VAL 50  50  50  VAL VAL H . n 
C 2 51  ILE 51  51  51  ILE ILE H . n 
C 2 52  SER 52  52  52  SER SER H . n 
C 2 53  SER 53  53  53  SER SER H . n 
C 2 54  ASP 54  54  54  ASP ASP H . n 
C 2 55  VAL 55  55  55  VAL VAL H . n 
C 2 56  ASN 56  56  56  ASN ASN H . n 
C 2 57  ASP 57  57  57  ASP ASP H . n 
C 2 58  LYS 58  58  58  LYS LYS H . n 
C 2 59  TYR 59  59  59  TYR TYR H . n 
C 2 60  TYR 60  60  60  TYR TYR H . n 
C 2 61  ALA 61  61  61  ALA ALA H . n 
C 2 62  ASP 62  62  62  ASP ASP H . n 
C 2 63  SER 63  63  63  SER SER H . n 
C 2 64  VAL 64  64  64  VAL VAL H . n 
C 2 65  LYS 65  65  65  LYS LYS H . n 
C 2 66  GLY 66  66  66  GLY GLY H . n 
C 2 67  ARG 67  67  67  ARG ARG H . n 
C 2 68  PHE 68  68  68  PHE PHE H . n 
C 2 69  THR 69  69  69  THR THR H . n 
C 2 70  ILE 70  70  70  ILE ILE H . n 
C 2 71  SER 71  71  71  SER SER H . n 
C 2 72  ARG 72  72  72  ARG ARG H . n 
C 2 73  ASP 73  73  73  ASP ASP H . n 
C 2 74  ASN 74  74  74  ASN ASN H . n 
C 2 75  SER 75  75  75  SER SER H . n 
C 2 76  LYS 76  76  76  LYS LYS H . n 
C 2 77  ASN 77  77  77  ASN ASN H . n 
C 2 78  THR 78  78  78  THR THR H . n 
C 2 79  LEU 79  79  79  LEU LEU H . n 
C 2 80  TYR 80  80  80  TYR TYR H . n 
C 2 81  LEU 81  81  81  LEU LEU H . n 
C 2 82  GLN 82  82  82  GLN GLN H . n 
C 2 83  MET 83  83  83  MET MET H . n 
C 2 84  ASN 84  84  84  ASN ASN H . n 
C 2 85  SER 85  85  85  SER SER H . n 
C 2 86  LEU 86  86  86  LEU LEU H . n 
C 2 87  THR 87  87  87  THR THR H . n 
C 2 88  PRO 88  88  88  PRO PRO H . n 
C 2 89  GLU 89  89  89  GLU GLU H . n 
C 2 90  ASP 90  90  90  ASP ASP H . n 
C 2 91  THR 91  91  91  THR THR H . n 
C 2 92  ALA 92  92  92  ALA ALA H . n 
C 2 93  VAL 93  93  93  VAL VAL H . n 
C 2 94  TYR 94  94  94  TYR TYR H . n 
C 2 95  TYR 95  95  95  TYR TYR H . n 
C 2 96  CYS 96  96  96  CYS CYS H . n 
C 2 97  ALA 97  97  97  ALA ALA H . n 
C 2 98  ARG 98  98  98  ARG ARG H . n 
C 2 99  GLU 99  99  99  GLU GLU H . n 
C 2 100 GLN 100 100 100 GLN GLN H . n 
C 2 101 ALA 101 101 101 ALA ALA H . n 
C 2 102 VAL 102 102 102 VAL VAL H . n 
C 2 103 GLY 103 103 103 GLY GLY H . n 
C 2 104 THR 104 104 104 THR THR H . n 
C 2 105 ASN 105 105 105 ASN ASN H . n 
C 2 106 PRO 106 106 106 PRO PRO H . n 
C 2 107 TRP 107 107 107 TRP TRP H . n 
C 2 108 ALA 108 108 108 ALA ALA H . n 
C 2 109 PHE 109 109 109 PHE PHE H . n 
C 2 110 ASP 110 110 110 ASP ASP H . n 
C 2 111 TYR 111 111 111 TYR TYR H . n 
C 2 112 TRP 112 112 112 TRP TRP H . n 
C 2 113 GLY 113 113 113 GLY GLY H . n 
C 2 114 GLN 114 114 114 GLN GLN H . n 
C 2 115 GLY 115 115 115 GLY GLY H . n 
C 2 116 THR 116 116 116 THR THR H . n 
C 2 117 LEU 117 117 117 LEU LEU H . n 
C 2 118 VAL 118 118 118 VAL VAL H . n 
C 2 119 THR 119 119 119 THR THR H . n 
C 2 120 VAL 120 120 120 VAL VAL H . n 
C 2 121 SER 121 121 121 SER SER H . n 
C 2 122 SER 122 122 122 SER SER H . n 
D 3 1   HIS 1   1   ?   ?   ?   L . n 
D 3 2   ILE 2   2   2   ILE ILE L . n 
D 3 3   VAL 3   3   3   VAL VAL L . n 
D 3 4   MET 4   4   4   MET MET L . n 
D 3 5   THR 5   5   5   THR THR L . n 
D 3 6   GLN 6   6   6   GLN GLN L . n 
D 3 7   SER 7   7   7   SER SER L . n 
D 3 8   PRO 8   8   8   PRO PRO L . n 
D 3 9   LEU 9   9   9   LEU LEU L . n 
D 3 10  SER 10  10  10  SER SER L . n 
D 3 11  LEU 11  11  11  LEU LEU L . n 
D 3 12  SER 12  12  12  SER SER L . n 
D 3 13  VAL 13  13  13  VAL VAL L . n 
D 3 14  THR 14  14  14  THR THR L . n 
D 3 15  PRO 15  15  15  PRO PRO L . n 
D 3 16  GLY 16  16  16  GLY GLY L . n 
D 3 17  GLN 17  17  17  GLN GLN L . n 
D 3 18  PRO 18  18  18  PRO PRO L . n 
D 3 19  ALA 19  19  19  ALA ALA L . n 
D 3 20  SER 20  20  20  SER SER L . n 
D 3 21  ILE 21  21  21  ILE ILE L . n 
D 3 22  SER 22  22  22  SER SER L . n 
D 3 23  CYS 23  23  23  CYS CYS L . n 
D 3 24  LYS 24  24  24  LYS LYS L . n 
D 3 25  SER 25  25  25  SER SER L . n 
D 3 26  SER 26  26  26  SER SER L . n 
D 3 27  GLN 27  27  27  GLN GLN L . n 
D 3 28  ILE 28  28  28  ILE ILE L . n 
D 3 29  SER 29  29  29  SER SER L . n 
D 3 30  SER 30  30  30  SER SER L . n 
D 3 31  TRP 31  31  31  TRP TRP L . n 
D 3 32  GLY 32  32  32  GLY GLY L . n 
D 3 33  SER 33  33  33  SER SER L . n 
D 3 34  ASP 34  34  34  ASP ASP L . n 
D 3 35  GLY 35  35  35  GLY GLY L . n 
D 3 36  LYS 36  36  36  LYS LYS L . n 
D 3 37  THR 37  37  37  THR THR L . n 
D 3 38  TYR 38  38  38  TYR TYR L . n 
D 3 39  LEU 39  39  39  LEU LEU L . n 
D 3 40  TYR 40  40  40  TYR TYR L . n 
D 3 41  TRP 41  41  41  TRP TRP L . n 
D 3 42  TYR 42  42  42  TYR TYR L . n 
D 3 43  LEU 43  43  43  LEU LEU L . n 
D 3 44  GLN 44  44  44  GLN GLN L . n 
D 3 45  LYS 45  45  45  LYS LYS L . n 
D 3 46  PRO 46  46  46  PRO PRO L . n 
D 3 47  GLY 47  47  47  GLY GLY L . n 
D 3 48  GLN 48  48  48  GLN GLN L . n 
D 3 49  SER 49  49  49  SER SER L . n 
D 3 50  PRO 50  50  50  PRO PRO L . n 
D 3 51  GLN 51  51  51  GLN GLN L . n 
D 3 52  LEU 52  52  52  LEU LEU L . n 
D 3 53  LEU 53  53  53  LEU LEU L . n 
D 3 54  ILE 54  54  54  ILE ILE L . n 
D 3 55  TYR 55  55  55  TYR TYR L . n 
D 3 56  GLU 56  56  56  GLU GLU L . n 
D 3 57  VAL 57  57  57  VAL VAL L . n 
D 3 58  SER 58  58  58  SER SER L . n 
D 3 59  SER 59  59  59  SER SER L . n 
D 3 60  ARG 60  60  60  ARG ARG L . n 
D 3 61  PHE 61  61  61  PHE PHE L . n 
D 3 62  SER 62  62  62  SER SER L . n 
D 3 63  GLY 63  63  63  GLY GLY L . n 
D 3 64  VAL 64  64  64  VAL VAL L . n 
D 3 65  SER 65  65  65  SER SER L . n 
D 3 66  ASP 66  66  66  ASP ASP L . n 
D 3 67  ARG 67  67  67  ARG ARG L . n 
D 3 68  PHE 68  68  68  PHE PHE L . n 
D 3 69  SER 69  69  69  SER SER L . n 
D 3 70  GLY 70  70  70  GLY GLY L . n 
D 3 71  SER 71  71  71  SER SER L . n 
D 3 72  GLY 72  72  72  GLY GLY L . n 
D 3 73  SER 73  73  73  SER SER L . n 
D 3 74  GLY 74  74  74  GLY GLY L . n 
D 3 75  THR 75  75  75  THR THR L . n 
D 3 76  ASP 76  76  76  ASP ASP L . n 
D 3 77  PHE 77  77  77  PHE PHE L . n 
D 3 78  THR 78  78  78  THR THR L . n 
D 3 79  LEU 79  79  79  LEU LEU L . n 
D 3 80  LYS 80  80  80  LYS LYS L . n 
D 3 81  ILE 81  81  81  ILE ILE L . n 
D 3 82  SER 82  82  82  SER SER L . n 
D 3 83  ARG 83  83  83  ARG ARG L . n 
D 3 84  VAL 84  84  84  VAL VAL L . n 
D 3 85  GLN 85  85  85  GLN GLN L . n 
D 3 86  ALA 86  86  86  ALA ALA L . n 
D 3 87  GLU 87  87  87  GLU GLU L . n 
D 3 88  ASP 88  88  88  ASP ASP L . n 
D 3 89  VAL 89  89  89  VAL VAL L . n 
D 3 90  GLY 90  90  90  GLY GLY L . n 
D 3 91  LEU 91  91  91  LEU LEU L . n 
D 3 92  TYR 92  92  92  TYR TYR L . n 
D 3 93  TYR 93  93  93  TYR TYR L . n 
D 3 94  CYS 94  94  94  CYS CYS L . n 
D 3 95  MET 95  95  95  MET MET L . n 
D 3 96  GLN 96  96  96  GLN GLN L . n 
D 3 97  GLY 97  97  97  GLY GLY L . n 
D 3 98  LEU 98  98  98  LEU LEU L . n 
D 3 99  HIS 99  99  99  HIS HIS L . n 
D 3 100 LEU 100 100 100 LEU LEU L . n 
D 3 101 PRO 101 101 101 PRO PRO L . n 
D 3 102 LEU 102 102 102 LEU LEU L . n 
D 3 103 THR 103 103 103 THR THR L . n 
D 3 104 PHE 104 104 104 PHE PHE L . n 
D 3 105 GLY 105 105 105 GLY GLY L . n 
D 3 106 GLN 106 106 106 GLN GLN L . n 
D 3 107 GLY 107 107 107 GLY GLY L . n 
D 3 108 THR 108 108 108 THR THR L . n 
D 3 109 ARG 109 109 109 ARG ARG L . n 
D 3 110 LEU 110 110 110 LEU LEU L . n 
D 3 111 GLU 111 111 111 GLU GLU L . n 
D 3 112 ILE 112 112 112 ILE ILE L . n 
D 3 113 LYS 113 113 113 LYS LYS L . n 
# 
_exptl.absorpt_coefficient_mu     ? 
_exptl.absorpt_correction_T_max   ? 
_exptl.absorpt_correction_T_min   ? 
_exptl.absorpt_correction_type    ? 
_exptl.absorpt_process_details    ? 
_exptl.entry_id                   8JN6 
_exptl.crystals_number            ? 
_exptl.details                    ? 
_exptl.method                     'ELECTRON MICROSCOPY' 
_exptl.method_details             ? 
# 
_struct.entry_id                     8JN6 
_struct.title                        
;Cryo-EM structure of the small tail club shape particle of dengue virus serotype 3 strain CH53489 in complex with human antibody DENV-290 Fab at 37 deg C
;
_struct.pdbx_model_details           ? 
_struct.pdbx_formula_weight          ? 
_struct.pdbx_formula_weight_method   ? 
_struct.pdbx_model_type_details      ? 
_struct.pdbx_CASP_flag               N 
# 
_struct_keywords.entry_id        8JN6 
_struct_keywords.text            'dengue virus, human antibody, dengue-antibody structure, virus, VIRUS-IMMUNE SYSTEM complex' 
_struct_keywords.pdbx_keywords   'VIRUS/IMMUNE SYSTEM' 
# 
loop_
_struct_asym.id 
_struct_asym.pdbx_blank_PDB_chainid_flag 
_struct_asym.pdbx_modified 
_struct_asym.entity_id 
_struct_asym.details 
A N N 1 ? 
B N N 1 ? 
C N N 2 ? 
D N N 3 ? 
# 
loop_
_struct_ref.id 
_struct_ref.db_name 
_struct_ref.db_code 
_struct_ref.pdbx_db_accession 
_struct_ref.pdbx_db_isoform 
_struct_ref.entity_id 
_struct_ref.pdbx_seq_one_letter_code 
_struct_ref.pdbx_align_begin 
1 UNP Q07019_9FLAV Q07019 ? 1 
;MRCVGVGNRDFVEGLSGATWVDVVLEHGGCVTTMAKNKPTLDIELQKTEATQLATLRKLCIEGKITNITTDSRCPTQGEA
ILPEEQDQNYVCKHTYVDRGWGNGCGLFGKGSLVTCAKFQCLESIEGKVVQHENLKYTVIITVHTGDQHQVGNETQGVTA
EITPQASTVEAILPEYGTLGLECSPRTGLDFNEMILLTMKNKAWMVHRQWFFDLPLPWTSGATTETPTWNRKELLVTFKN
AHAKKQEVVVLGSQEGAMHTALTGATEIQNSGGTSIFAGHLKCRLKMDKLELKGMSYAMCLNTFVLKKEVSETQHGTILI
KVEYKGEDAPCKIPFSTEDGQGKAHNGRLITANPVVTKKEEPVNIEAEPPFGESNIVIGIGDKALKINWYKKGSSIGKMF
EATARGARRMAILGDTAWDFGSVGGVLNSLGKMVHQIFGSAYTALFSGVSWIMKIGIGVLLTWIGLNSKNTSMSFSCIAI
GIITLYLGAVVQA
;
167 
2 PDB 8JN6         8JN6   ? 2 ? 1   
3 PDB 8JN6         8JN6   ? 3 ? 1   
# 
loop_
_struct_ref_seq.align_id 
_struct_ref_seq.ref_id 
_struct_ref_seq.pdbx_PDB_id_code 
_struct_ref_seq.pdbx_strand_id 
_struct_ref_seq.seq_align_beg 
_struct_ref_seq.pdbx_seq_align_beg_ins_code 
_struct_ref_seq.seq_align_end 
_struct_ref_seq.pdbx_seq_align_end_ins_code 
_struct_ref_seq.pdbx_db_accession 
_struct_ref_seq.db_align_beg 
_struct_ref_seq.pdbx_db_align_beg_ins_code 
_struct_ref_seq.db_align_end 
_struct_ref_seq.pdbx_db_align_end_ins_code 
_struct_ref_seq.pdbx_auth_seq_align_beg 
_struct_ref_seq.pdbx_auth_seq_align_end 
1 1 8JN6 C 1 ? 493 ? Q07019 167 ? 659 ? 1 493 
2 1 8JN6 E 1 ? 493 ? Q07019 167 ? 659 ? 1 493 
3 2 8JN6 H 1 ? 122 ? 8JN6   1   ? 122 ? 1 122 
4 3 8JN6 L 1 ? 113 ? 8JN6   1   ? 113 ? 1 113 
# 
_pdbx_struct_assembly.id                   1 
_pdbx_struct_assembly.details              author_defined_assembly 
_pdbx_struct_assembly.method_details       'UCSF CHIMERA 1.14_b42094.' 
_pdbx_struct_assembly.oligomeric_details   92-meric 
_pdbx_struct_assembly.oligomeric_count     92 
# 
_pdbx_struct_assembly_gen.assembly_id       1 
_pdbx_struct_assembly_gen.oper_expression   1,2,3,4,5,6,7,8,9,10,11,12,13,14,15,16,17,18,19,20,21,22,23 
_pdbx_struct_assembly_gen.asym_id_list      A,B,C,D 
# 
_pdbx_struct_assembly_auth_evidence.id                     1 
_pdbx_struct_assembly_auth_evidence.assembly_id            1 
_pdbx_struct_assembly_auth_evidence.experimental_support   'electron microscopy' 
_pdbx_struct_assembly_auth_evidence.details                
'The DENV-290 Fab molecules can bind to the envelope protein dimer in two possible ways' 
# 
loop_
_pdbx_struct_oper_list.id 
_pdbx_struct_oper_list.type 
_pdbx_struct_oper_list.name 
_pdbx_struct_oper_list.symmetry_operation 
_pdbx_struct_oper_list.matrix[1][1] 
_pdbx_struct_oper_list.matrix[1][2] 
_pdbx_struct_oper_list.matrix[1][3] 
_pdbx_struct_oper_list.vector[1] 
_pdbx_struct_oper_list.matrix[2][1] 
_pdbx_struct_oper_list.matrix[2][2] 
_pdbx_struct_oper_list.matrix[2][3] 
_pdbx_struct_oper_list.vector[2] 
_pdbx_struct_oper_list.matrix[3][1] 
_pdbx_struct_oper_list.matrix[3][2] 
_pdbx_struct_oper_list.matrix[3][3] 
_pdbx_struct_oper_list.vector[3] 
1  'identity operation'       1_555 x,y,z 1          0           0           0          0           1           0           0          0           0           1           0          
2  'point symmetry operation' ?     ?     0.76267047 -0.27847207 -0.58377015 76.34718   0.59876873  0.64526266  0.47446063  116.31432  0.24456142  -0.71140016 0.65886287  -139.58475 
3  'point symmetry operation' ?     ?     0.01344277 0.48826864  -0.87258962 61.76388   0.84317539  -0.47461079 -0.25258519 22.41022   -0.53747015 -0.73235084 -0.41807598 -212.70510 
4  'point symmetry operation' ?     ?     0.42244026 0.90349683  0.07237408  131.90097  -0.12403017 0.13671930  -0.98281473 -26.04063  -0.89786471 0.40620409  0.16981644  -128.38070 
5  'point symmetry operation' ?     ?     0.99847664 -0.03907281 -0.03895365 85.72245   0.04112871  0.99772303  0.05344809  66.68301   0.03677636  -0.05496894 0.99781033  -67.98913  
6  'point symmetry operation' ?     ?     0.34555518 -0.05516780 -0.93677550 4.07755    0.93839750  0.02179888  0.34486989  54.17251   0.00139509  -0.99823926 0.05930194  -154.90825 
7  'point symmetry operation' ?     ?     0.04599990 0.89421742  -0.44526291 53.76656   0.39328795  -0.42594751 -0.81479634 -54.95065  -0.91826382 -0.13763606 -0.37127839 -155.51535 
8  'point symmetry operation' ?     ?     0.82576903 0.50829262  0.24442679  83.30817   -0.27315291 0.73957632  -0.61515434 -17.92896  -0.49345044 0.44120968  0.74956065  -45.36107  
9  'point symmetry operation' ?     ?     0.79512944 -0.27767163 -0.53913605 -9.95277   0.55416211  0.69377921  0.45997265  53.82038   0.24632007  -0.66450654 0.70551935  -68.42077  
10 'point symmetry operation' ?     ?     0.02833455 0.44107161  -0.89702443 -31.06493  0.87027468  -0.45235199 -0.19493437 -35.28104  -0.49175092 -0.77513435 -0.39667056 -145.83199 
11 'point symmetry operation' ?     ?     0.38367525 0.92268229  0.03808705  40.07377   -0.09089891 0.07877709  -0.99273937 -90.99739  -0.91898348 0.37742742  0.11409567  -67.01401  
12 'point symmetry operation' ?     ?     0.38367525 -0.09089891 -0.91898348 -85.23166  0.92268229  0.07877709  0.37742742  -4.51399   0.03808705  -0.99273937 0.11409567  -84.21705  
13 'point symmetry operation' ?     ?     0.02833455 0.87027468  -0.49175092 -40.12848  0.44107161  -0.45235199 -0.77513435 -115.29724 -0.89702443 -0.19493437 -0.39667056 -92.59082  
14 'point symmetry operation' ?     ?     0.79512944 0.55416211  0.24632007  -5.05826   -0.27767163 0.69377921  -0.66450654 -85.56898  -0.53913605 0.45997265  0.70551935  18.15025   
15 'point symmetry operation' ?     ?     0.82576903 -0.27315291 -0.49345044 -96.07427  0.50829262  0.73957632  0.44120968  -9.07145   0.24442679  -0.61515434 0.74956065  2.60872    
16 'point symmetry operation' ?     ?     0.04599990 0.39328795  -0.91826382 -123.66586 0.89421742  -0.42594751 -0.13763606 -92.89001  -0.44526291 -0.81479634 -0.37127839 -78.57311  
17 'point symmetry operation' ?     ?     0.34555518 0.93839750  0.00139509  -52.02832  -0.05516780 0.02179888  -0.99823926 -155.59134 -0.93677550 0.34486989  0.05930194  -5.67635   
18 'point symmetry operation' ?     ?     0.99847664 0.04112871  0.03677636  -85.83387  -0.03907281 0.99772303  -0.05496894 -66.91910  -0.03895365 0.05344809  0.99781033  67.61557   
19 'point symmetry operation' ?     ?     0.42244026 -0.12403017 -0.89786471 -174.21867 0.90349683  0.13671930  0.40620409  -63.46335  0.07237408  -0.98281473 0.16981644  -13.33851  
20 'point symmetry operation' ?     ?     0.01344277 0.84317539  -0.53747015 -134.04857 0.48826864  -0.47461079 -0.73235084 -175.29625 -0.87258962 -0.25258519 -0.41807598 -29.37198  
21 'point symmetry operation' ?     ?     0.76267047 0.59876873  0.24456142  -93.73638  -0.27847207 0.64526266  -0.71140016 -153.09308 -0.58377015 0.47446063  0.65886287  81.34968   
22 'point symmetry operation' ?     ?     0.85440562 -0.26494238 -0.44698651 -182.03895 0.46143455  0.78237954  0.41828337  -72.35949  0.23889237  -0.56363849 0.79072284  73.47609   
23 'point symmetry operation' ?     ?     0.06633254 0.34520510  -0.93618007 -216.02157 0.91485962  -0.39555625 -0.08103493 -150.44643 -0.39828577 -0.85109825 -0.34205229 -10.93310   
# 
_pdbx_entry_details.entry_id                   8JN6 
_pdbx_entry_details.compound_details           ? 
_pdbx_entry_details.source_details             ? 
_pdbx_entry_details.nonpolymer_details         ? 
_pdbx_entry_details.sequence_details           ? 
_pdbx_entry_details.has_ligand_of_interest     ? 
_pdbx_entry_details.has_protein_modification   N 
# 
_em_3d_fitting.id                1 
_em_3d_fitting.entry_id          8JN6 
_em_3d_fitting.method            ? 
_em_3d_fitting.target_criteria   ? 
_em_3d_fitting.details           ? 
_em_3d_fitting.overall_b_value   ? 
_em_3d_fitting.ref_space         REAL 
_em_3d_fitting.ref_protocol      'FLEXIBLE FIT' 
# 
loop_
_em_3d_fitting_list.id 
_em_3d_fitting_list.3d_fitting_id 
_em_3d_fitting_list.pdb_entry_id 
_em_3d_fitting_list.pdb_chain_id 
_em_3d_fitting_list.pdb_chain_residue_range 
_em_3d_fitting_list.details 
_em_3d_fitting_list.chain_id 
_em_3d_fitting_list.chain_residue_range 
_em_3d_fitting_list.source_name 
_em_3d_fitting_list.type 
_em_3d_fitting_list.accession_code 
_em_3d_fitting_list.initial_refinement_model_id 
1 1 3J6S ? ? ? ? ? PDB 'experimental model' 3J6S 1 
2 1 3ZTJ ? ? ? ? ? PDB 'experimental model' 3ZTJ 2 
3 1 5CHN ? ? ? ? ? PDB 'experimental model' 5CHN 3 
# 
_em_3d_reconstruction.entry_id                    8JN6 
_em_3d_reconstruction.id                          1 
_em_3d_reconstruction.method                      ? 
_em_3d_reconstruction.algorithm                   ? 
_em_3d_reconstruction.citation_id                 ? 
_em_3d_reconstruction.details                     ? 
_em_3d_reconstruction.resolution                  9.8 
_em_3d_reconstruction.resolution_method           'FSC 0.143 CUT-OFF' 
_em_3d_reconstruction.magnification_calibration   ? 
_em_3d_reconstruction.nominal_pixel_size          ? 
_em_3d_reconstruction.actual_pixel_size           ? 
_em_3d_reconstruction.num_particles               12156 
_em_3d_reconstruction.euler_angles_details        ? 
_em_3d_reconstruction.num_class_averages          ? 
_em_3d_reconstruction.refinement_type             ? 
_em_3d_reconstruction.image_processing_id         1 
_em_3d_reconstruction.symmetry_type               HELICAL 
# 
_em_buffer.id            1 
_em_buffer.specimen_id   1 
_em_buffer.name          ? 
_em_buffer.details       'NTE buffer (12 mM Tris-HCl pH 8.0, 120 mM NaCl and 1 mM EDTA)' 
_em_buffer.pH            8 
# 
loop_
_em_entity_assembly.id 
_em_entity_assembly.parent_id 
_em_entity_assembly.source 
_em_entity_assembly.type 
_em_entity_assembly.name 
_em_entity_assembly.details 
_em_entity_assembly.synonym 
_em_entity_assembly.oligomeric_details 
_em_entity_assembly.entity_id_list 
1 0 'MULTIPLE SOURCES' COMPLEX 'Dengue virus serotype 3 strain CH53489 in complex with human antibody DENV-290 Fab at 37 deg C' ? 
? ? '1, 2, 3' 
2 1 RECOMBINANT        COMPLEX 'Dengue virus serotype 3 strain CH53489'                                                         ? 
? ? 1         
3 1 RECOMBINANT        COMPLEX 'Human antibody DENV-290 Fab (heavy and light chain)'                                            ? 
? ? '2, 3'    
# 
_em_imaging.entry_id                        8JN6 
_em_imaging.id                              1 
_em_imaging.astigmatism                     ? 
_em_imaging.electron_beam_tilt_params       ? 
_em_imaging.residual_tilt                   ? 
_em_imaging.microscope_model                'FEI TITAN KRIOS' 
_em_imaging.specimen_holder_type            ? 
_em_imaging.specimen_holder_model           ? 
_em_imaging.details                         ? 
_em_imaging.date                            ? 
_em_imaging.accelerating_voltage            300 
_em_imaging.illumination_mode               'FLOOD BEAM' 
_em_imaging.mode                            'BRIGHT FIELD' 
_em_imaging.nominal_cs                      ? 
_em_imaging.nominal_defocus_min             500 
_em_imaging.nominal_defocus_max             5000 
_em_imaging.calibrated_defocus_min          ? 
_em_imaging.calibrated_defocus_max          ? 
_em_imaging.tilt_angle_min                  ? 
_em_imaging.tilt_angle_max                  ? 
_em_imaging.nominal_magnification           ? 
_em_imaging.calibrated_magnification        ? 
_em_imaging.electron_source                 'FIELD EMISSION GUN' 
_em_imaging.citation_id                     ? 
_em_imaging.temperature                     ? 
_em_imaging.detector_distance               ? 
_em_imaging.recording_temperature_minimum   ? 
_em_imaging.recording_temperature_maximum   ? 
_em_imaging.alignment_procedure             ? 
_em_imaging.c2_aperture_diameter            ? 
_em_imaging.specimen_id                     1 
_em_imaging.cryogen                         ? 
# 
loop_
_em_virus_entity.id 
_em_virus_entity.virus_host_category 
_em_virus_entity.virus_type 
_em_virus_entity.virus_isolate 
_em_virus_entity.entity_assembly_id 
_em_virus_entity.enveloped 
_em_virus_entity.empty 
_em_virus_entity.details 
1 ? VIRION STRAIN 1 YES NO ? 
2 ? ?      ?      2 ?   ?  ? 
3 ? ?      ?      3 ?   ?  ? 
# 
_em_vitrification.entry_id              8JN6 
_em_vitrification.id                    1 
_em_vitrification.specimen_id           1 
_em_vitrification.cryogen_name          ETHANE 
_em_vitrification.humidity              ? 
_em_vitrification.temp                  ? 
_em_vitrification.chamber_temperature   ? 
_em_vitrification.instrument            ? 
_em_vitrification.method                ? 
_em_vitrification.time_resolved_state   ? 
_em_vitrification.citation_id           ? 
_em_vitrification.details               ? 
# 
_em_experiment.entry_id                8JN6 
_em_experiment.id                      1 
_em_experiment.reconstruction_method   HELICAL 
_em_experiment.aggregation_state       PARTICLE 
_em_experiment.entity_assembly_id      1 
# 
loop_
_pdbx_unobs_or_zero_occ_residues.id 
_pdbx_unobs_or_zero_occ_residues.PDB_model_num 
_pdbx_unobs_or_zero_occ_residues.polymer_flag 
_pdbx_unobs_or_zero_occ_residues.occupancy_flag 
_pdbx_unobs_or_zero_occ_residues.auth_asym_id 
_pdbx_unobs_or_zero_occ_residues.auth_comp_id 
_pdbx_unobs_or_zero_occ_residues.auth_seq_id 
_pdbx_unobs_or_zero_occ_residues.PDB_ins_code 
_pdbx_unobs_or_zero_occ_residues.label_asym_id 
_pdbx_unobs_or_zero_occ_residues.label_comp_id 
_pdbx_unobs_or_zero_occ_residues.label_seq_id 
1   1 Y 1 C SER 395 ? A SER 395 
2   1 Y 1 C ILE 396 ? A ILE 396 
3   1 Y 1 C GLY 397 ? A GLY 397 
4   1 Y 1 C LYS 398 ? A LYS 398 
5   1 Y 1 C MET 399 ? A MET 399 
6   1 Y 1 C PHE 400 ? A PHE 400 
7   1 Y 1 C GLU 401 ? A GLU 401 
8   1 Y 1 C ALA 402 ? A ALA 402 
9   1 Y 1 C THR 403 ? A THR 403 
10  1 Y 1 C ALA 404 ? A ALA 404 
11  1 Y 1 C ARG 405 ? A ARG 405 
12  1 Y 1 C GLY 406 ? A GLY 406 
13  1 Y 1 C ALA 407 ? A ALA 407 
14  1 Y 1 C ARG 408 ? A ARG 408 
15  1 Y 1 C ARG 409 ? A ARG 409 
16  1 Y 1 C MET 410 ? A MET 410 
17  1 Y 1 C ALA 411 ? A ALA 411 
18  1 Y 1 C ILE 412 ? A ILE 412 
19  1 Y 1 C LEU 413 ? A LEU 413 
20  1 Y 1 C GLY 414 ? A GLY 414 
21  1 Y 1 C ASP 415 ? A ASP 415 
22  1 Y 1 C THR 416 ? A THR 416 
23  1 Y 1 C ALA 417 ? A ALA 417 
24  1 Y 1 C TRP 418 ? A TRP 418 
25  1 Y 1 C ASP 419 ? A ASP 419 
26  1 Y 1 C PHE 420 ? A PHE 420 
27  1 Y 1 C GLY 421 ? A GLY 421 
28  1 Y 1 C SER 422 ? A SER 422 
29  1 Y 1 C VAL 423 ? A VAL 423 
30  1 Y 1 C GLY 424 ? A GLY 424 
31  1 Y 1 C GLY 425 ? A GLY 425 
32  1 Y 1 C VAL 426 ? A VAL 426 
33  1 Y 1 C LEU 427 ? A LEU 427 
34  1 Y 1 C ASN 428 ? A ASN 428 
35  1 Y 1 C SER 429 ? A SER 429 
36  1 Y 1 C LEU 430 ? A LEU 430 
37  1 Y 1 C GLY 431 ? A GLY 431 
38  1 Y 1 C LYS 432 ? A LYS 432 
39  1 Y 1 C MET 433 ? A MET 433 
40  1 Y 1 C VAL 434 ? A VAL 434 
41  1 Y 1 C HIS 435 ? A HIS 435 
42  1 Y 1 C GLN 436 ? A GLN 436 
43  1 Y 1 C ILE 437 ? A ILE 437 
44  1 Y 1 C PHE 438 ? A PHE 438 
45  1 Y 1 C GLY 439 ? A GLY 439 
46  1 Y 1 C SER 440 ? A SER 440 
47  1 Y 1 C ALA 441 ? A ALA 441 
48  1 Y 1 C TYR 442 ? A TYR 442 
49  1 Y 1 C THR 443 ? A THR 443 
50  1 Y 1 C ALA 444 ? A ALA 444 
51  1 Y 1 C LEU 445 ? A LEU 445 
52  1 Y 1 C PHE 446 ? A PHE 446 
53  1 Y 1 C SER 447 ? A SER 447 
54  1 Y 1 C GLY 448 ? A GLY 448 
55  1 Y 1 C VAL 449 ? A VAL 449 
56  1 Y 1 C SER 450 ? A SER 450 
57  1 Y 1 C TRP 451 ? A TRP 451 
58  1 Y 1 C ILE 452 ? A ILE 452 
59  1 Y 1 C MET 453 ? A MET 453 
60  1 Y 1 C LYS 454 ? A LYS 454 
61  1 Y 1 C ILE 455 ? A ILE 455 
62  1 Y 1 C GLY 456 ? A GLY 456 
63  1 Y 1 C ILE 457 ? A ILE 457 
64  1 Y 1 C GLY 458 ? A GLY 458 
65  1 Y 1 C VAL 459 ? A VAL 459 
66  1 Y 1 C LEU 460 ? A LEU 460 
67  1 Y 1 C LEU 461 ? A LEU 461 
68  1 Y 1 C THR 462 ? A THR 462 
69  1 Y 1 C TRP 463 ? A TRP 463 
70  1 Y 1 C ILE 464 ? A ILE 464 
71  1 Y 1 C GLY 465 ? A GLY 465 
72  1 Y 1 C LEU 466 ? A LEU 466 
73  1 Y 1 C ASN 467 ? A ASN 467 
74  1 Y 1 C SER 468 ? A SER 468 
75  1 Y 1 C LYS 469 ? A LYS 469 
76  1 Y 1 C ASN 470 ? A ASN 470 
77  1 Y 1 C THR 471 ? A THR 471 
78  1 Y 1 C SER 472 ? A SER 472 
79  1 Y 1 C MET 473 ? A MET 473 
80  1 Y 1 C SER 474 ? A SER 474 
81  1 Y 1 C PHE 475 ? A PHE 475 
82  1 Y 1 C SER 476 ? A SER 476 
83  1 Y 1 C CYS 477 ? A CYS 477 
84  1 Y 1 C ILE 478 ? A ILE 478 
85  1 Y 1 C ALA 479 ? A ALA 479 
86  1 Y 1 C ILE 480 ? A ILE 480 
87  1 Y 1 C GLY 481 ? A GLY 481 
88  1 Y 1 C ILE 482 ? A ILE 482 
89  1 Y 1 C ILE 483 ? A ILE 483 
90  1 Y 1 C THR 484 ? A THR 484 
91  1 Y 1 C LEU 485 ? A LEU 485 
92  1 Y 1 C TYR 486 ? A TYR 486 
93  1 Y 1 C LEU 487 ? A LEU 487 
94  1 Y 1 C GLY 488 ? A GLY 488 
95  1 Y 1 C ALA 489 ? A ALA 489 
96  1 Y 1 C VAL 490 ? A VAL 490 
97  1 Y 1 C VAL 491 ? A VAL 491 
98  1 Y 1 C GLN 492 ? A GLN 492 
99  1 Y 1 C ALA 493 ? A ALA 493 
100 1 Y 1 E SER 395 ? B SER 395 
101 1 Y 1 E ILE 396 ? B ILE 396 
102 1 Y 1 E GLY 397 ? B GLY 397 
103 1 Y 1 E LYS 398 ? B LYS 398 
104 1 Y 1 E MET 399 ? B MET 399 
105 1 Y 1 E PHE 400 ? B PHE 400 
106 1 Y 1 E GLU 401 ? B GLU 401 
107 1 Y 1 E ALA 402 ? B ALA 402 
108 1 Y 1 E THR 403 ? B THR 403 
109 1 Y 1 E ALA 404 ? B ALA 404 
110 1 Y 1 E ARG 405 ? B ARG 405 
111 1 Y 1 E GLY 406 ? B GLY 406 
112 1 Y 1 E ALA 407 ? B ALA 407 
113 1 Y 1 E ARG 408 ? B ARG 408 
114 1 Y 1 E ARG 409 ? B ARG 409 
115 1 Y 1 E MET 410 ? B MET 410 
116 1 Y 1 E ALA 411 ? B ALA 411 
117 1 Y 1 E ILE 412 ? B ILE 412 
118 1 Y 1 E LEU 413 ? B LEU 413 
119 1 Y 1 E GLY 414 ? B GLY 414 
120 1 Y 1 E ASP 415 ? B ASP 415 
121 1 Y 1 E THR 416 ? B THR 416 
122 1 Y 1 E ALA 417 ? B ALA 417 
123 1 Y 1 E TRP 418 ? B TRP 418 
124 1 Y 1 E ASP 419 ? B ASP 419 
125 1 Y 1 E PHE 420 ? B PHE 420 
126 1 Y 1 E GLY 421 ? B GLY 421 
127 1 Y 1 E SER 422 ? B SER 422 
128 1 Y 1 E VAL 423 ? B VAL 423 
129 1 Y 1 E GLY 424 ? B GLY 424 
130 1 Y 1 E GLY 425 ? B GLY 425 
131 1 Y 1 E VAL 426 ? B VAL 426 
132 1 Y 1 E LEU 427 ? B LEU 427 
133 1 Y 1 E ASN 428 ? B ASN 428 
134 1 Y 1 E SER 429 ? B SER 429 
135 1 Y 1 E LEU 430 ? B LEU 430 
136 1 Y 1 E GLY 431 ? B GLY 431 
137 1 Y 1 E LYS 432 ? B LYS 432 
138 1 Y 1 E MET 433 ? B MET 433 
139 1 Y 1 E VAL 434 ? B VAL 434 
140 1 Y 1 E HIS 435 ? B HIS 435 
141 1 Y 1 E GLN 436 ? B GLN 436 
142 1 Y 1 E ILE 437 ? B ILE 437 
143 1 Y 1 E PHE 438 ? B PHE 438 
144 1 Y 1 E GLY 439 ? B GLY 439 
145 1 Y 1 E SER 440 ? B SER 440 
146 1 Y 1 E ALA 441 ? B ALA 441 
147 1 Y 1 E TYR 442 ? B TYR 442 
148 1 Y 1 E THR 443 ? B THR 443 
149 1 Y 1 E ALA 444 ? B ALA 444 
150 1 Y 1 E LEU 445 ? B LEU 445 
151 1 Y 1 E PHE 446 ? B PHE 446 
152 1 Y 1 E SER 447 ? B SER 447 
153 1 Y 1 E GLY 448 ? B GLY 448 
154 1 Y 1 E VAL 449 ? B VAL 449 
155 1 Y 1 E SER 450 ? B SER 450 
156 1 Y 1 E TRP 451 ? B TRP 451 
157 1 Y 1 E ILE 452 ? B ILE 452 
158 1 Y 1 E MET 453 ? B MET 453 
159 1 Y 1 E LYS 454 ? B LYS 454 
160 1 Y 1 E ILE 455 ? B ILE 455 
161 1 Y 1 E GLY 456 ? B GLY 456 
162 1 Y 1 E ILE 457 ? B ILE 457 
163 1 Y 1 E GLY 458 ? B GLY 458 
164 1 Y 1 E VAL 459 ? B VAL 459 
165 1 Y 1 E LEU 460 ? B LEU 460 
166 1 Y 1 E LEU 461 ? B LEU 461 
167 1 Y 1 E THR 462 ? B THR 462 
168 1 Y 1 E TRP 463 ? B TRP 463 
169 1 Y 1 E ILE 464 ? B ILE 464 
170 1 Y 1 E GLY 465 ? B GLY 465 
171 1 Y 1 E LEU 466 ? B LEU 466 
172 1 Y 1 E ASN 467 ? B ASN 467 
173 1 Y 1 E SER 468 ? B SER 468 
174 1 Y 1 E LYS 469 ? B LYS 469 
175 1 Y 1 E ASN 470 ? B ASN 470 
176 1 Y 1 E THR 471 ? B THR 471 
177 1 Y 1 E SER 472 ? B SER 472 
178 1 Y 1 E MET 473 ? B MET 473 
179 1 Y 1 E SER 474 ? B SER 474 
180 1 Y 1 E PHE 475 ? B PHE 475 
181 1 Y 1 E SER 476 ? B SER 476 
182 1 Y 1 E CYS 477 ? B CYS 477 
183 1 Y 1 E ILE 478 ? B ILE 478 
184 1 Y 1 E ALA 479 ? B ALA 479 
185 1 Y 1 E ILE 480 ? B ILE 480 
186 1 Y 1 E GLY 481 ? B GLY 481 
187 1 Y 1 E ILE 482 ? B ILE 482 
188 1 Y 1 E ILE 483 ? B ILE 483 
189 1 Y 1 E THR 484 ? B THR 484 
190 1 Y 1 E LEU 485 ? B LEU 485 
191 1 Y 1 E TYR 486 ? B TYR 486 
192 1 Y 1 E LEU 487 ? B LEU 487 
193 1 Y 1 E GLY 488 ? B GLY 488 
194 1 Y 1 E ALA 489 ? B ALA 489 
195 1 Y 1 E VAL 490 ? B VAL 490 
196 1 Y 1 E VAL 491 ? B VAL 491 
197 1 Y 1 E GLN 492 ? B GLN 492 
198 1 Y 1 E ALA 493 ? B ALA 493 
199 1 Y 1 L HIS 1   ? D HIS 1   
# 
loop_
_chem_comp_atom.comp_id 
_chem_comp_atom.atom_id 
_chem_comp_atom.type_symbol 
_chem_comp_atom.pdbx_aromatic_flag 
_chem_comp_atom.pdbx_stereo_config 
_chem_comp_atom.pdbx_ordinal 
ALA N    N N N 1   
ALA CA   C N S 2   
ALA C    C N N 3   
ALA O    O N N 4   
ALA CB   C N N 5   
ALA OXT  O N N 6   
ALA H    H N N 7   
ALA H2   H N N 8   
ALA HA   H N N 9   
ALA HB1  H N N 10  
ALA HB2  H N N 11  
ALA HB3  H N N 12  
ALA HXT  H N N 13  
ARG N    N N N 14  
ARG CA   C N S 15  
ARG C    C N N 16  
ARG O    O N N 17  
ARG CB   C N N 18  
ARG CG   C N N 19  
ARG CD   C N N 20  
ARG NE   N N N 21  
ARG CZ   C N N 22  
ARG NH1  N N N 23  
ARG NH2  N N N 24  
ARG OXT  O N N 25  
ARG H    H N N 26  
ARG H2   H N N 27  
ARG HA   H N N 28  
ARG HB2  H N N 29  
ARG HB3  H N N 30  
ARG HG2  H N N 31  
ARG HG3  H N N 32  
ARG HD2  H N N 33  
ARG HD3  H N N 34  
ARG HE   H N N 35  
ARG HH11 H N N 36  
ARG HH12 H N N 37  
ARG HH21 H N N 38  
ARG HH22 H N N 39  
ARG HXT  H N N 40  
ASN N    N N N 41  
ASN CA   C N S 42  
ASN C    C N N 43  
ASN O    O N N 44  
ASN CB   C N N 45  
ASN CG   C N N 46  
ASN OD1  O N N 47  
ASN ND2  N N N 48  
ASN OXT  O N N 49  
ASN H    H N N 50  
ASN H2   H N N 51  
ASN HA   H N N 52  
ASN HB2  H N N 53  
ASN HB3  H N N 54  
ASN HD21 H N N 55  
ASN HD22 H N N 56  
ASN HXT  H N N 57  
ASP N    N N N 58  
ASP CA   C N S 59  
ASP C    C N N 60  
ASP O    O N N 61  
ASP CB   C N N 62  
ASP CG   C N N 63  
ASP OD1  O N N 64  
ASP OD2  O N N 65  
ASP OXT  O N N 66  
ASP H    H N N 67  
ASP H2   H N N 68  
ASP HA   H N N 69  
ASP HB2  H N N 70  
ASP HB3  H N N 71  
ASP HD2  H N N 72  
ASP HXT  H N N 73  
CYS N    N N N 74  
CYS CA   C N R 75  
CYS C    C N N 76  
CYS O    O N N 77  
CYS CB   C N N 78  
CYS SG   S N N 79  
CYS OXT  O N N 80  
CYS H    H N N 81  
CYS H2   H N N 82  
CYS HA   H N N 83  
CYS HB2  H N N 84  
CYS HB3  H N N 85  
CYS HG   H N N 86  
CYS HXT  H N N 87  
GLN N    N N N 88  
GLN CA   C N S 89  
GLN C    C N N 90  
GLN O    O N N 91  
GLN CB   C N N 92  
GLN CG   C N N 93  
GLN CD   C N N 94  
GLN OE1  O N N 95  
GLN NE2  N N N 96  
GLN OXT  O N N 97  
GLN H    H N N 98  
GLN H2   H N N 99  
GLN HA   H N N 100 
GLN HB2  H N N 101 
GLN HB3  H N N 102 
GLN HG2  H N N 103 
GLN HG3  H N N 104 
GLN HE21 H N N 105 
GLN HE22 H N N 106 
GLN HXT  H N N 107 
GLU N    N N N 108 
GLU CA   C N S 109 
GLU C    C N N 110 
GLU O    O N N 111 
GLU CB   C N N 112 
GLU CG   C N N 113 
GLU CD   C N N 114 
GLU OE1  O N N 115 
GLU OE2  O N N 116 
GLU OXT  O N N 117 
GLU H    H N N 118 
GLU H2   H N N 119 
GLU HA   H N N 120 
GLU HB2  H N N 121 
GLU HB3  H N N 122 
GLU HG2  H N N 123 
GLU HG3  H N N 124 
GLU HE2  H N N 125 
GLU HXT  H N N 126 
GLY N    N N N 127 
GLY CA   C N N 128 
GLY C    C N N 129 
GLY O    O N N 130 
GLY OXT  O N N 131 
GLY H    H N N 132 
GLY H2   H N N 133 
GLY HA2  H N N 134 
GLY HA3  H N N 135 
GLY HXT  H N N 136 
HIS N    N N N 137 
HIS CA   C N S 138 
HIS C    C N N 139 
HIS O    O N N 140 
HIS CB   C N N 141 
HIS CG   C Y N 142 
HIS ND1  N Y N 143 
HIS CD2  C Y N 144 
HIS CE1  C Y N 145 
HIS NE2  N Y N 146 
HIS OXT  O N N 147 
HIS H    H N N 148 
HIS H2   H N N 149 
HIS HA   H N N 150 
HIS HB2  H N N 151 
HIS HB3  H N N 152 
HIS HD1  H N N 153 
HIS HD2  H N N 154 
HIS HE1  H N N 155 
HIS HE2  H N N 156 
HIS HXT  H N N 157 
ILE N    N N N 158 
ILE CA   C N S 159 
ILE C    C N N 160 
ILE O    O N N 161 
ILE CB   C N S 162 
ILE CG1  C N N 163 
ILE CG2  C N N 164 
ILE CD1  C N N 165 
ILE OXT  O N N 166 
ILE H    H N N 167 
ILE H2   H N N 168 
ILE HA   H N N 169 
ILE HB   H N N 170 
ILE HG12 H N N 171 
ILE HG13 H N N 172 
ILE HG21 H N N 173 
ILE HG22 H N N 174 
ILE HG23 H N N 175 
ILE HD11 H N N 176 
ILE HD12 H N N 177 
ILE HD13 H N N 178 
ILE HXT  H N N 179 
LEU N    N N N 180 
LEU CA   C N S 181 
LEU C    C N N 182 
LEU O    O N N 183 
LEU CB   C N N 184 
LEU CG   C N N 185 
LEU CD1  C N N 186 
LEU CD2  C N N 187 
LEU OXT  O N N 188 
LEU H    H N N 189 
LEU H2   H N N 190 
LEU HA   H N N 191 
LEU HB2  H N N 192 
LEU HB3  H N N 193 
LEU HG   H N N 194 
LEU HD11 H N N 195 
LEU HD12 H N N 196 
LEU HD13 H N N 197 
LEU HD21 H N N 198 
LEU HD22 H N N 199 
LEU HD23 H N N 200 
LEU HXT  H N N 201 
LYS N    N N N 202 
LYS CA   C N S 203 
LYS C    C N N 204 
LYS O    O N N 205 
LYS CB   C N N 206 
LYS CG   C N N 207 
LYS CD   C N N 208 
LYS CE   C N N 209 
LYS NZ   N N N 210 
LYS OXT  O N N 211 
LYS H    H N N 212 
LYS H2   H N N 213 
LYS HA   H N N 214 
LYS HB2  H N N 215 
LYS HB3  H N N 216 
LYS HG2  H N N 217 
LYS HG3  H N N 218 
LYS HD2  H N N 219 
LYS HD3  H N N 220 
LYS HE2  H N N 221 
LYS HE3  H N N 222 
LYS HZ1  H N N 223 
LYS HZ2  H N N 224 
LYS HZ3  H N N 225 
LYS HXT  H N N 226 
MET N    N N N 227 
MET CA   C N S 228 
MET C    C N N 229 
MET O    O N N 230 
MET CB   C N N 231 
MET CG   C N N 232 
MET SD   S N N 233 
MET CE   C N N 234 
MET OXT  O N N 235 
MET H    H N N 236 
MET H2   H N N 237 
MET HA   H N N 238 
MET HB2  H N N 239 
MET HB3  H N N 240 
MET HG2  H N N 241 
MET HG3  H N N 242 
MET HE1  H N N 243 
MET HE2  H N N 244 
MET HE3  H N N 245 
MET HXT  H N N 246 
PHE N    N N N 247 
PHE CA   C N S 248 
PHE C    C N N 249 
PHE O    O N N 250 
PHE CB   C N N 251 
PHE CG   C Y N 252 
PHE CD1  C Y N 253 
PHE CD2  C Y N 254 
PHE CE1  C Y N 255 
PHE CE2  C Y N 256 
PHE CZ   C Y N 257 
PHE OXT  O N N 258 
PHE H    H N N 259 
PHE H2   H N N 260 
PHE HA   H N N 261 
PHE HB2  H N N 262 
PHE HB3  H N N 263 
PHE HD1  H N N 264 
PHE HD2  H N N 265 
PHE HE1  H N N 266 
PHE HE2  H N N 267 
PHE HZ   H N N 268 
PHE HXT  H N N 269 
PRO N    N N N 270 
PRO CA   C N S 271 
PRO C    C N N 272 
PRO O    O N N 273 
PRO CB   C N N 274 
PRO CG   C N N 275 
PRO CD   C N N 276 
PRO OXT  O N N 277 
PRO H    H N N 278 
PRO HA   H N N 279 
PRO HB2  H N N 280 
PRO HB3  H N N 281 
PRO HG2  H N N 282 
PRO HG3  H N N 283 
PRO HD2  H N N 284 
PRO HD3  H N N 285 
PRO HXT  H N N 286 
SER N    N N N 287 
SER CA   C N S 288 
SER C    C N N 289 
SER O    O N N 290 
SER CB   C N N 291 
SER OG   O N N 292 
SER OXT  O N N 293 
SER H    H N N 294 
SER H2   H N N 295 
SER HA   H N N 296 
SER HB2  H N N 297 
SER HB3  H N N 298 
SER HG   H N N 299 
SER HXT  H N N 300 
THR N    N N N 301 
THR CA   C N S 302 
THR C    C N N 303 
THR O    O N N 304 
THR CB   C N R 305 
THR OG1  O N N 306 
THR CG2  C N N 307 
THR OXT  O N N 308 
THR H    H N N 309 
THR H2   H N N 310 
THR HA   H N N 311 
THR HB   H N N 312 
THR HG1  H N N 313 
THR HG21 H N N 314 
THR HG22 H N N 315 
THR HG23 H N N 316 
THR HXT  H N N 317 
TRP N    N N N 318 
TRP CA   C N S 319 
TRP C    C N N 320 
TRP O    O N N 321 
TRP CB   C N N 322 
TRP CG   C Y N 323 
TRP CD1  C Y N 324 
TRP CD2  C Y N 325 
TRP NE1  N Y N 326 
TRP CE2  C Y N 327 
TRP CE3  C Y N 328 
TRP CZ2  C Y N 329 
TRP CZ3  C Y N 330 
TRP CH2  C Y N 331 
TRP OXT  O N N 332 
TRP H    H N N 333 
TRP H2   H N N 334 
TRP HA   H N N 335 
TRP HB2  H N N 336 
TRP HB3  H N N 337 
TRP HD1  H N N 338 
TRP HE1  H N N 339 
TRP HE3  H N N 340 
TRP HZ2  H N N 341 
TRP HZ3  H N N 342 
TRP HH2  H N N 343 
TRP HXT  H N N 344 
TYR N    N N N 345 
TYR CA   C N S 346 
TYR C    C N N 347 
TYR O    O N N 348 
TYR CB   C N N 349 
TYR CG   C Y N 350 
TYR CD1  C Y N 351 
TYR CD2  C Y N 352 
TYR CE1  C Y N 353 
TYR CE2  C Y N 354 
TYR CZ   C Y N 355 
TYR OH   O N N 356 
TYR OXT  O N N 357 
TYR H    H N N 358 
TYR H2   H N N 359 
TYR HA   H N N 360 
TYR HB2  H N N 361 
TYR HB3  H N N 362 
TYR HD1  H N N 363 
TYR HD2  H N N 364 
TYR HE1  H N N 365 
TYR HE2  H N N 366 
TYR HH   H N N 367 
TYR HXT  H N N 368 
VAL N    N N N 369 
VAL CA   C N S 370 
VAL C    C N N 371 
VAL O    O N N 372 
VAL CB   C N N 373 
VAL CG1  C N N 374 
VAL CG2  C N N 375 
VAL OXT  O N N 376 
VAL H    H N N 377 
VAL H2   H N N 378 
VAL HA   H N N 379 
VAL HB   H N N 380 
VAL HG11 H N N 381 
VAL HG12 H N N 382 
VAL HG13 H N N 383 
VAL HG21 H N N 384 
VAL HG22 H N N 385 
VAL HG23 H N N 386 
VAL HXT  H N N 387 
# 
loop_
_chem_comp_bond.comp_id 
_chem_comp_bond.atom_id_1 
_chem_comp_bond.atom_id_2 
_chem_comp_bond.value_order 
_chem_comp_bond.pdbx_aromatic_flag 
_chem_comp_bond.pdbx_stereo_config 
_chem_comp_bond.pdbx_ordinal 
ALA N   CA   sing N N 1   
ALA N   H    sing N N 2   
ALA N   H2   sing N N 3   
ALA CA  C    sing N N 4   
ALA CA  CB   sing N N 5   
ALA CA  HA   sing N N 6   
ALA C   O    doub N N 7   
ALA C   OXT  sing N N 8   
ALA CB  HB1  sing N N 9   
ALA CB  HB2  sing N N 10  
ALA CB  HB3  sing N N 11  
ALA OXT HXT  sing N N 12  
ARG N   CA   sing N N 13  
ARG N   H    sing N N 14  
ARG N   H2   sing N N 15  
ARG CA  C    sing N N 16  
ARG CA  CB   sing N N 17  
ARG CA  HA   sing N N 18  
ARG C   O    doub N N 19  
ARG C   OXT  sing N N 20  
ARG CB  CG   sing N N 21  
ARG CB  HB2  sing N N 22  
ARG CB  HB3  sing N N 23  
ARG CG  CD   sing N N 24  
ARG CG  HG2  sing N N 25  
ARG CG  HG3  sing N N 26  
ARG CD  NE   sing N N 27  
ARG CD  HD2  sing N N 28  
ARG CD  HD3  sing N N 29  
ARG NE  CZ   sing N N 30  
ARG NE  HE   sing N N 31  
ARG CZ  NH1  sing N N 32  
ARG CZ  NH2  doub N N 33  
ARG NH1 HH11 sing N N 34  
ARG NH1 HH12 sing N N 35  
ARG NH2 HH21 sing N N 36  
ARG NH2 HH22 sing N N 37  
ARG OXT HXT  sing N N 38  
ASN N   CA   sing N N 39  
ASN N   H    sing N N 40  
ASN N   H2   sing N N 41  
ASN CA  C    sing N N 42  
ASN CA  CB   sing N N 43  
ASN CA  HA   sing N N 44  
ASN C   O    doub N N 45  
ASN C   OXT  sing N N 46  
ASN CB  CG   sing N N 47  
ASN CB  HB2  sing N N 48  
ASN CB  HB3  sing N N 49  
ASN CG  OD1  doub N N 50  
ASN CG  ND2  sing N N 51  
ASN ND2 HD21 sing N N 52  
ASN ND2 HD22 sing N N 53  
ASN OXT HXT  sing N N 54  
ASP N   CA   sing N N 55  
ASP N   H    sing N N 56  
ASP N   H2   sing N N 57  
ASP CA  C    sing N N 58  
ASP CA  CB   sing N N 59  
ASP CA  HA   sing N N 60  
ASP C   O    doub N N 61  
ASP C   OXT  sing N N 62  
ASP CB  CG   sing N N 63  
ASP CB  HB2  sing N N 64  
ASP CB  HB3  sing N N 65  
ASP CG  OD1  doub N N 66  
ASP CG  OD2  sing N N 67  
ASP OD2 HD2  sing N N 68  
ASP OXT HXT  sing N N 69  
CYS N   CA   sing N N 70  
CYS N   H    sing N N 71  
CYS N   H2   sing N N 72  
CYS CA  C    sing N N 73  
CYS CA  CB   sing N N 74  
CYS CA  HA   sing N N 75  
CYS C   O    doub N N 76  
CYS C   OXT  sing N N 77  
CYS CB  SG   sing N N 78  
CYS CB  HB2  sing N N 79  
CYS CB  HB3  sing N N 80  
CYS SG  HG   sing N N 81  
CYS OXT HXT  sing N N 82  
GLN N   CA   sing N N 83  
GLN N   H    sing N N 84  
GLN N   H2   sing N N 85  
GLN CA  C    sing N N 86  
GLN CA  CB   sing N N 87  
GLN CA  HA   sing N N 88  
GLN C   O    doub N N 89  
GLN C   OXT  sing N N 90  
GLN CB  CG   sing N N 91  
GLN CB  HB2  sing N N 92  
GLN CB  HB3  sing N N 93  
GLN CG  CD   sing N N 94  
GLN CG  HG2  sing N N 95  
GLN CG  HG3  sing N N 96  
GLN CD  OE1  doub N N 97  
GLN CD  NE2  sing N N 98  
GLN NE2 HE21 sing N N 99  
GLN NE2 HE22 sing N N 100 
GLN OXT HXT  sing N N 101 
GLU N   CA   sing N N 102 
GLU N   H    sing N N 103 
GLU N   H2   sing N N 104 
GLU CA  C    sing N N 105 
GLU CA  CB   sing N N 106 
GLU CA  HA   sing N N 107 
GLU C   O    doub N N 108 
GLU C   OXT  sing N N 109 
GLU CB  CG   sing N N 110 
GLU CB  HB2  sing N N 111 
GLU CB  HB3  sing N N 112 
GLU CG  CD   sing N N 113 
GLU CG  HG2  sing N N 114 
GLU CG  HG3  sing N N 115 
GLU CD  OE1  doub N N 116 
GLU CD  OE2  sing N N 117 
GLU OE2 HE2  sing N N 118 
GLU OXT HXT  sing N N 119 
GLY N   CA   sing N N 120 
GLY N   H    sing N N 121 
GLY N   H2   sing N N 122 
GLY CA  C    sing N N 123 
GLY CA  HA2  sing N N 124 
GLY CA  HA3  sing N N 125 
GLY C   O    doub N N 126 
GLY C   OXT  sing N N 127 
GLY OXT HXT  sing N N 128 
HIS N   CA   sing N N 129 
HIS N   H    sing N N 130 
HIS N   H2   sing N N 131 
HIS CA  C    sing N N 132 
HIS CA  CB   sing N N 133 
HIS CA  HA   sing N N 134 
HIS C   O    doub N N 135 
HIS C   OXT  sing N N 136 
HIS CB  CG   sing N N 137 
HIS CB  HB2  sing N N 138 
HIS CB  HB3  sing N N 139 
HIS CG  ND1  sing Y N 140 
HIS CG  CD2  doub Y N 141 
HIS ND1 CE1  doub Y N 142 
HIS ND1 HD1  sing N N 143 
HIS CD2 NE2  sing Y N 144 
HIS CD2 HD2  sing N N 145 
HIS CE1 NE2  sing Y N 146 
HIS CE1 HE1  sing N N 147 
HIS NE2 HE2  sing N N 148 
HIS OXT HXT  sing N N 149 
ILE N   CA   sing N N 150 
ILE N   H    sing N N 151 
ILE N   H2   sing N N 152 
ILE CA  C    sing N N 153 
ILE CA  CB   sing N N 154 
ILE CA  HA   sing N N 155 
ILE C   O    doub N N 156 
ILE C   OXT  sing N N 157 
ILE CB  CG1  sing N N 158 
ILE CB  CG2  sing N N 159 
ILE CB  HB   sing N N 160 
ILE CG1 CD1  sing N N 161 
ILE CG1 HG12 sing N N 162 
ILE CG1 HG13 sing N N 163 
ILE CG2 HG21 sing N N 164 
ILE CG2 HG22 sing N N 165 
ILE CG2 HG23 sing N N 166 
ILE CD1 HD11 sing N N 167 
ILE CD1 HD12 sing N N 168 
ILE CD1 HD13 sing N N 169 
ILE OXT HXT  sing N N 170 
LEU N   CA   sing N N 171 
LEU N   H    sing N N 172 
LEU N   H2   sing N N 173 
LEU CA  C    sing N N 174 
LEU CA  CB   sing N N 175 
LEU CA  HA   sing N N 176 
LEU C   O    doub N N 177 
LEU C   OXT  sing N N 178 
LEU CB  CG   sing N N 179 
LEU CB  HB2  sing N N 180 
LEU CB  HB3  sing N N 181 
LEU CG  CD1  sing N N 182 
LEU CG  CD2  sing N N 183 
LEU CG  HG   sing N N 184 
LEU CD1 HD11 sing N N 185 
LEU CD1 HD12 sing N N 186 
LEU CD1 HD13 sing N N 187 
LEU CD2 HD21 sing N N 188 
LEU CD2 HD22 sing N N 189 
LEU CD2 HD23 sing N N 190 
LEU OXT HXT  sing N N 191 
LYS N   CA   sing N N 192 
LYS N   H    sing N N 193 
LYS N   H2   sing N N 194 
LYS CA  C    sing N N 195 
LYS CA  CB   sing N N 196 
LYS CA  HA   sing N N 197 
LYS C   O    doub N N 198 
LYS C   OXT  sing N N 199 
LYS CB  CG   sing N N 200 
LYS CB  HB2  sing N N 201 
LYS CB  HB3  sing N N 202 
LYS CG  CD   sing N N 203 
LYS CG  HG2  sing N N 204 
LYS CG  HG3  sing N N 205 
LYS CD  CE   sing N N 206 
LYS CD  HD2  sing N N 207 
LYS CD  HD3  sing N N 208 
LYS CE  NZ   sing N N 209 
LYS CE  HE2  sing N N 210 
LYS CE  HE3  sing N N 211 
LYS NZ  HZ1  sing N N 212 
LYS NZ  HZ2  sing N N 213 
LYS NZ  HZ3  sing N N 214 
LYS OXT HXT  sing N N 215 
MET N   CA   sing N N 216 
MET N   H    sing N N 217 
MET N   H2   sing N N 218 
MET CA  C    sing N N 219 
MET CA  CB   sing N N 220 
MET CA  HA   sing N N 221 
MET C   O    doub N N 222 
MET C   OXT  sing N N 223 
MET CB  CG   sing N N 224 
MET CB  HB2  sing N N 225 
MET CB  HB3  sing N N 226 
MET CG  SD   sing N N 227 
MET CG  HG2  sing N N 228 
MET CG  HG3  sing N N 229 
MET SD  CE   sing N N 230 
MET CE  HE1  sing N N 231 
MET CE  HE2  sing N N 232 
MET CE  HE3  sing N N 233 
MET OXT HXT  sing N N 234 
PHE N   CA   sing N N 235 
PHE N   H    sing N N 236 
PHE N   H2   sing N N 237 
PHE CA  C    sing N N 238 
PHE CA  CB   sing N N 239 
PHE CA  HA   sing N N 240 
PHE C   O    doub N N 241 
PHE C   OXT  sing N N 242 
PHE CB  CG   sing N N 243 
PHE CB  HB2  sing N N 244 
PHE CB  HB3  sing N N 245 
PHE CG  CD1  doub Y N 246 
PHE CG  CD2  sing Y N 247 
PHE CD1 CE1  sing Y N 248 
PHE CD1 HD1  sing N N 249 
PHE CD2 CE2  doub Y N 250 
PHE CD2 HD2  sing N N 251 
PHE CE1 CZ   doub Y N 252 
PHE CE1 HE1  sing N N 253 
PHE CE2 CZ   sing Y N 254 
PHE CE2 HE2  sing N N 255 
PHE CZ  HZ   sing N N 256 
PHE OXT HXT  sing N N 257 
PRO N   CA   sing N N 258 
PRO N   CD   sing N N 259 
PRO N   H    sing N N 260 
PRO CA  C    sing N N 261 
PRO CA  CB   sing N N 262 
PRO CA  HA   sing N N 263 
PRO C   O    doub N N 264 
PRO C   OXT  sing N N 265 
PRO CB  CG   sing N N 266 
PRO CB  HB2  sing N N 267 
PRO CB  HB3  sing N N 268 
PRO CG  CD   sing N N 269 
PRO CG  HG2  sing N N 270 
PRO CG  HG3  sing N N 271 
PRO CD  HD2  sing N N 272 
PRO CD  HD3  sing N N 273 
PRO OXT HXT  sing N N 274 
SER N   CA   sing N N 275 
SER N   H    sing N N 276 
SER N   H2   sing N N 277 
SER CA  C    sing N N 278 
SER CA  CB   sing N N 279 
SER CA  HA   sing N N 280 
SER C   O    doub N N 281 
SER C   OXT  sing N N 282 
SER CB  OG   sing N N 283 
SER CB  HB2  sing N N 284 
SER CB  HB3  sing N N 285 
SER OG  HG   sing N N 286 
SER OXT HXT  sing N N 287 
THR N   CA   sing N N 288 
THR N   H    sing N N 289 
THR N   H2   sing N N 290 
THR CA  C    sing N N 291 
THR CA  CB   sing N N 292 
THR CA  HA   sing N N 293 
THR C   O    doub N N 294 
THR C   OXT  sing N N 295 
THR CB  OG1  sing N N 296 
THR CB  CG2  sing N N 297 
THR CB  HB   sing N N 298 
THR OG1 HG1  sing N N 299 
THR CG2 HG21 sing N N 300 
THR CG2 HG22 sing N N 301 
THR CG2 HG23 sing N N 302 
THR OXT HXT  sing N N 303 
TRP N   CA   sing N N 304 
TRP N   H    sing N N 305 
TRP N   H2   sing N N 306 
TRP CA  C    sing N N 307 
TRP CA  CB   sing N N 308 
TRP CA  HA   sing N N 309 
TRP C   O    doub N N 310 
TRP C   OXT  sing N N 311 
TRP CB  CG   sing N N 312 
TRP CB  HB2  sing N N 313 
TRP CB  HB3  sing N N 314 
TRP CG  CD1  doub Y N 315 
TRP CG  CD2  sing Y N 316 
TRP CD1 NE1  sing Y N 317 
TRP CD1 HD1  sing N N 318 
TRP CD2 CE2  doub Y N 319 
TRP CD2 CE3  sing Y N 320 
TRP NE1 CE2  sing Y N 321 
TRP NE1 HE1  sing N N 322 
TRP CE2 CZ2  sing Y N 323 
TRP CE3 CZ3  doub Y N 324 
TRP CE3 HE3  sing N N 325 
TRP CZ2 CH2  doub Y N 326 
TRP CZ2 HZ2  sing N N 327 
TRP CZ3 CH2  sing Y N 328 
TRP CZ3 HZ3  sing N N 329 
TRP CH2 HH2  sing N N 330 
TRP OXT HXT  sing N N 331 
TYR N   CA   sing N N 332 
TYR N   H    sing N N 333 
TYR N   H2   sing N N 334 
TYR CA  C    sing N N 335 
TYR CA  CB   sing N N 336 
TYR CA  HA   sing N N 337 
TYR C   O    doub N N 338 
TYR C   OXT  sing N N 339 
TYR CB  CG   sing N N 340 
TYR CB  HB2  sing N N 341 
TYR CB  HB3  sing N N 342 
TYR CG  CD1  doub Y N 343 
TYR CG  CD2  sing Y N 344 
TYR CD1 CE1  sing Y N 345 
TYR CD1 HD1  sing N N 346 
TYR CD2 CE2  doub Y N 347 
TYR CD2 HD2  sing N N 348 
TYR CE1 CZ   doub Y N 349 
TYR CE1 HE1  sing N N 350 
TYR CE2 CZ   sing Y N 351 
TYR CE2 HE2  sing N N 352 
TYR CZ  OH   sing N N 353 
TYR OH  HH   sing N N 354 
TYR OXT HXT  sing N N 355 
VAL N   CA   sing N N 356 
VAL N   H    sing N N 357 
VAL N   H2   sing N N 358 
VAL CA  C    sing N N 359 
VAL CA  CB   sing N N 360 
VAL CA  HA   sing N N 361 
VAL C   O    doub N N 362 
VAL C   OXT  sing N N 363 
VAL CB  CG1  sing N N 364 
VAL CB  CG2  sing N N 365 
VAL CB  HB   sing N N 366 
VAL CG1 HG11 sing N N 367 
VAL CG1 HG12 sing N N 368 
VAL CG1 HG13 sing N N 369 
VAL CG2 HG21 sing N N 370 
VAL CG2 HG22 sing N N 371 
VAL CG2 HG23 sing N N 372 
VAL OXT HXT  sing N N 373 
# 
_em_admin.current_status     REL 
_em_admin.deposition_date    2023-06-06 
_em_admin.deposition_site    PDBJ 
_em_admin.entry_id           8JN6 
_em_admin.last_update        2025-12-24 
_em_admin.map_release_date   2024-06-12 
_em_admin.title              
;Cryo-EM structure of the small tail club shape particle of dengue virus serotype 3 strain CH53489 in complex with human antibody DENV-290 Fab at 37 deg C
;
# 
_em_ctf_correction.details                  ? 
_em_ctf_correction.em_image_processing_id   1 
_em_ctf_correction.id                       1 
_em_ctf_correction.type                     'PHASE FLIPPING AND AMPLITUDE CORRECTION' 
# 
loop_
_em_entity_assembly_molwt.entity_assembly_id 
_em_entity_assembly_molwt.experimental_flag 
_em_entity_assembly_molwt.id 
_em_entity_assembly_molwt.units 
_em_entity_assembly_molwt.value 
1 NO 1 ? ? 
1 NO 2 ? ? 
1 NO 3 ? ? 
# 
loop_
_em_entity_assembly_naturalsource.cell 
_em_entity_assembly_naturalsource.cellular_location 
_em_entity_assembly_naturalsource.entity_assembly_id 
_em_entity_assembly_naturalsource.id 
_em_entity_assembly_naturalsource.ncbi_tax_id 
_em_entity_assembly_naturalsource.organism 
_em_entity_assembly_naturalsource.organelle 
_em_entity_assembly_naturalsource.organ 
_em_entity_assembly_naturalsource.strain 
_em_entity_assembly_naturalsource.tissue 
? ? 3 2 9606 'Homo sapiens'        ? ? ? ? 
? ? 2 3 7160 'Dengue virus type 3' ? ? ? ? 
# 
loop_
_em_entity_assembly_recombinant.cell 
_em_entity_assembly_recombinant.entity_assembly_id 
_em_entity_assembly_recombinant.id 
_em_entity_assembly_recombinant.ncbi_tax_id 
_em_entity_assembly_recombinant.organism 
_em_entity_assembly_recombinant.plasmid 
_em_entity_assembly_recombinant.strain 
? 3 1 9606 'Homo sapiens'     ? ? 
? 2 2 7160 'Aedes albopictus' ? ? 
# 
_em_helical_entity.id                             1 
_em_helical_entity.image_processing_id            1 
_em_helical_entity.details                        ? 
_em_helical_entity.axial_symmetry                 C1 
_em_helical_entity.angular_rotation_per_subunit   102.22 
_em_helical_entity.axial_rise_per_subunit         18.29 
# 
_em_image_processing.details              ? 
_em_image_processing.id                   1 
_em_image_processing.image_recording_id   1 
# 
_em_image_recording.average_exposure_time               ? 
_em_image_recording.avg_electron_dose_per_subtomogram   ? 
_em_image_recording.avg_electron_dose_per_image         18 
_em_image_recording.details                             ? 
_em_image_recording.detector_mode                       ? 
_em_image_recording.film_or_detector_model              'FEI FALCON II (4k x 4k)' 
_em_image_recording.id                                  1 
_em_image_recording.imaging_id                          1 
_em_image_recording.num_diffraction_images              ? 
_em_image_recording.num_grids_imaged                    ? 
_em_image_recording.num_real_images                     ? 
# 
loop_
_em_software.category 
_em_software.details 
_em_software.id 
_em_software.image_processing_id 
_em_software.fitting_id 
_em_software.imaging_id 
_em_software.name 
_em_software.version 
'PARTICLE SELECTION'            ? 1  1 ? ? ?              ? 
'IMAGE ACQUISITION'             ? 2  ? ? 1 ?              ? 
MASKING                         ? 3  ? ? ? ?              ? 
'CTF CORRECTION'                ? 4  1 ? ? ?              ? 
'LAYERLINE INDEXING'            ? 5  ? ? ? ?              ? 
'DIFFRACTION INDEXING'          ? 6  ? ? ? ?              ? 
'MODEL FITTING'                 ? 7  ? 1 ? 'UCSF Chimera' ? 
OTHER                           ? 8  ? ? ? ?              ? 
'MODEL REFINEMENT'              ? 9  ? 1 ? PHENIX         ? 
'INITIAL EULER ASSIGNMENT'      ? 10 1 ? ? ?              ? 
'FINAL EULER ASSIGNMENT'        ? 11 1 ? ? RELION         ? 
CLASSIFICATION                  ? 12 1 ? ? ?              ? 
RECONSTRUCTION                  ? 13 1 ? ? RELION         ? 
'VOLUME SELECTION'              ? 14 1 1 1 ?              ? 
'SERIES ALIGNMENT'              ? 15 1 1 1 ?              ? 
'MOLECULAR REPLACEMENT'         ? 16 1 1 1 ?              ? 
'LATTICE DISTORTION CORRECTION' ? 17 1 1 1 ?              ? 
'SYMMETRY DETERMINATION'        ? 18 1 1 1 ?              ? 
'CRYSTALLOGRAPHY MERGING'       ? 19 1 1 1 ?              ? 
# 
_em_specimen.concentration           ? 
_em_specimen.details                 
;The purified virus was mixed with DENV-290 Fab at a molar ratio of 1.5 Fab for every E-protein and then the mixture was incubated at 4 deg C for 30 min. The complex was further incubated at 37 deg C for 30 min, and then incubated at 4 deg C for another 2 h
;
_em_specimen.embedding_applied       NO 
_em_specimen.experiment_id           1 
_em_specimen.id                      1 
_em_specimen.shadowing_applied       NO 
_em_specimen.staining_applied        NO 
_em_specimen.vitrification_applied   YES 
# 
_pdbx_audit_support.funding_organization   'National Research Foundation (NRF, Singapore)' 
_pdbx_audit_support.country                Singapore 
_pdbx_audit_support.grant_number           NRF-NRFI2016-01 
_pdbx_audit_support.ordinal                1 
# 
loop_
_pdbx_coordinate_model.asym_id 
_pdbx_coordinate_model.type 
A 'CA ATOMS ONLY' 
B 'CA ATOMS ONLY' 
C 'CA ATOMS ONLY' 
D 'CA ATOMS ONLY' 
# 
loop_
_pdbx_initial_refinement_model.id 
_pdbx_initial_refinement_model.type 
_pdbx_initial_refinement_model.source_name 
_pdbx_initial_refinement_model.accession_code 
1 'experimental model' PDB 3J6S 
2 'experimental model' PDB 3ZTJ 
3 'experimental model' PDB 5CHN 
# 
_atom_sites.entry_id                    8JN6 
_atom_sites.Cartn_transf_matrix[1][1]   ? 
_atom_sites.Cartn_transf_matrix[1][2]   ? 
_atom_sites.Cartn_transf_matrix[1][3]   ? 
_atom_sites.Cartn_transf_matrix[2][1]   ? 
_atom_sites.Cartn_transf_matrix[2][2]   ? 
_atom_sites.Cartn_transf_matrix[2][3]   ? 
_atom_sites.Cartn_transf_matrix[3][1]   ? 
_atom_sites.Cartn_transf_matrix[3][2]   ? 
_atom_sites.Cartn_transf_matrix[3][3]   ? 
_atom_sites.Cartn_transf_vector[1]      ? 
_atom_sites.Cartn_transf_vector[2]      ? 
_atom_sites.Cartn_transf_vector[3]      ? 
_atom_sites.fract_transf_matrix[1][1]   1.000000 
_atom_sites.fract_transf_matrix[1][2]   0.000000 
_atom_sites.fract_transf_matrix[1][3]   0.000000 
_atom_sites.fract_transf_matrix[2][1]   0.000000 
_atom_sites.fract_transf_matrix[2][2]   1.000000 
_atom_sites.fract_transf_matrix[2][3]   0.000000 
_atom_sites.fract_transf_matrix[3][1]   0.000000 
_atom_sites.fract_transf_matrix[3][2]   0.000000 
_atom_sites.fract_transf_matrix[3][3]   1.000000 
_atom_sites.fract_transf_vector[1]      0.00000 
_atom_sites.fract_transf_vector[2]      0.00000 
_atom_sites.fract_transf_vector[3]      0.00000 
_atom_sites.solution_primary            ? 
_atom_sites.solution_secondary          ? 
_atom_sites.solution_hydrogens          ? 
_atom_sites.special_details             ? 
# 
_atom_type.symbol   C 
# 
loop_
_atom_site.group_PDB 
_atom_site.id 
_atom_site.type_symbol 
_atom_site.label_atom_id 
_atom_site.label_alt_id 
_atom_site.label_comp_id 
_atom_site.label_asym_id 
_atom_site.label_entity_id 
_atom_site.label_seq_id 
_atom_site.pdbx_PDB_ins_code 
_atom_site.Cartn_x 
_atom_site.Cartn_y 
_atom_site.Cartn_z 
_atom_site.occupancy 
_atom_site.B_iso_or_equiv 
_atom_site.pdbx_formal_charge 
_atom_site.auth_seq_id 
_atom_site.auth_comp_id 
_atom_site.auth_asym_id 
_atom_site.auth_atom_id 
_atom_site.pdbx_PDB_model_num 
ATOM 1    C CA . MET A 1 1   ? -40.004 -19.174 15.153  1.00 251.63 ? 1   MET C CA 1 
ATOM 2    C CA . ARG A 1 2   ? -36.406 -17.999 14.893  1.00 248.93 ? 2   ARG C CA 1 
ATOM 3    C CA . CYS A 1 3   ? -36.654 -19.349 11.405  1.00 262.88 ? 3   CYS C CA 1 
ATOM 4    C CA . VAL A 1 4   ? -39.161 -16.623 10.612  1.00 266.33 ? 4   VAL C CA 1 
ATOM 5    C CA . GLY A 1 5   ? -38.790 -13.337 8.764   1.00 269.96 ? 5   GLY C CA 1 
ATOM 6    C CA . VAL A 1 6   ? -36.102 -14.438 6.355   1.00 269.16 ? 6   VAL C CA 1 
ATOM 7    C CA . GLY A 1 7   ? -37.510 -13.362 3.005   1.00 276.73 ? 7   GLY C CA 1 
ATOM 8    C CA . ASN A 1 8   ? -36.196 -16.630 1.704   1.00 267.32 ? 8   ASN C CA 1 
ATOM 9    C CA . ARG A 1 9   ? -37.448 -18.466 4.727   1.00 259.55 ? 9   ARG C CA 1 
ATOM 10   C CA . ASP A 1 10  ? -36.637 -22.080 3.972   1.00 282.50 ? 10  ASP C CA 1 
ATOM 11   C CA . PHE A 1 11  ? -39.583 -24.422 4.239   1.00 259.70 ? 11  PHE C CA 1 
ATOM 12   C CA . VAL A 1 12  ? -39.174 -28.182 4.560   1.00 257.70 ? 12  VAL C CA 1 
ATOM 13   C CA . GLU A 1 13  ? -42.645 -29.731 4.322   1.00 300.30 ? 13  GLU C CA 1 
ATOM 14   C CA . GLY A 1 14  ? -42.681 -33.500 4.019   1.00 307.25 ? 14  GLY C CA 1 
ATOM 15   C CA . LEU A 1 15  ? -40.330 -35.877 2.154   1.00 302.07 ? 15  LEU C CA 1 
ATOM 16   C CA . SER A 1 16  ? -41.605 -39.427 2.826   1.00 298.31 ? 16  SER C CA 1 
ATOM 17   C CA . GLY A 1 17  ? -41.589 -42.332 5.271   1.00 302.38 ? 17  GLY C CA 1 
ATOM 18   C CA . ALA A 1 18  ? -38.539 -44.023 6.868   1.00 290.72 ? 18  ALA C CA 1 
ATOM 19   C CA . THR A 1 19  ? -37.263 -40.826 8.611   1.00 273.66 ? 19  THR C CA 1 
ATOM 20   C CA . TRP A 1 20  ? -34.069 -41.038 6.547   1.00 266.77 ? 20  TRP C CA 1 
ATOM 21   C CA . VAL A 1 21  ? -33.963 -37.433 5.358   1.00 263.83 ? 21  VAL C CA 1 
ATOM 22   C CA . ASP A 1 22  ? -30.806 -35.981 3.848   1.00 259.50 ? 22  ASP C CA 1 
ATOM 23   C CA . VAL A 1 23  ? -29.735 -32.390 3.483   1.00 246.56 ? 23  VAL C CA 1 
ATOM 24   C CA . VAL A 1 24  ? -26.848 -30.115 2.553   1.00 240.29 ? 24  VAL C CA 1 
ATOM 25   C CA . LEU A 1 25  ? -25.808 -27.611 5.162   1.00 243.78 ? 25  LEU C CA 1 
ATOM 26   C CA . GLU A 1 26  ? -24.618 -24.382 3.568   1.00 280.20 ? 26  GLU C CA 1 
ATOM 27   C CA . HIS A 1 27  ? -24.410 -22.492 6.919   1.00 259.80 ? 27  HIS C CA 1 
ATOM 28   C CA . GLY A 1 28  ? -26.530 -19.668 5.376   1.00 288.94 ? 28  GLY C CA 1 
ATOM 29   C CA . GLY A 1 29  ? -30.377 -19.726 5.390   1.00 293.12 ? 29  GLY C CA 1 
ATOM 30   C CA . CYS A 1 30  ? -32.888 -21.080 7.855   1.00 291.61 ? 30  CYS C CA 1 
ATOM 31   C CA . VAL A 1 31  ? -35.208 -24.048 7.602   1.00 273.20 ? 31  VAL C CA 1 
ATOM 32   C CA . THR A 1 32  ? -38.809 -23.656 8.730   1.00 272.61 ? 32  THR C CA 1 
ATOM 33   C CA . THR A 1 33  ? -40.705 -26.913 8.682   1.00 271.20 ? 33  THR C CA 1 
ATOM 34   C CA . MET A 1 34  ? -44.134 -28.187 9.517   1.00 289.21 ? 34  MET C CA 1 
ATOM 35   C CA . ALA A 1 35  ? -45.675 -31.494 10.443  1.00 278.37 ? 35  ALA C CA 1 
ATOM 36   C CA . LYS A 1 36  ? -49.177 -32.857 10.143  1.00 274.81 ? 36  LYS C CA 1 
ATOM 37   C CA . ASN A 1 37  ? -50.078 -32.687 13.847  1.00 275.34 ? 37  ASN C CA 1 
ATOM 38   C CA . LYS A 1 38  ? -47.121 -32.344 16.222  1.00 257.10 ? 38  LYS C CA 1 
ATOM 39   C CA . PRO A 1 39  ? -46.752 -28.783 17.515  1.00 257.00 ? 39  PRO C CA 1 
ATOM 40   C CA . THR A 1 40  ? -44.191 -28.341 14.735  1.00 271.26 ? 40  THR C CA 1 
ATOM 41   C CA . LEU A 1 41  ? -40.608 -27.404 15.409  1.00 258.52 ? 41  LEU C CA 1 
ATOM 42   C CA . ASP A 1 42  ? -38.397 -25.216 13.232  1.00 259.89 ? 42  ASP C CA 1 
ATOM 43   C CA . ILE A 1 43  ? -34.792 -26.130 12.538  1.00 242.10 ? 43  ILE C CA 1 
ATOM 44   C CA . GLU A 1 44  ? -31.673 -24.638 11.142  1.00 255.28 ? 44  GLU C CA 1 
ATOM 45   C CA . LEU A 1 45  ? -28.326 -25.481 9.726   1.00 243.36 ? 45  LEU C CA 1 
ATOM 46   C CA . GLN A 1 46  ? -25.279 -23.994 11.389  1.00 237.51 ? 46  GLN C CA 1 
ATOM 47   C CA . LYS A 1 47  ? -21.514 -23.568 11.104  1.00 263.11 ? 47  LYS C CA 1 
ATOM 48   C CA . THR A 1 48  ? -19.539 -25.632 8.608   1.00 266.29 ? 48  THR C CA 1 
ATOM 49   C CA . GLU A 1 49  ? -16.145 -25.316 10.138  1.00 287.13 ? 49  GLU C CA 1 
ATOM 50   C CA . ALA A 1 50  ? -13.329 -27.429 8.821   1.00 268.78 ? 50  ALA C CA 1 
ATOM 51   C CA . THR A 1 51  ? -10.584 -27.966 11.350  1.00 275.91 ? 51  THR C CA 1 
ATOM 52   C CA . GLN A 1 52  ? -6.848  -28.631 11.511  1.00 281.20 ? 52  GLN C CA 1 
ATOM 53   C CA . LEU A 1 53  ? -6.128  -25.761 9.154   1.00 260.23 ? 53  LEU C CA 1 
ATOM 54   C CA . ALA A 1 54  ? -2.783  -26.748 7.768   1.00 221.04 ? 54  ALA C CA 1 
ATOM 55   C CA . THR A 1 55  ? -1.113  -24.477 5.291   1.00 217.76 ? 55  THR C CA 1 
ATOM 56   C CA . LEU A 1 56  ? 1.860   -24.109 3.054   1.00 214.55 ? 56  LEU C CA 1 
ATOM 57   C CA . ARG A 1 57  ? 3.126   -22.185 0.060   1.00 223.65 ? 57  ARG C CA 1 
ATOM 58   C CA . LYS A 1 58  ? 3.564   -18.728 1.430   1.00 249.94 ? 58  LYS C CA 1 
ATOM 59   C CA . LEU A 1 59  ? 3.459   -16.125 -1.288  1.00 227.84 ? 59  LEU C CA 1 
ATOM 60   C CA . CYS A 1 60  ? 5.555   -12.986 -1.466  1.00 219.60 ? 60  CYS C CA 1 
ATOM 61   C CA . ILE A 1 61  ? 3.397   -9.978  -2.229  1.00 215.00 ? 61  ILE C CA 1 
ATOM 62   C CA . GLU A 1 62  ? 5.564   -7.271  -0.733  1.00 229.94 ? 62  GLU C CA 1 
ATOM 63   C CA . GLY A 1 63  ? 9.068   -6.406  0.282   1.00 207.65 ? 63  GLY C CA 1 
ATOM 64   C CA . LYS A 1 64  ? 11.815  -3.980  -0.471  1.00 209.25 ? 64  LYS C CA 1 
ATOM 65   C CA . ILE A 1 65  ? 15.059  -4.139  -2.370  1.00 210.01 ? 65  ILE C CA 1 
ATOM 66   C CA . THR A 1 66  ? 17.646  -2.517  -0.153  1.00 207.70 ? 66  THR C CA 1 
ATOM 67   C CA . ASN A 1 67  ? 21.260  -1.446  0.184   1.00 204.52 ? 67  ASN C CA 1 
ATOM 68   C CA . ILE A 1 68  ? 21.899  -1.244  -3.541  1.00 187.03 ? 68  ILE C CA 1 
ATOM 69   C CA . THR A 1 69  ? 25.610  -1.867  -4.267  1.00 215.81 ? 69  THR C CA 1 
ATOM 70   C CA . THR A 1 70  ? 27.121  -2.270  -7.661  1.00 228.86 ? 70  THR C CA 1 
ATOM 71   C CA . ASP A 1 71  ? 30.280  -1.972  -9.784  1.00 224.86 ? 71  ASP C CA 1 
ATOM 72   C CA . SER A 1 72  ? 31.231  -2.429  -13.448 1.00 237.13 ? 72  SER C CA 1 
ATOM 73   C CA . ARG A 1 73  ? 34.386  -3.740  -15.133 1.00 230.86 ? 73  ARG C CA 1 
ATOM 74   C CA . CYS A 1 74  ? 36.526  -2.633  -18.110 1.00 252.39 ? 74  CYS C CA 1 
ATOM 75   C CA . PRO A 1 75  ? 36.194  -4.418  -21.461 1.00 231.33 ? 75  PRO C CA 1 
ATOM 76   C CA . THR A 1 76  ? 37.496  -7.993  -21.171 1.00 248.18 ? 76  THR C CA 1 
ATOM 77   C CA . GLN A 1 77  ? 37.368  -7.973  -17.376 1.00 252.32 ? 77  GLN C CA 1 
ATOM 78   C CA . GLY A 1 78  ? 34.429  -10.213 -16.418 1.00 262.16 ? 78  GLY C CA 1 
ATOM 79   C CA . GLU A 1 79  ? 31.206  -9.440  -14.666 1.00 265.69 ? 79  GLU C CA 1 
ATOM 80   C CA . ALA A 1 80  ? 30.694  -7.463  -11.482 1.00 240.47 ? 80  ALA C CA 1 
ATOM 81   C CA . ILE A 1 81  ? 31.317  -9.602  -8.408  1.00 242.13 ? 81  ILE C CA 1 
ATOM 82   C CA . LEU A 1 82  ? 29.885  -9.013  -4.951  1.00 239.87 ? 82  LEU C CA 1 
ATOM 83   C CA . PRO A 1 83  ? 28.897  -11.311 -2.066  1.00 236.89 ? 83  PRO C CA 1 
ATOM 84   C CA . GLU A 1 84  ? 25.357  -10.100 -2.452  1.00 228.86 ? 84  GLU C CA 1 
ATOM 85   C CA . GLU A 1 85  ? 25.318  -12.029 -5.730  1.00 238.89 ? 85  GLU C CA 1 
ATOM 86   C CA . GLN A 1 86  ? 25.861  -15.110 -3.562  1.00 229.18 ? 86  GLN C CA 1 
ATOM 87   C CA . ASP A 1 87  ? 22.835  -14.432 -1.394  1.00 229.73 ? 87  ASP C CA 1 
ATOM 88   C CA . GLN A 1 88  ? 19.265  -15.134 -2.331  1.00 208.83 ? 88  GLN C CA 1 
ATOM 89   C CA . ASN A 1 89  ? 18.008  -12.075 -0.455  1.00 203.73 ? 89  ASN C CA 1 
ATOM 90   C CA . TYR A 1 90  ? 20.064  -9.434  -2.183  1.00 212.61 ? 90  TYR C CA 1 
ATOM 91   C CA . VAL A 1 91  ? 18.777  -9.132  -5.689  1.00 204.30 ? 91  VAL C CA 1 
ATOM 92   C CA . CYS A 1 92  ? 20.950  -8.391  -8.680  1.00 225.85 ? 92  CYS C CA 1 
ATOM 93   C CA . LYS A 1 93  ? 21.561  -9.051  -12.315 1.00 202.42 ? 93  LYS C CA 1 
ATOM 94   C CA . HIS A 1 94  ? 24.693  -9.109  -14.325 1.00 230.08 ? 94  HIS C CA 1 
ATOM 95   C CA . THR A 1 95  ? 24.918  -6.799  -17.253 1.00 242.45 ? 95  THR C CA 1 
ATOM 96   C CA . TYR A 1 96  ? 27.066  -5.292  -19.907 1.00 221.60 ? 96  TYR C CA 1 
ATOM 97   C CA . VAL A 1 97  ? 28.332  -1.793  -20.348 1.00 225.40 ? 97  VAL C CA 1 
ATOM 98   C CA . ASP A 1 98  ? 30.874  -0.180  -22.562 1.00 244.28 ? 98  ASP C CA 1 
ATOM 99   C CA . ARG A 1 99  ? 33.490  2.072   -21.167 1.00 219.63 ? 99  ARG C CA 1 
ATOM 100  C CA . GLY A 1 100 ? 36.270  4.377   -22.237 1.00 205.00 ? 100 GLY C CA 1 
ATOM 101  C CA . TRP A 1 101 ? 38.317  7.373   -21.224 1.00 219.53 ? 101 TRP C CA 1 
ATOM 102  C CA . GLY A 1 102 ? 35.068  9.268   -20.926 1.00 231.06 ? 102 GLY C CA 1 
ATOM 103  C CA . ASN A 1 103 ? 33.969  6.302   -18.830 1.00 228.05 ? 103 ASN C CA 1 
ATOM 104  C CA . GLY A 1 104 ? 37.311  6.577   -17.013 1.00 233.97 ? 104 GLY C CA 1 
ATOM 105  C CA . CYS A 1 105 ? 38.432  3.226   -18.473 1.00 248.77 ? 105 CYS C CA 1 
ATOM 106  C CA . GLY A 1 106 ? 41.751  3.520   -20.285 1.00 242.35 ? 106 GLY C CA 1 
ATOM 107  C CA . LEU A 1 107 ? 40.360  0.816   -22.559 1.00 211.67 ? 107 LEU C CA 1 
ATOM 108  C CA . PHE A 1 108 ? 37.490  1.221   -25.008 1.00 206.93 ? 108 PHE C CA 1 
ATOM 109  C CA . GLY A 1 109 ? 35.089  -1.649  -25.454 1.00 237.84 ? 109 GLY C CA 1 
ATOM 110  C CA . LYS A 1 110 ? 32.231  -3.233  -23.585 1.00 236.45 ? 110 LYS C CA 1 
ATOM 111  C CA . GLY A 1 111 ? 32.344  -4.160  -19.911 1.00 220.13 ? 111 GLY C CA 1 
ATOM 112  C CA . SER A 1 112 ? 30.196  -5.971  -17.402 1.00 214.63 ? 112 SER C CA 1 
ATOM 113  C CA . LEU A 1 113 ? 28.216  -5.014  -14.293 1.00 219.28 ? 113 LEU C CA 1 
ATOM 114  C CA . VAL A 1 114 ? 25.921  -6.461  -11.588 1.00 210.67 ? 114 VAL C CA 1 
ATOM 115  C CA . THR A 1 115 ? 23.707  -4.549  -9.125  1.00 220.81 ? 115 THR C CA 1 
ATOM 116  C CA . CYS A 1 116 ? 23.036  -6.252  -5.838  1.00 239.30 ? 116 CYS C CA 1 
ATOM 117  C CA . ALA A 1 117 ? 20.511  -5.076  -3.308  1.00 216.96 ? 117 ALA C CA 1 
ATOM 118  C CA . LYS A 1 118 ? 18.896  -6.929  -0.434  1.00 224.34 ? 118 LYS C CA 1 
ATOM 119  C CA . PHE A 1 119 ? 15.309  -7.683  -1.087  1.00 226.55 ? 119 PHE C CA 1 
ATOM 120  C CA . GLN A 1 120 ? 13.341  -8.471  2.032   1.00 231.17 ? 120 GLN C CA 1 
ATOM 121  C CA . CYS A 1 121 ? 9.967   -10.149 2.118   1.00 224.13 ? 121 CYS C CA 1 
ATOM 122  C CA . LEU A 1 122 ? 7.658   -7.868  4.100   1.00 233.58 ? 122 LEU C CA 1 
ATOM 123  C CA . GLU A 1 123 ? 4.062   -8.895  4.793   1.00 252.04 ? 123 GLU C CA 1 
ATOM 124  C CA . SER A 1 124 ? 3.736   -11.565 2.140   1.00 225.47 ? 124 SER C CA 1 
ATOM 125  C CA . ILE A 1 125 ? 0.736   -13.876 1.871   1.00 240.95 ? 125 ILE C CA 1 
ATOM 126  C CA . GLU A 1 126 ? 0.110   -17.617 2.121   1.00 255.00 ? 126 GLU C CA 1 
ATOM 127  C CA . GLY A 1 127 ? -2.556  -20.114 1.231   1.00 238.52 ? 127 GLY C CA 1 
ATOM 128  C CA . LYS A 1 128 ? -4.047  -22.215 4.012   1.00 232.22 ? 128 LYS C CA 1 
ATOM 129  C CA . VAL A 1 129 ? -5.456  -25.179 2.194   1.00 222.62 ? 129 VAL C CA 1 
ATOM 130  C CA . VAL A 1 130 ? -6.819  -27.674 4.660   1.00 249.71 ? 130 VAL C CA 1 
ATOM 131  C CA . GLN A 1 131 ? -7.402  -31.398 4.882   1.00 263.09 ? 131 GLN C CA 1 
ATOM 132  C CA . HIS A 1 132 ? -10.868 -32.891 4.489   1.00 245.08 ? 132 HIS C CA 1 
ATOM 133  C CA . GLU A 1 133 ? -11.314 -35.017 7.631   1.00 270.64 ? 133 GLU C CA 1 
ATOM 134  C CA . ASN A 1 134 ? -11.743 -31.919 9.730   1.00 268.26 ? 134 ASN C CA 1 
ATOM 135  C CA . LEU A 1 135 ? -14.946 -30.343 8.380   1.00 260.97 ? 135 LEU C CA 1 
ATOM 136  C CA . LYS A 1 136 ? -17.482 -29.822 11.190  1.00 241.67 ? 136 LYS C CA 1 
ATOM 137  C CA . TYR A 1 137 ? -21.097 -28.976 10.434  1.00 236.74 ? 137 TYR C CA 1 
ATOM 138  C CA . THR A 1 138 ? -23.836 -27.792 12.825  1.00 245.29 ? 138 THR C CA 1 
ATOM 139  C CA . VAL A 1 139 ? -27.633 -27.491 12.994  1.00 231.31 ? 139 VAL C CA 1 
ATOM 140  C CA . ILE A 1 140 ? -29.990 -25.419 15.189  1.00 231.72 ? 140 ILE C CA 1 
ATOM 141  C CA . ILE A 1 141 ? -33.398 -26.703 16.330  1.00 239.46 ? 141 ILE C CA 1 
ATOM 142  C CA . THR A 1 142 ? -36.433 -24.718 17.582  1.00 271.31 ? 142 THR C CA 1 
ATOM 143  C CA . VAL A 1 143 ? -40.073 -25.472 18.102  1.00 260.61 ? 143 VAL C CA 1 
ATOM 144  C CA . HIS A 1 144 ? -43.300 -23.769 17.036  1.00 261.49 ? 144 HIS C CA 1 
ATOM 145  C CA . THR A 1 145 ? -44.499 -23.152 20.554  1.00 282.57 ? 145 THR C CA 1 
ATOM 146  C CA . GLY A 1 146 ? -46.082 -20.026 19.210  1.00 283.63 ? 146 GLY C CA 1 
ATOM 147  C CA . ASP A 1 147 ? -44.740 -18.027 22.107  1.00 274.05 ? 147 ASP C CA 1 
ATOM 148  C CA . GLN A 1 148 ? -44.842 -14.259 21.775  1.00 292.59 ? 148 GLN C CA 1 
ATOM 149  C CA . HIS A 1 149 ? -41.072 -13.964 22.124  1.00 291.99 ? 149 HIS C CA 1 
ATOM 150  C CA . GLN A 1 150 ? -40.590 -17.013 19.946  1.00 275.77 ? 150 GLN C CA 1 
ATOM 151  C CA . VAL A 1 151 ? -41.363 -16.135 16.343  1.00 253.81 ? 151 VAL C CA 1 
ATOM 152  C CA . GLY A 1 152 ? -38.385 -14.357 14.876  1.00 256.91 ? 152 GLY C CA 1 
ATOM 153  C CA . ASN A 1 153 ? -36.534 -15.031 18.128  1.00 269.89 ? 153 ASN C CA 1 
ATOM 154  C CA . GLU A 1 154 ? -33.116 -16.056 16.876  1.00 268.69 ? 154 GLU C CA 1 
ATOM 155  C CA . THR A 1 155 ? -31.480 -16.913 20.206  1.00 293.49 ? 155 THR C CA 1 
ATOM 156  C CA . GLN A 1 156 ? -33.982 -19.677 20.887  1.00 284.96 ? 156 GLN C CA 1 
ATOM 157  C CA . GLY A 1 157 ? -32.881 -23.087 19.654  1.00 246.70 ? 157 GLY C CA 1 
ATOM 158  C CA . VAL A 1 158 ? -31.029 -26.391 19.869  1.00 228.78 ? 158 VAL C CA 1 
ATOM 159  C CA . THR A 1 159 ? -27.587 -26.652 18.298  1.00 258.45 ? 159 THR C CA 1 
ATOM 160  C CA . ALA A 1 160 ? -26.809 -29.925 16.463  1.00 235.63 ? 160 ALA C CA 1 
ATOM 161  C CA . GLU A 1 161 ? -23.110 -29.404 15.795  1.00 253.35 ? 161 GLU C CA 1 
ATOM 162  C CA . ILE A 1 162 ? -21.525 -32.332 14.024  1.00 227.12 ? 162 ILE C CA 1 
ATOM 163  C CA . THR A 1 163 ? -17.892 -33.049 13.253  1.00 233.95 ? 163 THR C CA 1 
ATOM 164  C CA . PRO A 1 164 ? -15.980 -35.313 10.948  1.00 243.59 ? 164 PRO C CA 1 
ATOM 165  C CA . GLN A 1 165 ? -15.848 -37.322 14.104  1.00 234.14 ? 165 GLN C CA 1 
ATOM 166  C CA . ALA A 1 166 ? -19.247 -36.263 15.376  1.00 238.22 ? 166 ALA C CA 1 
ATOM 167  C CA . SER A 1 167 ? -20.908 -37.645 12.330  1.00 261.68 ? 167 SER C CA 1 
ATOM 168  C CA . THR A 1 168 ? -23.677 -39.179 14.371  1.00 241.60 ? 168 THR C CA 1 
ATOM 169  C CA . VAL A 1 169 ? -25.045 -36.553 16.745  1.00 248.83 ? 169 VAL C CA 1 
ATOM 170  C CA . GLU A 1 170 ? -28.459 -36.861 18.310  1.00 251.67 ? 170 GLU C CA 1 
ATOM 171  C CA . ALA A 1 171 ? -30.482 -33.653 18.235  1.00 269.02 ? 171 ALA C CA 1 
ATOM 172  C CA . ILE A 1 172 ? -32.543 -34.091 21.371  1.00 271.78 ? 172 ILE C CA 1 
ATOM 173  C CA . LEU A 1 173 ? -35.984 -32.643 20.930  1.00 241.83 ? 173 LEU C CA 1 
ATOM 174  C CA . PRO A 1 174 ? -38.249 -30.607 23.242  1.00 236.00 ? 174 PRO C CA 1 
ATOM 175  C CA . GLU A 1 175 ? -40.498 -33.556 24.183  1.00 258.38 ? 175 GLU C CA 1 
ATOM 176  C CA . TYR A 1 176 ? -40.477 -34.432 20.485  1.00 258.47 ? 176 TYR C CA 1 
ATOM 177  C CA . GLY A 1 177 ? -37.840 -37.075 20.969  1.00 245.12 ? 177 GLY C CA 1 
ATOM 178  C CA . THR A 1 178 ? -34.276 -37.087 19.732  1.00 248.45 ? 178 THR C CA 1 
ATOM 179  C CA . LEU A 1 179 ? -32.877 -36.488 16.259  1.00 262.64 ? 179 LEU C CA 1 
ATOM 180  C CA . GLY A 1 180 ? -29.857 -38.535 15.265  1.00 245.24 ? 180 GLY C CA 1 
ATOM 181  C CA . LEU A 1 181 ? -27.844 -36.772 12.595  1.00 237.81 ? 181 LEU C CA 1 
ATOM 182  C CA . GLU A 1 182 ? -25.324 -38.533 10.348  1.00 261.13 ? 182 GLU C CA 1 
ATOM 183  C CA . CYS A 1 183 ? -22.713 -36.213 8.854   1.00 267.48 ? 183 CYS C CA 1 
ATOM 184  C CA . SER A 1 184 ? -20.677 -36.786 5.666   1.00 276.36 ? 184 SER C CA 1 
ATOM 185  C CA . PRO A 1 185 ? -17.368 -35.240 6.669   1.00 277.65 ? 185 PRO C CA 1 
ATOM 186  C CA . ARG A 1 186 ? -14.682 -36.551 4.306   1.00 292.88 ? 186 ARG C CA 1 
ATOM 187  C CA . THR A 1 187 ? -16.957 -35.791 1.342   1.00 275.64 ? 187 THR C CA 1 
ATOM 188  C CA . GLY A 1 188 ? -18.174 -32.375 0.484   1.00 252.87 ? 188 GLY C CA 1 
ATOM 189  C CA . LEU A 1 189 ? -15.730 -29.714 -0.492  1.00 248.59 ? 189 LEU C CA 1 
ATOM 190  C CA . ASP A 1 190 ? -12.617 -31.477 -1.718  1.00 272.13 ? 190 ASP C CA 1 
ATOM 191  C CA . PHE A 1 191 ? -10.224 -28.756 -0.657  1.00 253.43 ? 191 PHE C CA 1 
ATOM 192  C CA . ASN A 1 192 ? -7.642  -30.582 -2.739  1.00 251.21 ? 192 ASN C CA 1 
ATOM 193  C CA . GLU A 1 193 ? -8.756  -28.290 -5.555  1.00 271.85 ? 193 GLU C CA 1 
ATOM 194  C CA . MET A 1 194 ? -9.078  -25.363 -3.199  1.00 248.22 ? 194 MET C CA 1 
ATOM 195  C CA . ILE A 1 195 ? -6.652  -23.252 -1.212  1.00 240.49 ? 195 ILE C CA 1 
ATOM 196  C CA . LEU A 1 196 ? -7.710  -21.019 1.605   1.00 242.39 ? 196 LEU C CA 1 
ATOM 197  C CA . LEU A 1 197 ? -5.511  -18.169 0.488   1.00 237.89 ? 197 LEU C CA 1 
ATOM 198  C CA . THR A 1 198 ? -4.674  -15.534 2.996   1.00 235.43 ? 198 THR C CA 1 
ATOM 199  C CA . MET A 1 199 ? -3.769  -12.016 2.027   1.00 253.50 ? 199 MET C CA 1 
ATOM 200  C CA . LYS A 1 200 ? -3.192  -9.244  4.570   1.00 242.02 ? 200 LYS C CA 1 
ATOM 201  C CA . ASN A 1 201 ? -6.167  -10.440 6.659   1.00 261.82 ? 201 ASN C CA 1 
ATOM 202  C CA . LYS A 1 202 ? -8.280  -11.656 3.748   1.00 228.79 ? 202 LYS C CA 1 
ATOM 203  C CA . ALA A 1 203 ? -8.660  -15.302 2.805   1.00 246.41 ? 203 ALA C CA 1 
ATOM 204  C CA . TRP A 1 204 ? -10.622 -17.366 0.326   1.00 236.90 ? 204 TRP C CA 1 
ATOM 205  C CA . MET A 1 205 ? -11.135 -21.016 -0.496  1.00 254.78 ? 205 MET C CA 1 
ATOM 206  C CA . VAL A 1 206 ? -9.282  -20.262 -3.700  1.00 257.47 ? 206 VAL C CA 1 
ATOM 207  C CA . HIS A 1 207 ? -8.635  -23.026 -6.184  1.00 248.02 ? 207 HIS C CA 1 
ATOM 208  C CA . ARG A 1 208 ? -5.693  -25.221 -5.228  1.00 241.47 ? 208 ARG C CA 1 
ATOM 209  C CA . GLN A 1 209 ? -3.686  -25.098 -8.408  1.00 239.64 ? 209 GLN C CA 1 
ATOM 210  C CA . TRP A 1 210 ? -4.938  -21.607 -9.271  1.00 247.08 ? 210 TRP C CA 1 
ATOM 211  C CA . PHE A 1 211 ? -3.256  -20.708 -5.980  1.00 233.87 ? 211 PHE C CA 1 
ATOM 212  C CA . PHE A 1 212 ? -0.225  -22.925 -6.539  1.00 234.84 ? 212 PHE C CA 1 
ATOM 213  C CA . ASP A 1 213 ? 0.669   -21.106 -9.777  1.00 260.16 ? 213 ASP C CA 1 
ATOM 214  C CA . LEU A 1 214 ? -0.208  -17.438 -9.270  1.00 225.99 ? 214 LEU C CA 1 
ATOM 215  C CA . PRO A 1 215 ? 2.560   -14.800 -9.948  1.00 227.96 ? 215 PRO C CA 1 
ATOM 216  C CA . LEU A 1 216 ? 3.932   -14.155 -6.484  1.00 225.24 ? 216 LEU C CA 1 
ATOM 217  C CA . PRO A 1 217 ? 7.279   -15.382 -5.188  1.00 233.23 ? 217 PRO C CA 1 
ATOM 218  C CA . TRP A 1 218 ? 6.323   -18.233 -2.972  1.00 227.35 ? 218 TRP C CA 1 
ATOM 219  C CA . THR A 1 219 ? 7.728   -20.478 -0.304  1.00 217.79 ? 219 THR C CA 1 
ATOM 220  C CA . SER A 1 220 ? 6.786   -23.327 1.963   1.00 240.43 ? 220 SER C CA 1 
ATOM 221  C CA . GLY A 1 221 ? 4.917   -21.209 4.473   1.00 220.66 ? 221 GLY C CA 1 
ATOM 222  C CA . ALA A 1 222 ? 6.481   -22.903 7.483   1.00 237.10 ? 222 ALA C CA 1 
ATOM 223  C CA . THR A 1 223 ? 6.476   -19.391 9.036   1.00 272.14 ? 223 THR C CA 1 
ATOM 224  C CA . THR A 1 224 ? 10.178  -18.557 8.858   1.00 227.06 ? 224 THR C CA 1 
ATOM 225  C CA . GLU A 1 225 ? 9.363   -14.786 8.455   1.00 209.07 ? 225 GLU C CA 1 
ATOM 226  C CA . THR A 1 226 ? 12.052  -14.588 5.801   1.00 201.61 ? 226 THR C CA 1 
ATOM 227  C CA . PRO A 1 227 ? 10.983  -17.449 3.546   1.00 193.97 ? 227 PRO C CA 1 
ATOM 228  C CA . THR A 1 228 ? 13.497  -17.576 0.746   1.00 225.74 ? 228 THR C CA 1 
ATOM 229  C CA . TRP A 1 229 ? 11.030  -17.643 -2.031  1.00 223.60 ? 229 TRP C CA 1 
ATOM 230  C CA . ASN A 1 230 ? 10.612  -19.714 -5.129  1.00 218.25 ? 230 ASN C CA 1 
ATOM 231  C CA . ARG A 1 231 ? 12.758  -18.270 -7.866  1.00 216.55 ? 231 ARG C CA 1 
ATOM 232  C CA . LYS A 1 232 ? 13.217  -15.162 -5.682  1.00 204.62 ? 232 LYS C CA 1 
ATOM 233  C CA . GLU A 1 233 ? 12.513  -12.921 -8.686  1.00 209.56 ? 233 GLU C CA 1 
ATOM 234  C CA . LEU A 1 234 ? 8.715   -12.663 -9.071  1.00 224.19 ? 234 LEU C CA 1 
ATOM 235  C CA . LEU A 1 235 ? 8.905   -9.318  -7.228  1.00 212.84 ? 235 LEU C CA 1 
ATOM 236  C CA . VAL A 1 236 ? 12.548  -8.205  -7.668  1.00 208.39 ? 236 VAL C CA 1 
ATOM 237  C CA . THR A 1 237 ? 13.757  -7.304  -11.169 1.00 211.43 ? 237 THR C CA 1 
ATOM 238  C CA . PHE A 1 238 ? 16.817  -7.739  -13.305 1.00 212.88 ? 238 PHE C CA 1 
ATOM 239  C CA . LYS A 1 239 ? 17.310  -4.571  -15.339 1.00 219.82 ? 239 LYS C CA 1 
ATOM 240  C CA . ASN A 1 240 ? 20.054  -2.901  -17.259 1.00 233.62 ? 240 ASN C CA 1 
ATOM 241  C CA . ALA A 1 241 ? 18.176  -0.949  -19.908 1.00 242.08 ? 241 ALA C CA 1 
ATOM 242  C CA . HIS A 1 242 ? 21.143  -0.549  -22.261 1.00 219.79 ? 242 HIS C CA 1 
ATOM 243  C CA . ALA A 1 243 ? 24.762  -1.413  -21.437 1.00 214.26 ? 243 ALA C CA 1 
ATOM 244  C CA . LYS A 1 244 ? 25.171  1.406   -18.901 1.00 210.89 ? 244 LYS C CA 1 
ATOM 245  C CA . LYS A 1 245 ? 24.654  -0.190  -15.469 1.00 218.57 ? 245 LYS C CA 1 
ATOM 246  C CA . GLN A 1 246 ? 22.108  -2.652  -14.154 1.00 208.60 ? 246 GLN C CA 1 
ATOM 247  C CA . GLU A 1 247 ? 19.575  -1.733  -11.526 1.00 179.30 ? 247 GLU C CA 1 
ATOM 248  C CA . VAL A 1 248 ? 17.057  -3.787  -9.592  1.00 165.56 ? 248 VAL C CA 1 
ATOM 249  C CA . VAL A 1 249 ? 13.545  -2.446  -9.016  1.00 182.96 ? 249 VAL C CA 1 
ATOM 250  C CA . VAL A 1 250 ? 10.976  -4.019  -6.746  1.00 209.95 ? 250 VAL C CA 1 
ATOM 251  C CA . LEU A 1 251 ? 8.436   -3.034  -9.439  1.00 210.20 ? 251 LEU C CA 1 
ATOM 252  C CA . GLY A 1 252 ? 5.881   -2.058  -6.909  1.00 213.57 ? 252 GLY C CA 1 
ATOM 253  C CA . SER A 1 253 ? 3.533   -4.775  -5.825  1.00 208.12 ? 253 SER C CA 1 
ATOM 254  C CA . GLN A 1 254 ? 0.964   -6.949  -7.538  1.00 208.91 ? 254 GLN C CA 1 
ATOM 255  C CA . GLU A 1 255 ? -1.701  -5.263  -5.470  1.00 212.94 ? 255 GLU C CA 1 
ATOM 256  C CA . GLY A 1 256 ? -4.241  -4.548  -8.157  1.00 222.22 ? 256 GLY C CA 1 
ATOM 257  C CA . ALA A 1 257 ? -3.368  -7.908  -9.652  1.00 219.31 ? 257 ALA C CA 1 
ATOM 258  C CA . MET A 1 258 ? -4.383  -9.788  -6.502  1.00 223.36 ? 258 MET C CA 1 
ATOM 259  C CA . HIS A 1 259 ? -7.326  -7.412  -6.010  1.00 227.53 ? 259 HIS C CA 1 
ATOM 260  C CA . THR A 1 260 ? -8.591  -8.347  -9.455  1.00 236.60 ? 260 THR C CA 1 
ATOM 261  C CA . ALA A 1 261 ? -7.859  -11.949 -8.441  1.00 225.93 ? 261 ALA C CA 1 
ATOM 262  C CA . LEU A 1 262 ? -10.136 -11.799 -5.444  1.00 244.95 ? 262 LEU C CA 1 
ATOM 263  C CA . THR A 1 263 ? -12.976 -11.734 -7.923  1.00 278.15 ? 263 THR C CA 1 
ATOM 264  C CA . GLY A 1 264 ? -13.224 -15.495 -8.475  1.00 272.53 ? 264 GLY C CA 1 
ATOM 265  C CA . ALA A 1 265 ? -12.468 -16.012 -4.817  1.00 252.86 ? 265 ALA C CA 1 
ATOM 266  C CA . THR A 1 266 ? -14.846 -17.277 -2.145  1.00 218.84 ? 266 THR C CA 1 
ATOM 267  C CA . GLU A 1 267 ? -14.460 -15.539 1.169   1.00 238.74 ? 267 GLU C CA 1 
ATOM 268  C CA . ILE A 1 268 ? -14.262 -17.571 4.351   1.00 215.43 ? 268 ILE C CA 1 
ATOM 269  C CA . GLN A 1 269 ? -14.865 -16.722 7.980   1.00 244.14 ? 269 GLN C CA 1 
ATOM 270  C CA . ASN A 1 270 ? -11.171 -16.802 8.943   1.00 267.05 ? 270 ASN C CA 1 
ATOM 271  C CA . SER A 1 271 ? -11.507 -15.211 12.411  1.00 292.33 ? 271 SER C CA 1 
ATOM 272  C CA . GLY A 1 272 ? -12.229 -18.279 14.558  1.00 299.72 ? 272 GLY C CA 1 
ATOM 273  C CA . GLY A 1 273 ? -8.980  -20.077 13.903  1.00 281.81 ? 273 GLY C CA 1 
ATOM 274  C CA . THR A 1 274 ? -9.749  -19.704 10.205  1.00 269.80 ? 274 THR C CA 1 
ATOM 275  C CA . SER A 1 275 ? -13.248 -21.194 10.385  1.00 247.10 ? 275 SER C CA 1 
ATOM 276  C CA . ILE A 1 276 ? -14.087 -22.523 6.933   1.00 224.46 ? 276 ILE C CA 1 
ATOM 277  C CA . PHE A 1 277 ? -17.638 -21.689 5.911   1.00 249.72 ? 277 PHE C CA 1 
ATOM 278  C CA . ALA A 1 278 ? -19.578 -21.795 2.646   1.00 247.60 ? 278 ALA C CA 1 
ATOM 279  C CA . GLY A 1 279 ? -18.937 -25.528 2.623   1.00 242.82 ? 279 GLY C CA 1 
ATOM 280  C CA . HIS A 1 280 ? -20.860 -28.384 1.054   1.00 228.20 ? 280 HIS C CA 1 
ATOM 281  C CA . LEU A 1 281 ? -21.890 -31.333 3.185   1.00 231.48 ? 281 LEU C CA 1 
ATOM 282  C CA . LYS A 1 282 ? -24.723 -33.771 3.548   1.00 253.73 ? 282 LYS C CA 1 
ATOM 283  C CA . CYS A 1 283 ? -26.304 -35.221 6.658   1.00 255.45 ? 283 CYS C CA 1 
ATOM 284  C CA . ARG A 1 284 ? -28.961 -37.742 7.612   1.00 264.96 ? 284 ARG C CA 1 
ATOM 285  C CA . LEU A 1 285 ? -31.861 -37.022 9.956   1.00 259.14 ? 285 LEU C CA 1 
ATOM 286  C CA . LYS A 1 286 ? -33.715 -39.646 12.030  1.00 261.97 ? 286 LYS C CA 1 
ATOM 287  C CA . MET A 1 287 ? -37.221 -38.545 13.099  1.00 245.33 ? 287 MET C CA 1 
ATOM 288  C CA . ASP A 1 288 ? -38.179 -42.019 14.384  1.00 249.11 ? 288 ASP C CA 1 
ATOM 289  C CA . LYS A 1 289 ? -38.097 -40.474 17.880  1.00 241.77 ? 289 LYS C CA 1 
ATOM 290  C CA . LEU A 1 290 ? -40.874 -38.003 17.181  1.00 242.85 ? 290 LEU C CA 1 
ATOM 291  C CA . GLU A 1 291 ? -43.996 -37.754 19.363  1.00 256.80 ? 291 GLU C CA 1 
ATOM 292  C CA . LEU A 1 292 ? -46.992 -35.494 19.009  1.00 264.75 ? 292 LEU C CA 1 
ATOM 293  C CA . LYS A 1 293 ? -46.503 -34.358 22.621  1.00 268.24 ? 293 LYS C CA 1 
ATOM 294  C CA . GLY A 1 294 ? -49.979 -32.970 22.224  1.00 281.02 ? 294 GLY C CA 1 
ATOM 295  C CA . MET A 1 295 ? -52.089 -36.031 21.491  1.00 302.08 ? 295 MET C CA 1 
ATOM 296  C CA . SER A 1 296 ? -53.105 -35.932 25.125  1.00 315.95 ? 296 SER C CA 1 
ATOM 297  C CA . TYR A 1 297 ? -54.331 -32.404 24.996  1.00 314.41 ? 297 TYR C CA 1 
ATOM 298  C CA . ALA A 1 298 ? -57.978 -31.603 24.725  1.00 324.75 ? 298 ALA C CA 1 
ATOM 299  C CA . MET A 1 299 ? -59.355 -29.449 21.981  1.00 337.98 ? 299 MET C CA 1 
ATOM 300  C CA . CYS A 1 300 ? -59.637 -25.810 22.751  1.00 341.77 ? 300 CYS C CA 1 
ATOM 301  C CA . LEU A 1 301 ? -63.351 -25.244 23.181  1.00 356.30 ? 301 LEU C CA 1 
ATOM 302  C CA . ASN A 1 302 ? -63.763 -21.502 23.583  1.00 356.43 ? 302 ASN C CA 1 
ATOM 303  C CA . THR A 1 303 ? -62.915 -18.782 21.157  1.00 360.26 ? 303 THR C CA 1 
ATOM 304  C CA . PHE A 1 304 ? -59.688 -16.999 20.294  1.00 340.98 ? 304 PHE C CA 1 
ATOM 305  C CA . VAL A 1 305 ? -58.490 -13.478 19.724  1.00 325.49 ? 305 VAL C CA 1 
ATOM 306  C CA . LEU A 1 306 ? -55.336 -12.605 17.857  1.00 320.43 ? 306 LEU C CA 1 
ATOM 307  C CA . LYS A 1 307 ? -52.729 -10.166 19.112  1.00 313.67 ? 307 LYS C CA 1 
ATOM 308  C CA . LYS A 1 308 ? -50.508 -9.832  16.071  1.00 308.94 ? 308 LYS C CA 1 
ATOM 309  C CA . GLU A 1 309 ? -52.220 -9.702  12.685  1.00 310.72 ? 309 GLU C CA 1 
ATOM 310  C CA . VAL A 1 310 ? -52.540 -12.747 10.464  1.00 305.44 ? 310 VAL C CA 1 
ATOM 311  C CA . SER A 1 311 ? -49.127 -12.367 8.800   1.00 301.71 ? 311 SER C CA 1 
ATOM 312  C CA . GLU A 1 312 ? -47.859 -14.148 5.708   1.00 295.28 ? 312 GLU C CA 1 
ATOM 313  C CA . THR A 1 313 ? -44.425 -14.017 4.064   1.00 285.55 ? 313 THR C CA 1 
ATOM 314  C CA . GLN A 1 314 ? -42.752 -14.975 0.824   1.00 272.62 ? 314 GLN C CA 1 
ATOM 315  C CA . HIS A 1 315 ? -43.796 -18.518 -0.121  1.00 269.77 ? 315 HIS C CA 1 
ATOM 316  C CA . GLY A 1 316 ? -47.159 -17.206 1.110   1.00 277.30 ? 316 GLY C CA 1 
ATOM 317  C CA . THR A 1 317 ? -46.651 -18.265 4.700   1.00 278.84 ? 317 THR C CA 1 
ATOM 318  C CA . ILE A 1 318 ? -49.306 -17.039 7.092   1.00 247.59 ? 318 ILE C CA 1 
ATOM 319  C CA . LEU A 1 319 ? -48.611 -16.601 10.731  1.00 270.82 ? 319 LEU C CA 1 
ATOM 320  C CA . ILE A 1 320 ? -51.144 -15.687 13.353  1.00 299.98 ? 320 ILE C CA 1 
ATOM 321  C CA . LYS A 1 321 ? -50.633 -15.265 17.063  1.00 292.38 ? 321 LYS C CA 1 
ATOM 322  C CA . VAL A 1 322 ? -53.778 -15.780 19.088  1.00 295.28 ? 322 VAL C CA 1 
ATOM 323  C CA . GLU A 1 323 ? -54.718 -16.478 22.663  1.00 323.47 ? 323 GLU C CA 1 
ATOM 324  C CA . TYR A 1 324 ? -57.363 -18.692 24.087  1.00 343.29 ? 324 TYR C CA 1 
ATOM 325  C CA . LYS A 1 325 ? -60.571 -17.828 25.917  1.00 342.81 ? 325 LYS C CA 1 
ATOM 326  C CA . GLY A 1 326 ? -61.995 -18.998 29.165  1.00 347.35 ? 326 GLY C CA 1 
ATOM 327  C CA . GLU A 1 327 ? -61.949 -22.716 28.537  1.00 352.74 ? 327 GLU C CA 1 
ATOM 328  C CA . ASP A 1 328 ? -59.374 -23.653 31.152  1.00 356.44 ? 328 ASP C CA 1 
ATOM 329  C CA . ALA A 1 329 ? -57.146 -26.387 29.800  1.00 336.20 ? 329 ALA C CA 1 
ATOM 330  C CA . PRO A 1 330 ? -53.803 -26.769 28.110  1.00 313.00 ? 330 PRO C CA 1 
ATOM 331  C CA . CYS A 1 331 ? -55.639 -27.885 25.051  1.00 324.45 ? 331 CYS C CA 1 
ATOM 332  C CA . LYS A 1 332 ? -55.150 -28.473 21.412  1.00 306.46 ? 332 LYS C CA 1 
ATOM 333  C CA . ILE A 1 333 ? -56.142 -25.611 19.169  1.00 288.58 ? 333 ILE C CA 1 
ATOM 334  C CA . PRO A 1 334 ? -58.021 -27.033 16.218  1.00 286.26 ? 334 PRO C CA 1 
ATOM 335  C CA . PHE A 1 335 ? -57.713 -25.298 12.935  1.00 293.08 ? 335 PHE C CA 1 
ATOM 336  C CA . SER A 1 336 ? -59.461 -24.672 9.673   1.00 316.81 ? 336 SER C CA 1 
ATOM 337  C CA . THR A 1 337 ? -58.768 -22.831 6.441   1.00 325.74 ? 337 THR C CA 1 
ATOM 338  C CA . GLU A 1 338 ? -61.951 -22.649 4.436   1.00 352.69 ? 338 GLU C CA 1 
ATOM 339  C CA . ASP A 1 339 ? -62.472 -20.098 1.750   1.00 370.58 ? 339 ASP C CA 1 
ATOM 340  C CA . GLY A 1 340 ? -64.226 -16.776 2.242   1.00 382.39 ? 340 GLY C CA 1 
ATOM 341  C CA . GLN A 1 341 ? -67.828 -17.751 1.693   1.00 383.95 ? 341 GLN C CA 1 
ATOM 342  C CA . GLY A 1 342 ? -67.239 -21.289 0.372   1.00 374.89 ? 342 GLY C CA 1 
ATOM 343  C CA . LYS A 1 343 ? -65.991 -23.696 3.055   1.00 362.16 ? 343 LYS C CA 1 
ATOM 344  C CA . ALA A 1 344 ? -63.266 -25.694 1.279   1.00 344.49 ? 344 ALA C CA 1 
ATOM 345  C CA . HIS A 1 345 ? -60.017 -26.851 2.891   1.00 332.74 ? 345 HIS C CA 1 
ATOM 346  C CA . ASN A 1 346 ? -57.049 -26.071 0.687   1.00 331.75 ? 346 ASN C CA 1 
ATOM 347  C CA . GLY A 1 347 ? -54.689 -24.096 2.971   1.00 313.63 ? 347 GLY C CA 1 
ATOM 348  C CA . ARG A 1 348 ? -52.030 -25.883 5.001   1.00 307.51 ? 348 ARG C CA 1 
ATOM 349  C CA . LEU A 1 349 ? -50.485 -25.531 8.427   1.00 297.40 ? 349 LEU C CA 1 
ATOM 350  C CA . ILE A 1 350 ? -46.963 -24.459 9.123   1.00 293.11 ? 350 ILE C CA 1 
ATOM 351  C CA . THR A 1 351 ? -48.011 -24.633 12.743  1.00 297.07 ? 351 THR C CA 1 
ATOM 352  C CA . ALA A 1 352 ? -48.943 -28.312 12.670  1.00 278.28 ? 352 ALA C CA 1 
ATOM 353  C CA . ASN A 1 353 ? -51.074 -28.282 15.769  1.00 265.66 ? 353 ASN C CA 1 
ATOM 354  C CA . PRO A 1 354 ? -51.246 -25.381 18.152  1.00 278.77 ? 354 PRO C CA 1 
ATOM 355  C CA . VAL A 1 355 ? -51.798 -26.170 21.756  1.00 301.93 ? 355 VAL C CA 1 
ATOM 356  C CA . VAL A 1 356 ? -52.321 -23.808 24.583  1.00 308.17 ? 356 VAL C CA 1 
ATOM 357  C CA . THR A 1 357 ? -50.575 -24.576 27.818  1.00 305.34 ? 357 THR C CA 1 
ATOM 358  C CA . LYS A 1 358 ? -51.599 -21.715 30.090  1.00 328.61 ? 358 LYS C CA 1 
ATOM 359  C CA . LYS A 1 359 ? -54.687 -20.345 28.295  1.00 336.85 ? 359 LYS C CA 1 
ATOM 360  C CA . GLU A 1 360 ? -53.352 -16.781 28.110  1.00 326.69 ? 360 GLU C CA 1 
ATOM 361  C CA . GLU A 1 361 ? -50.143 -16.915 26.079  1.00 322.84 ? 361 GLU C CA 1 
ATOM 362  C CA . PRO A 1 362 ? -51.018 -15.756 22.587  1.00 313.43 ? 362 PRO C CA 1 
ATOM 363  C CA . VAL A 1 363 ? -49.765 -18.656 20.618  1.00 295.29 ? 363 VAL C CA 1 
ATOM 364  C CA . ASN A 1 364 ? -48.354 -18.143 17.144  1.00 295.60 ? 364 ASN C CA 1 
ATOM 365  C CA . ILE A 1 365 ? -50.194 -20.350 14.683  1.00 293.38 ? 365 ILE C CA 1 
ATOM 366  C CA . GLU A 1 366 ? -48.290 -19.975 11.452  1.00 290.65 ? 366 GLU C CA 1 
ATOM 367  C CA . ALA A 1 367 ? -49.781 -21.685 8.436   1.00 267.52 ? 367 ALA C CA 1 
ATOM 368  C CA . GLU A 1 368 ? -50.561 -21.215 4.785   1.00 305.47 ? 368 GLU C CA 1 
ATOM 369  C CA . PRO A 1 369 ? -53.921 -20.549 3.124   1.00 309.68 ? 369 PRO C CA 1 
ATOM 370  C CA . PRO A 1 370 ? -54.904 -21.320 -0.476  1.00 306.39 ? 370 PRO C CA 1 
ATOM 371  C CA . PHE A 1 371 ? -54.236 -18.949 -3.305  1.00 325.66 ? 371 PHE C CA 1 
ATOM 372  C CA . GLY A 1 372 ? -57.615 -17.430 -3.589  1.00 324.77 ? 372 GLY C CA 1 
ATOM 373  C CA . GLU A 1 373 ? -59.717 -16.143 -0.767  1.00 334.80 ? 373 GLU C CA 1 
ATOM 374  C CA . SER A 1 374 ? -60.042 -18.130 2.409   1.00 329.49 ? 374 SER C CA 1 
ATOM 375  C CA . ASN A 1 375 ? -61.084 -17.792 6.029   1.00 327.72 ? 375 ASN C CA 1 
ATOM 376  C CA . ILE A 1 376 ? -59.374 -19.290 9.042   1.00 315.91 ? 376 ILE C CA 1 
ATOM 377  C CA . VAL A 1 377 ? -60.771 -20.718 12.260  1.00 304.68 ? 377 VAL C CA 1 
ATOM 378  C CA . ILE A 1 378 ? -58.228 -21.518 14.939  1.00 296.63 ? 378 ILE C CA 1 
ATOM 379  C CA . GLY A 1 379 ? -60.768 -22.776 17.446  1.00 314.27 ? 379 GLY C CA 1 
ATOM 380  C CA . ILE A 1 380 ? -63.350 -25.508 17.650  1.00 352.04 ? 380 ILE C CA 1 
ATOM 381  C CA . GLY A 1 381 ? -66.436 -23.296 17.809  1.00 346.62 ? 381 GLY C CA 1 
ATOM 382  C CA . ASP A 1 382 ? -67.893 -21.513 14.827  1.00 361.52 ? 382 ASP C CA 1 
ATOM 383  C CA . LYS A 1 383 ? -67.423 -18.171 16.587  1.00 355.26 ? 383 LYS C CA 1 
ATOM 384  C CA . ALA A 1 384 ? -63.836 -19.123 17.517  1.00 344.91 ? 384 ALA C CA 1 
ATOM 385  C CA . LEU A 1 385 ? -62.139 -16.797 15.031  1.00 332.19 ? 385 LEU C CA 1 
ATOM 386  C CA . LYS A 1 386 ? -62.679 -16.069 11.354  1.00 334.83 ? 386 LYS C CA 1 
ATOM 387  C CA . ILE A 1 387 ? -60.568 -14.144 8.857   1.00 310.88 ? 387 ILE C CA 1 
ATOM 388  C CA . ASN A 1 388 ? -60.426 -14.551 5.101   1.00 317.59 ? 388 ASN C CA 1 
ATOM 389  C CA . TRP A 1 389 ? -57.125 -13.317 3.814   1.00 295.27 ? 389 TRP C CA 1 
ATOM 390  C CA . TYR A 1 390 ? -56.356 -14.406 0.256   1.00 309.69 ? 390 TYR C CA 1 
ATOM 391  C CA . LYS A 1 391 ? -52.810 -15.614 0.348   1.00 302.81 ? 391 LYS C CA 1 
ATOM 392  C CA . LYS A 1 392 ? -51.333 -14.339 -2.856  1.00 305.77 ? 392 LYS C CA 1 
ATOM 393  C CA . GLY A 1 393 ? -48.792 -17.171 -2.816  1.00 316.98 ? 393 GLY C CA 1 
ATOM 394  C CA . SER A 1 394 ? -49.864 -20.379 -4.513  1.00 303.64 ? 394 SER C CA 1 
ATOM 395  C CA . MET B 1 1   ? 35.480  11.434  -30.159 1.00 197.36 ? 1   MET E CA 1 
ATOM 396  C CA . ARG B 1 2   ? 32.967  12.498  -27.625 1.00 210.84 ? 2   ARG E CA 1 
ATOM 397  C CA . CYS B 1 3   ? 30.586  10.128  -29.279 1.00 244.53 ? 3   CYS E CA 1 
ATOM 398  C CA . VAL B 1 4   ? 33.359  7.638   -29.896 1.00 223.67 ? 4   VAL E CA 1 
ATOM 399  C CA . GLY B 1 5   ? 33.315  5.585   -26.742 1.00 234.92 ? 5   GLY E CA 1 
ATOM 400  C CA . VAL B 1 6   ? 29.583  5.771   -26.084 1.00 222.36 ? 6   VAL E CA 1 
ATOM 401  C CA . GLY B 1 7   ? 28.806  2.667   -28.131 1.00 230.41 ? 7   GLY E CA 1 
ATOM 402  C CA . ASN B 1 8   ? 25.563  4.314   -29.235 1.00 222.70 ? 8   ASN E CA 1 
ATOM 403  C CA . ARG B 1 9   ? 26.867  6.676   -31.911 1.00 243.64 ? 9   ARG E CA 1 
ATOM 404  C CA . ASP B 1 10  ? 25.265  6.144   -35.299 1.00 249.25 ? 10  ASP E CA 1 
ATOM 405  C CA . PHE B 1 11  ? 27.196  6.712   -38.505 1.00 240.49 ? 11  PHE E CA 1 
ATOM 406  C CA . VAL B 1 12  ? 25.069  8.578   -40.997 1.00 250.20 ? 12  VAL E CA 1 
ATOM 407  C CA . GLU B 1 13  ? 27.571  9.372   -43.741 1.00 254.58 ? 13  GLU E CA 1 
ATOM 408  C CA . GLY B 1 14  ? 25.544  9.152   -46.896 1.00 280.57 ? 14  GLY E CA 1 
ATOM 409  C CA . LEU B 1 15  ? 27.411  12.367  -47.527 1.00 281.69 ? 15  LEU E CA 1 
ATOM 410  C CA . SER B 1 16  ? 25.584  15.049  -49.464 1.00 296.20 ? 16  SER E CA 1 
ATOM 411  C CA . GLY B 1 17  ? 26.402  18.494  -50.751 1.00 280.00 ? 17  GLY E CA 1 
ATOM 412  C CA . ALA B 1 18  ? 25.354  21.758  -49.133 1.00 258.14 ? 18  ALA E CA 1 
ATOM 413  C CA . THR B 1 19  ? 26.580  20.305  -45.831 1.00 258.50 ? 19  THR E CA 1 
ATOM 414  C CA . TRP B 1 20  ? 23.520  18.454  -44.597 1.00 264.94 ? 20  TRP E CA 1 
ATOM 415  C CA . VAL B 1 21  ? 23.015  14.929  -43.382 1.00 250.02 ? 21  VAL E CA 1 
ATOM 416  C CA . ASP B 1 22  ? 19.966  12.742  -42.879 1.00 276.95 ? 22  ASP E CA 1 
ATOM 417  C CA . VAL B 1 23  ? 19.518  11.179  -39.479 1.00 274.15 ? 23  VAL E CA 1 
ATOM 418  C CA . VAL B 1 24  ? 16.525  9.799   -37.643 1.00 269.04 ? 24  VAL E CA 1 
ATOM 419  C CA . LEU B 1 25  ? 16.377  10.863  -34.029 1.00 257.38 ? 25  LEU E CA 1 
ATOM 420  C CA . GLU B 1 26  ? 14.813  8.158   -31.872 1.00 276.36 ? 26  GLU E CA 1 
ATOM 421  C CA . HIS B 1 27  ? 16.798  9.122   -28.728 1.00 262.28 ? 27  HIS E CA 1 
ATOM 422  C CA . GLY B 1 28  ? 18.237  5.652   -28.564 1.00 268.15 ? 28  GLY E CA 1 
ATOM 423  C CA . GLY B 1 29  ? 21.321  6.514   -30.606 1.00 254.64 ? 29  GLY E CA 1 
ATOM 424  C CA . CYS B 1 30  ? 23.802  9.274   -31.253 1.00 241.81 ? 30  CYS E CA 1 
ATOM 425  C CA . VAL B 1 31  ? 24.737  11.124  -34.431 1.00 200.19 ? 31  VAL E CA 1 
ATOM 426  C CA . THR B 1 32  ? 27.883  11.105  -36.556 1.00 220.27 ? 32  THR E CA 1 
ATOM 427  C CA . THR B 1 33  ? 28.172  13.486  -39.512 1.00 219.53 ? 33  THR E CA 1 
ATOM 428  C CA . MET B 1 34  ? 31.405  13.198  -41.456 1.00 213.82 ? 34  MET E CA 1 
ATOM 429  C CA . ALA B 1 35  ? 32.426  15.541  -44.252 1.00 227.38 ? 35  ALA E CA 1 
ATOM 430  C CA . LYS B 1 36  ? 35.491  16.641  -46.211 1.00 230.63 ? 36  LYS E CA 1 
ATOM 431  C CA . ASN B 1 37  ? 35.513  19.721  -43.992 1.00 211.03 ? 37  ASN E CA 1 
ATOM 432  C CA . LYS B 1 38  ? 33.149  20.752  -41.208 1.00 226.15 ? 38  LYS E CA 1 
ATOM 433  C CA . PRO B 1 39  ? 34.986  18.200  -39.131 1.00 215.98 ? 39  PRO E CA 1 
ATOM 434  C CA . THR B 1 40  ? 33.931  14.581  -38.932 1.00 206.57 ? 40  THR E CA 1 
ATOM 435  C CA . LEU B 1 41  ? 31.874  15.439  -35.923 1.00 213.40 ? 41  LEU E CA 1 
ATOM 436  C CA . ASP B 1 42  ? 30.485  13.925  -32.756 1.00 222.48 ? 42  ASP E CA 1 
ATOM 437  C CA . ILE B 1 43  ? 26.752  14.346  -32.449 1.00 209.21 ? 43  ILE E CA 1 
ATOM 438  C CA . GLU B 1 44  ? 24.551  12.905  -29.773 1.00 238.30 ? 44  GLU E CA 1 
ATOM 439  C CA . LEU B 1 45  ? 20.811  13.024  -29.647 1.00 232.02 ? 45  LEU E CA 1 
ATOM 440  C CA . GLN B 1 46  ? 19.840  14.174  -26.178 1.00 219.60 ? 46  GLN E CA 1 
ATOM 441  C CA . LYS B 1 47  ? 16.266  13.962  -25.012 1.00 223.36 ? 47  LYS E CA 1 
ATOM 442  C CA . THR B 1 48  ? 13.301  14.521  -27.233 1.00 251.13 ? 48  THR E CA 1 
ATOM 443  C CA . GLU B 1 49  ? 10.761  16.536  -25.393 1.00 269.24 ? 49  GLU E CA 1 
ATOM 444  C CA . ALA B 1 50  ? 7.091   17.131  -25.156 1.00 285.25 ? 50  ALA E CA 1 
ATOM 445  C CA . THR B 1 51  ? 5.305   19.914  -23.437 1.00 287.13 ? 51  THR E CA 1 
ATOM 446  C CA . GLN B 1 52  ? 1.834   20.868  -22.328 1.00 292.34 ? 52  GLN E CA 1 
ATOM 447  C CA . LEU B 1 53  ? 0.146   17.538  -22.353 1.00 241.87 ? 53  LEU E CA 1 
ATOM 448  C CA . ALA B 1 54  ? -3.604  17.557  -21.908 1.00 233.89 ? 54  ALA E CA 1 
ATOM 449  C CA . THR B 1 55  ? -5.794  15.340  -19.782 1.00 222.53 ? 55  THR E CA 1 
ATOM 450  C CA . LEU B 1 56  ? -9.074  13.548  -20.408 1.00 221.35 ? 56  LEU E CA 1 
ATOM 451  C CA . ARG B 1 57  ? -11.518 11.383  -18.450 1.00 214.48 ? 57  ARG E CA 1 
ATOM 452  C CA . LYS B 1 58  ? -9.360  11.325  -15.395 1.00 212.82 ? 58  LYS E CA 1 
ATOM 453  C CA . LEU B 1 59  ? -9.793  8.077   -13.559 1.00 225.87 ? 59  LEU E CA 1 
ATOM 454  C CA . CYS B 1 60  ? -9.111  6.955   -10.076 1.00 217.88 ? 60  CYS E CA 1 
ATOM 455  C CA . ILE B 1 61  ? -7.612  3.695   -8.910  1.00 214.94 ? 61  ILE E CA 1 
ATOM 456  C CA . GLU B 1 62  ? -8.782  3.646   -5.298  1.00 222.47 ? 62  GLU E CA 1 
ATOM 457  C CA . GLY B 1 63  ? -11.190 5.577   -3.146  1.00 240.91 ? 63  GLY E CA 1 
ATOM 458  C CA . LYS B 1 64  ? -12.050 5.542   0.504   1.00 239.69 ? 64  LYS E CA 1 
ATOM 459  C CA . ILE B 1 65  ? -15.013 3.940   2.258   1.00 241.48 ? 65  ILE E CA 1 
ATOM 460  C CA . THR B 1 66  ? -16.204 5.526   5.478   1.00 263.12 ? 66  THR E CA 1 
ATOM 461  C CA . ASN B 1 67  ? -19.524 5.749   7.329   1.00 285.89 ? 67  ASN E CA 1 
ATOM 462  C CA . ILE B 1 68  ? -21.015 2.721   5.710   1.00 288.24 ? 68  ILE E CA 1 
ATOM 463  C CA . THR B 1 69  ? -24.587 3.530   6.683   1.00 284.62 ? 69  THR E CA 1 
ATOM 464  C CA . THR B 1 70  ? -27.858 2.169   5.421   1.00 289.97 ? 70  THR E CA 1 
ATOM 465  C CA . ASP B 1 71  ? -31.620 2.542   5.343   1.00 312.97 ? 71  ASP E CA 1 
ATOM 466  C CA . SER B 1 72  ? -34.185 -0.263  5.061   1.00 303.06 ? 72  SER E CA 1 
ATOM 467  C CA . ARG B 1 73  ? -37.870 0.202   4.288   1.00 326.73 ? 73  ARG E CA 1 
ATOM 468  C CA . CYS B 1 74  ? -40.699 -2.246  4.941   1.00 333.26 ? 74  CYS E CA 1 
ATOM 469  C CA . PRO B 1 75  ? -41.517 -4.661  2.100   1.00 316.13 ? 75  PRO E CA 1 
ATOM 470  C CA . THR B 1 76  ? -44.385 -4.253  -0.335  1.00 333.78 ? 76  THR E CA 1 
ATOM 471  C CA . GLN B 1 77  ? -44.176 -0.484  0.135   1.00 333.13 ? 77  GLN E CA 1 
ATOM 472  C CA . GLY B 1 78  ? -41.990 2.548   -0.567  1.00 337.05 ? 78  GLY E CA 1 
ATOM 473  C CA . GLU B 1 79  ? -38.250 2.416   -1.005  1.00 319.13 ? 79  GLU E CA 1 
ATOM 474  C CA . ALA B 1 80  ? -35.321 2.719   1.386   1.00 323.33 ? 80  ALA E CA 1 
ATOM 475  C CA . ILE B 1 81  ? -33.793 6.115   0.665   1.00 312.23 ? 81  ILE E CA 1 
ATOM 476  C CA . LEU B 1 82  ? -30.901 8.139   2.065   1.00 289.13 ? 82  LEU E CA 1 
ATOM 477  C CA . PRO B 1 83  ? -29.964 11.577  0.739   1.00 308.33 ? 83  PRO E CA 1 
ATOM 478  C CA . GLU B 1 84  ? -26.351 10.490  0.575   1.00 282.73 ? 84  GLU E CA 1 
ATOM 479  C CA . GLU B 1 85  ? -27.641 8.214   -2.185  1.00 306.55 ? 85  GLU E CA 1 
ATOM 480  C CA . GLN B 1 86  ? -27.959 11.446  -4.113  1.00 319.61 ? 86  GLN E CA 1 
ATOM 481  C CA . ASP B 1 87  ? -24.572 12.462  -2.750  1.00 311.22 ? 87  ASP E CA 1 
ATOM 482  C CA . GLN B 1 88  ? -21.705 11.641  -5.062  1.00 293.87 ? 88  GLN E CA 1 
ATOM 483  C CA . ASN B 1 89  ? -19.067 11.507  -2.340  1.00 297.90 ? 89  ASN E CA 1 
ATOM 484  C CA . TYR B 1 90  ? -21.013 8.863   -0.475  1.00 279.22 ? 90  TYR E CA 1 
ATOM 485  C CA . VAL B 1 91  ? -21.800 6.025   -2.727  1.00 227.31 ? 91  VAL E CA 1 
ATOM 486  C CA . CYS B 1 92  ? -25.139 4.442   -2.132  1.00 244.07 ? 92  CYS E CA 1 
ATOM 487  C CA . LYS B 1 93  ? -27.616 2.038   -3.561  1.00 242.33 ? 93  LYS E CA 1 
ATOM 488  C CA . HIS B 1 94  ? -30.856 0.607   -2.464  1.00 267.86 ? 94  HIS E CA 1 
ATOM 489  C CA . THR B 1 95  ? -31.978 -2.964  -2.589  1.00 275.87 ? 95  THR E CA 1 
ATOM 490  C CA . TYR B 1 96  ? -34.550 -5.274  -1.097  1.00 288.44 ? 96  TYR E CA 1 
ATOM 491  C CA . VAL B 1 97  ? -34.048 -6.811  2.311   1.00 291.82 ? 97  VAL E CA 1 
ATOM 492  C CA . ASP B 1 98  ? -36.038 -9.586  3.861   1.00 298.89 ? 98  ASP E CA 1 
ATOM 493  C CA . ARG B 1 99  ? -38.163 -7.924  6.458   1.00 307.39 ? 99  ARG E CA 1 
ATOM 494  C CA . GLY B 1 100 ? -40.691 -9.561  8.742   1.00 303.76 ? 100 GLY E CA 1 
ATOM 495  C CA . TRP B 1 101 ? -41.560 -10.145 12.357  1.00 309.44 ? 101 TRP E CA 1 
ATOM 496  C CA . GLY B 1 102 ? -38.260 -11.996 12.547  1.00 289.00 ? 102 GLY E CA 1 
ATOM 497  C CA . ASN B 1 103 ? -36.868 -8.661  11.383  1.00 317.64 ? 103 ASN E CA 1 
ATOM 498  C CA . GLY B 1 104 ? -39.533 -6.823  13.426  1.00 326.34 ? 104 GLY E CA 1 
ATOM 499  C CA . CYS B 1 105 ? -41.395 -5.699  10.288  1.00 323.50 ? 105 CYS E CA 1 
ATOM 500  C CA . GLY B 1 106 ? -45.158 -5.978  10.648  1.00 307.81 ? 106 GLY E CA 1 
ATOM 501  C CA . LEU B 1 107 ? -45.210 -7.914  7.401   1.00 301.85 ? 107 LEU E CA 1 
ATOM 502  C CA . PHE B 1 108 ? -42.726 -10.275 5.850   1.00 300.66 ? 108 PHE E CA 1 
ATOM 503  C CA . GLY B 1 109 ? -41.145 -10.096 2.461   1.00 307.21 ? 109 GLY E CA 1 
ATOM 504  C CA . LYS B 1 110 ? -38.059 -8.454  1.079   1.00 295.80 ? 110 LYS E CA 1 
ATOM 505  C CA . GLY B 1 111 ? -38.265 -4.782  1.724   1.00 296.04 ? 111 GLY E CA 1 
ATOM 506  C CA . SER B 1 112 ? -36.265 -1.987  0.289   1.00 293.63 ? 112 SER E CA 1 
ATOM 507  C CA . LEU B 1 113 ? -32.869 -1.222  1.760   1.00 288.62 ? 113 LEU E CA 1 
ATOM 508  C CA . VAL B 1 114 ? -30.429 1.491   0.769   1.00 281.02 ? 114 VAL E CA 1 
ATOM 509  C CA . THR B 1 115 ? -26.922 1.992   2.071   1.00 273.12 ? 115 THR E CA 1 
ATOM 510  C CA . CYS B 1 116 ? -24.475 4.842   2.044   1.00 287.78 ? 116 CYS E CA 1 
ATOM 511  C CA . ALA B 1 117 ? -20.800 4.819   2.745   1.00 252.36 ? 117 ALA E CA 1 
ATOM 512  C CA . LYS B 1 118 ? -18.500 7.666   1.919   1.00 240.10 ? 118 LYS E CA 1 
ATOM 513  C CA . PHE B 1 119 ? -16.667 7.067   -1.286  1.00 238.66 ? 119 PHE E CA 1 
ATOM 514  C CA . GLN B 1 120 ? -13.572 9.177   -1.619  1.00 246.81 ? 120 GLN E CA 1 
ATOM 515  C CA . CYS B 1 121 ? -11.235 8.737   -4.549  1.00 239.43 ? 121 CYS E CA 1 
ATOM 516  C CA . LEU B 1 122 ? -7.495  9.029   -4.071  1.00 232.91 ? 122 LEU E CA 1 
ATOM 517  C CA . GLU B 1 123 ? -4.489  8.658   -6.372  1.00 237.14 ? 123 GLU E CA 1 
ATOM 518  C CA . SER B 1 124 ? -6.311  9.035   -9.659  1.00 226.18 ? 124 SER E CA 1 
ATOM 519  C CA . ILE B 1 125 ? -5.399  7.621   -13.080 1.00 217.18 ? 125 ILE E CA 1 
ATOM 520  C CA . GLU B 1 126 ? -4.765  10.350  -15.613 1.00 225.90 ? 126 GLU E CA 1 
ATOM 521  C CA . GLY B 1 127 ? -4.211  9.925   -19.341 1.00 224.54 ? 127 GLY E CA 1 
ATOM 522  C CA . LYS B 1 128 ? -2.380  12.716  -21.140 1.00 236.16 ? 128 LYS E CA 1 
ATOM 523  C CA . VAL B 1 129 ? -2.384  13.387  -24.886 1.00 242.83 ? 129 VAL E CA 1 
ATOM 524  C CA . VAL B 1 130 ? 0.445   13.137  -27.475 1.00 270.14 ? 130 VAL E CA 1 
ATOM 525  C CA . GLN B 1 131 ? 0.402   15.211  -30.921 1.00 299.73 ? 131 GLN E CA 1 
ATOM 526  C CA . HIS B 1 132 ? 2.664   16.181  -33.846 1.00 285.42 ? 132 HIS E CA 1 
ATOM 527  C CA . GLU B 1 133 ? 2.810   19.862  -32.754 1.00 302.10 ? 133 GLU E CA 1 
ATOM 528  C CA . ASN B 1 134 ? 4.964   20.003  -29.622 1.00 282.57 ? 134 ASN E CA 1 
ATOM 529  C CA . LEU B 1 135 ? 7.485   17.516  -31.031 1.00 263.18 ? 135 LEU E CA 1 
ATOM 530  C CA . LYS B 1 136 ? 10.623  18.904  -29.371 1.00 265.82 ? 136 LYS E CA 1 
ATOM 531  C CA . TYR B 1 137 ? 13.848  17.059  -29.995 1.00 245.06 ? 137 TYR E CA 1 
ATOM 532  C CA . THR B 1 138 ? 17.002  17.885  -28.067 1.00 247.35 ? 138 THR E CA 1 
ATOM 533  C CA . VAL B 1 139 ? 20.243  16.877  -29.767 1.00 221.84 ? 139 VAL E CA 1 
ATOM 534  C CA . ILE B 1 140 ? 23.807  17.477  -28.655 1.00 206.29 ? 140 ILE E CA 1 
ATOM 535  C CA . ILE B 1 141 ? 26.863  17.762  -30.876 1.00 202.45 ? 141 ILE E CA 1 
ATOM 536  C CA . THR B 1 142 ? 30.577  17.645  -30.224 1.00 217.84 ? 142 THR E CA 1 
ATOM 537  C CA . VAL B 1 143 ? 33.587  18.423  -32.293 1.00 239.21 ? 143 VAL E CA 1 
ATOM 538  C CA . HIS B 1 144 ? 36.085  15.705  -33.121 1.00 221.68 ? 144 HIS E CA 1 
ATOM 539  C CA . THR B 1 145 ? 38.915  18.206  -32.400 1.00 248.44 ? 145 THR E CA 1 
ATOM 540  C CA . GLY B 1 146 ? 41.375  15.756  -30.855 1.00 243.18 ? 146 GLY E CA 1 
ATOM 541  C CA . ASP B 1 147 ? 41.911  16.741  -27.271 1.00 239.55 ? 147 ASP E CA 1 
ATOM 542  C CA . GLN B 1 148 ? 42.945  13.574  -25.438 1.00 232.94 ? 148 GLN E CA 1 
ATOM 543  C CA . HIS B 1 149 ? 39.911  13.732  -23.238 1.00 243.32 ? 149 HIS E CA 1 
ATOM 544  C CA . GLN B 1 150 ? 37.528  14.107  -26.149 1.00 233.04 ? 150 GLN E CA 1 
ATOM 545  C CA . VAL B 1 151 ? 37.408  10.301  -26.575 1.00 219.94 ? 151 VAL E CA 1 
ATOM 546  C CA . GLY B 1 152 ? 34.182  8.823   -25.185 1.00 220.37 ? 152 GLY E CA 1 
ATOM 547  C CA . ASN B 1 153 ? 33.504  12.110  -23.460 1.00 215.46 ? 153 ASN E CA 1 
ATOM 548  C CA . GLU B 1 154 ? 29.732  12.312  -23.127 1.00 207.94 ? 154 GLU E CA 1 
ATOM 549  C CA . THR B 1 155 ? 30.475  15.553  -21.213 1.00 204.57 ? 155 THR E CA 1 
ATOM 550  C CA . GLN B 1 156 ? 31.698  17.581  -24.198 1.00 221.06 ? 156 GLN E CA 1 
ATOM 551  C CA . GLY B 1 157 ? 28.978  18.164  -26.768 1.00 232.52 ? 157 GLY E CA 1 
ATOM 552  C CA . VAL B 1 158 ? 26.990  21.229  -27.765 1.00 209.83 ? 158 VAL E CA 1 
ATOM 553  C CA . THR B 1 159 ? 23.234  21.323  -27.255 1.00 220.98 ? 159 THR E CA 1 
ATOM 554  C CA . ALA B 1 160 ? 20.676  21.701  -30.014 1.00 229.30 ? 160 ALA E CA 1 
ATOM 555  C CA . GLU B 1 161 ? 16.977  21.847  -29.208 1.00 248.11 ? 161 GLU E CA 1 
ATOM 556  C CA . ILE B 1 162 ? 14.546  21.196  -32.000 1.00 255.69 ? 162 ILE E CA 1 
ATOM 557  C CA . THR B 1 163 ? 11.076  22.587  -32.490 1.00 283.76 ? 163 THR E CA 1 
ATOM 558  C CA . PRO B 1 164 ? 8.445   22.030  -35.160 1.00 284.54 ? 164 PRO E CA 1 
ATOM 559  C CA . GLN B 1 165 ? 7.613   25.719  -35.454 1.00 301.30 ? 165 GLN E CA 1 
ATOM 560  C CA . ALA B 1 166 ? 11.237  26.755  -35.968 1.00 287.83 ? 166 ALA E CA 1 
ATOM 561  C CA . SER B 1 167 ? 12.202  23.581  -37.738 1.00 282.28 ? 167 SER E CA 1 
ATOM 562  C CA . THR B 1 168 ? 15.515  25.044  -38.900 1.00 279.38 ? 168 THR E CA 1 
ATOM 563  C CA . VAL B 1 169 ? 17.877  26.844  -36.515 1.00 268.61 ? 169 VAL E CA 1 
ATOM 564  C CA . GLU B 1 170 ? 21.629  27.030  -36.245 1.00 247.62 ? 170 GLU E CA 1 
ATOM 565  C CA . ALA B 1 171 ? 23.804  25.020  -33.879 1.00 268.13 ? 171 ALA E CA 1 
ATOM 566  C CA . ILE B 1 172 ? 27.154  26.562  -32.962 1.00 277.50 ? 172 ILE E CA 1 
ATOM 567  C CA . LEU B 1 173 ? 29.981  24.066  -33.245 1.00 256.47 ? 173 LEU E CA 1 
ATOM 568  C CA . PRO B 1 174 ? 33.302  24.546  -31.427 1.00 245.29 ? 174 PRO E CA 1 
ATOM 569  C CA . GLU B 1 175 ? 35.917  26.623  -33.259 1.00 262.60 ? 175 GLU E CA 1 
ATOM 570  C CA . TYR B 1 176 ? 34.880  25.246  -36.642 1.00 253.85 ? 176 TYR E CA 1 
ATOM 571  C CA . GLY B 1 177 ? 31.676  27.100  -37.451 1.00 265.82 ? 177 GLY E CA 1 
ATOM 572  C CA . THR B 1 178 ? 28.039  26.258  -36.863 1.00 256.23 ? 178 THR E CA 1 
ATOM 573  C CA . LEU B 1 179 ? 25.446  23.728  -37.882 1.00 244.69 ? 179 LEU E CA 1 
ATOM 574  C CA . GLY B 1 180 ? 21.934  24.445  -38.984 1.00 247.76 ? 180 GLY E CA 1 
ATOM 575  C CA . LEU B 1 181 ? 18.938  22.536  -37.723 1.00 255.27 ? 181 LEU E CA 1 
ATOM 576  C CA . GLU B 1 182 ? 17.536  21.494  -41.070 1.00 259.95 ? 182 GLU E CA 1 
ATOM 577  C CA . CYS B 1 183 ? 15.558  18.756  -39.349 1.00 256.03 ? 183 CYS E CA 1 
ATOM 578  C CA . SER B 1 184 ? 11.848  17.955  -39.363 1.00 277.20 ? 184 SER E CA 1 
ATOM 579  C CA . PRO B 1 185 ? 10.313  18.420  -35.902 1.00 282.04 ? 185 PRO E CA 1 
ATOM 580  C CA . ARG B 1 186 ? 7.010   17.375  -37.311 1.00 298.29 ? 186 ARG E CA 1 
ATOM 581  C CA . THR B 1 187 ? 7.973   13.787  -37.474 1.00 285.90 ? 187 THR E CA 1 
ATOM 582  C CA . GLY B 1 188 ? 8.090   12.415  -33.939 1.00 319.75 ? 188 GLY E CA 1 
ATOM 583  C CA . LEU B 1 189 ? 6.023   10.317  -31.664 1.00 339.40 ? 189 LEU E CA 1 
ATOM 584  C CA . ASP B 1 190 ? 3.164   12.808  -31.632 1.00 326.70 ? 190 ASP E CA 1 
ATOM 585  C CA . PHE B 1 191 ? 3.554   14.866  -28.393 1.00 304.84 ? 191 PHE E CA 1 
ATOM 586  C CA . ASN B 1 192 ? 0.140   16.300  -26.886 1.00 292.23 ? 192 ASN E CA 1 
ATOM 587  C CA . GLU B 1 193 ? -3.010  14.942  -29.045 1.00 289.05 ? 193 GLU E CA 1 
ATOM 588  C CA . MET B 1 194 ? -2.986  11.015  -28.819 1.00 281.54 ? 194 MET E CA 1 
ATOM 589  C CA . ILE B 1 195 ? -2.747  9.753   -25.371 1.00 252.72 ? 195 ILE E CA 1 
ATOM 590  C CA . LEU B 1 196 ? -0.124  8.986   -22.818 1.00 226.37 ? 196 LEU E CA 1 
ATOM 591  C CA . LEU B 1 197 ? -1.494  7.673   -19.638 1.00 226.31 ? 197 LEU E CA 1 
ATOM 592  C CA . THR B 1 198 ? -0.023  8.762   -16.331 1.00 226.66 ? 198 THR E CA 1 
ATOM 593  C CA . MET B 1 199 ? -0.360  6.202   -13.555 1.00 211.41 ? 199 MET E CA 1 
ATOM 594  C CA . LYS B 1 200 ? 1.729   6.028   -10.373 1.00 200.29 ? 200 LYS E CA 1 
ATOM 595  C CA . ASN B 1 201 ? 4.305   8.509   -11.734 1.00 200.86 ? 201 ASN E CA 1 
ATOM 596  C CA . LYS B 1 202 ? 4.754   6.350   -14.829 1.00 202.76 ? 202 LYS E CA 1 
ATOM 597  C CA . ALA B 1 203 ? 3.576   6.832   -18.360 1.00 219.21 ? 203 ALA E CA 1 
ATOM 598  C CA . TRP B 1 204 ? 3.017   5.024   -21.615 1.00 210.94 ? 204 TRP E CA 1 
ATOM 599  C CA . MET B 1 205 ? 2.012   6.040   -25.118 1.00 251.43 ? 205 MET E CA 1 
ATOM 600  C CA . VAL B 1 206 ? -1.378  4.490   -24.570 1.00 248.87 ? 206 VAL E CA 1 
ATOM 601  C CA . HIS B 1 207 ? -3.892  4.259   -27.341 1.00 263.07 ? 207 HIS E CA 1 
ATOM 602  C CA . ARG B 1 208 ? -6.528  6.875   -26.654 1.00 249.71 ? 208 ARG E CA 1 
ATOM 603  C CA . GLN B 1 209 ? -9.052  4.083   -26.473 1.00 250.84 ? 209 GLN E CA 1 
ATOM 604  C CA . TRP B 1 210 ? -6.605  1.961   -24.476 1.00 241.84 ? 210 TRP E CA 1 
ATOM 605  C CA . PHE B 1 211 ? -6.826  4.740   -21.929 1.00 243.26 ? 211 PHE E CA 1 
ATOM 606  C CA . PHE B 1 212 ? -10.573 5.049   -22.521 1.00 255.30 ? 212 PHE E CA 1 
ATOM 607  C CA . ASP B 1 213 ? -11.231 1.445   -21.466 1.00 263.32 ? 213 ASP E CA 1 
ATOM 608  C CA . LEU B 1 214 ? -10.303 1.550   -17.809 1.00 241.52 ? 214 LEU E CA 1 
ATOM 609  C CA . PRO B 1 215 ? -12.955 0.198   -15.383 1.00 253.42 ? 215 PRO E CA 1 
ATOM 610  C CA . LEU B 1 216 ? -12.279 2.928   -12.865 1.00 232.13 ? 216 LEU E CA 1 
ATOM 611  C CA . PRO B 1 217 ? -14.421 5.879   -11.824 1.00 218.67 ? 217 PRO E CA 1 
ATOM 612  C CA . TRP B 1 218 ? -13.300 8.978   -13.517 1.00 226.07 ? 218 TRP E CA 1 
ATOM 613  C CA . THR B 1 219 ? -13.222 12.769  -13.315 1.00 220.20 ? 219 THR E CA 1 
ATOM 614  C CA . SER B 1 220 ? -12.770 15.736  -15.609 1.00 249.20 ? 220 SER E CA 1 
ATOM 615  C CA . GLY B 1 221 ? -9.155  16.814  -15.191 1.00 269.98 ? 221 GLY E CA 1 
ATOM 616  C CA . ALA B 1 222 ? -9.127  19.804  -12.856 1.00 296.97 ? 222 ALA E CA 1 
ATOM 617  C CA . THR B 1 223 ? -6.705  20.150  -9.918  1.00 290.29 ? 223 THR E CA 1 
ATOM 618  C CA . THR B 1 224 ? -9.305  19.721  -7.191  1.00 290.50 ? 224 THR E CA 1 
ATOM 619  C CA . GLU B 1 225 ? -8.175  17.487  -4.346  1.00 292.85 ? 225 GLU E CA 1 
ATOM 620  C CA . THR B 1 226 ? -11.859 16.728  -3.680  1.00 290.91 ? 226 THR E CA 1 
ATOM 621  C CA . PRO B 1 227 ? -12.915 15.750  -7.208  1.00 255.87 ? 227 PRO E CA 1 
ATOM 622  C CA . THR B 1 228 ? -16.486 14.577  -7.596  1.00 266.28 ? 228 THR E CA 1 
ATOM 623  C CA . TRP B 1 229 ? -16.082 11.425  -9.634  1.00 240.44 ? 229 TRP E CA 1 
ATOM 624  C CA . ASN B 1 230 ? -18.092 9.830   -12.399 1.00 228.11 ? 230 ASN E CA 1 
ATOM 625  C CA . ARG B 1 231 ? -19.211 6.238   -12.592 1.00 239.96 ? 231 ARG E CA 1 
ATOM 626  C CA . LYS B 1 232 ? -18.098 5.757   -9.008  1.00 222.31 ? 232 LYS E CA 1 
ATOM 627  C CA . GLU B 1 233 ? -19.294 2.175   -9.303  1.00 248.33 ? 233 GLU E CA 1 
ATOM 628  C CA . LEU B 1 234 ? -16.244 1.205   -11.345 1.00 234.43 ? 234 LEU E CA 1 
ATOM 629  C CA . LEU B 1 235 ? -14.419 0.799   -8.017  1.00 227.07 ? 235 LEU E CA 1 
ATOM 630  C CA . VAL B 1 236 ? -17.286 0.731   -5.537  1.00 221.90 ? 236 VAL E CA 1 
ATOM 631  C CA . THR B 1 237 ? -19.380 -2.428  -5.090  1.00 239.97 ? 237 THR E CA 1 
ATOM 632  C CA . PHE B 1 238 ? -22.858 -1.265  -4.364  1.00 249.63 ? 238 PHE E CA 1 
ATOM 633  C CA . LYS B 1 239 ? -23.375 -4.490  -2.482  1.00 250.67 ? 239 LYS E CA 1 
ATOM 634  C CA . ASN B 1 240 ? -26.569 -5.739  -0.937  1.00 276.97 ? 240 ASN E CA 1 
ATOM 635  C CA . ALA B 1 241 ? -26.119 -8.422  1.684   1.00 279.25 ? 241 ALA E CA 1 
ATOM 636  C CA . HIS B 1 242 ? -27.383 -11.880 0.849   1.00 291.40 ? 242 HIS E CA 1 
ATOM 637  C CA . ALA B 1 243 ? -30.837 -10.653 1.862   1.00 268.87 ? 243 ALA E CA 1 
ATOM 638  C CA . LYS B 1 244 ? -30.143 -8.462  4.908   1.00 245.51 ? 244 LYS E CA 1 
ATOM 639  C CA . LYS B 1 245 ? -28.074 -5.297  4.412   1.00 253.44 ? 245 LYS E CA 1 
ATOM 640  C CA . GLN B 1 246 ? -26.121 -3.410  1.780   1.00 260.60 ? 246 GLN E CA 1 
ATOM 641  C CA . GLU B 1 247 ? -22.600 -2.097  2.019   1.00 252.47 ? 247 GLU E CA 1 
ATOM 642  C CA . VAL B 1 248 ? -20.319 -0.455  -0.492  1.00 229.96 ? 248 VAL E CA 1 
ATOM 643  C CA . VAL B 1 249 ? -16.601 -1.119  -0.874  1.00 221.98 ? 249 VAL E CA 1 
ATOM 644  C CA . VAL B 1 250 ? -13.766 0.692   -2.632  1.00 217.92 ? 250 VAL E CA 1 
ATOM 645  C CA . LEU B 1 251 ? -12.567 -2.744  -3.828  1.00 250.50 ? 251 LEU E CA 1 
ATOM 646  C CA . GLY B 1 252 ? -8.953  -1.979  -3.132  1.00 235.38 ? 252 GLY E CA 1 
ATOM 647  C CA . SER B 1 253 ? -6.567  -0.797  -5.774  1.00 199.82 ? 253 SER E CA 1 
ATOM 648  C CA . GLN B 1 254 ? -6.470  -2.083  -9.329  1.00 214.51 ? 254 GLN E CA 1 
ATOM 649  C CA . GLU B 1 255 ? -2.818  -1.153  -9.815  1.00 210.34 ? 255 GLU E CA 1 
ATOM 650  C CA . GLY B 1 256 ? -1.589  -4.488  -11.127 1.00 225.98 ? 256 GLY E CA 1 
ATOM 651  C CA . ALA B 1 257 ? -4.439  -4.965  -13.592 1.00 223.45 ? 257 ALA E CA 1 
ATOM 652  C CA . MET B 1 258 ? -3.900  -1.358  -14.687 1.00 221.67 ? 258 MET E CA 1 
ATOM 653  C CA . HIS B 1 259 ? -0.248  -2.153  -15.362 1.00 227.51 ? 259 HIS E CA 1 
ATOM 654  C CA . THR B 1 260 ? -1.380  -5.148  -17.411 1.00 235.15 ? 260 THR E CA 1 
ATOM 655  C CA . ALA B 1 261 ? -3.852  -3.214  -19.552 1.00 238.32 ? 261 ALA E CA 1 
ATOM 656  C CA . LEU B 1 262 ? -1.136  -0.547  -19.793 1.00 229.32 ? 262 LEU E CA 1 
ATOM 657  C CA . THR B 1 263 ? 1.694   -3.032  -20.479 1.00 242.25 ? 263 THR E CA 1 
ATOM 658  C CA . GLY B 1 264 ? 0.463   -3.137  -24.075 1.00 257.03 ? 264 GLY E CA 1 
ATOM 659  C CA . ALA B 1 265 ? 1.531   0.449   -24.505 1.00 245.79 ? 265 ALA E CA 1 
ATOM 660  C CA . THR B 1 266 ? 5.194   1.359   -24.043 1.00 219.40 ? 266 THR E CA 1 
ATOM 661  C CA . GLU B 1 267 ? 6.630   3.243   -21.166 1.00 218.35 ? 267 GLU E CA 1 
ATOM 662  C CA . ILE B 1 268 ? 7.972   6.745   -21.570 1.00 205.43 ? 268 ILE E CA 1 
ATOM 663  C CA . GLN B 1 269 ? 10.744  8.517   -19.757 1.00 234.44 ? 269 GLN E CA 1 
ATOM 664  C CA . ASN B 1 270 ? 8.451   10.629  -17.603 1.00 220.07 ? 270 ASN E CA 1 
ATOM 665  C CA . SER B 1 271 ? 10.719  12.135  -14.952 1.00 229.45 ? 271 SER E CA 1 
ATOM 666  C CA . GLY B 1 272 ? 9.112   15.564  -14.787 1.00 232.76 ? 272 GLY E CA 1 
ATOM 667  C CA . GLY B 1 273 ? 9.191   16.801  -18.364 1.00 249.26 ? 273 GLY E CA 1 
ATOM 668  C CA . THR B 1 274 ? 7.045   14.014  -19.771 1.00 261.59 ? 274 THR E CA 1 
ATOM 669  C CA . SER B 1 275 ? 9.509   13.922  -22.611 1.00 247.32 ? 275 SER E CA 1 
ATOM 670  C CA . ILE B 1 276 ? 8.118   11.154  -24.789 1.00 234.16 ? 276 ILE E CA 1 
ATOM 671  C CA . PHE B 1 277 ? 10.684  9.057   -26.641 1.00 240.22 ? 277 PHE E CA 1 
ATOM 672  C CA . ALA B 1 278 ? 10.862  6.092   -29.030 1.00 263.75 ? 278 ALA E CA 1 
ATOM 673  C CA . GLY B 1 279 ? 10.024  8.846   -31.509 1.00 277.75 ? 279 GLY E CA 1 
ATOM 674  C CA . HIS B 1 280 ? 11.922  9.737   -34.590 1.00 275.32 ? 280 HIS E CA 1 
ATOM 675  C CA . LEU B 1 281 ? 13.209  12.904  -36.207 1.00 258.87 ? 281 LEU E CA 1 
ATOM 676  C CA . LYS B 1 282 ? 14.331  12.873  -39.754 1.00 272.63 ? 282 LYS E CA 1 
ATOM 677  C CA . CYS B 1 283 ? 16.940  15.553  -39.382 1.00 277.63 ? 283 CYS E CA 1 
ATOM 678  C CA . ARG B 1 284 ? 19.465  17.453  -41.424 1.00 255.35 ? 284 ARG E CA 1 
ATOM 679  C CA . LEU B 1 285 ? 22.266  19.694  -40.222 1.00 243.52 ? 285 LEU E CA 1 
ATOM 680  C CA . LYS B 1 286 ? 23.821  22.653  -42.077 1.00 245.16 ? 286 LYS E CA 1 
ATOM 681  C CA . MET B 1 287 ? 27.624  22.548  -41.885 1.00 250.38 ? 287 MET E CA 1 
ATOM 682  C CA . ASP B 1 288 ? 28.129  25.479  -44.300 1.00 244.37 ? 288 ASP E CA 1 
ATOM 683  C CA . LYS B 1 289 ? 29.340  28.041  -41.766 1.00 230.81 ? 289 LYS E CA 1 
ATOM 684  C CA . LEU B 1 290 ? 31.099  25.030  -40.256 1.00 246.22 ? 290 LEU E CA 1 
ATOM 685  C CA . GLU B 1 291 ? 34.579  24.028  -41.432 1.00 259.30 ? 291 GLU E CA 1 
ATOM 686  C CA . LEU B 1 292 ? 37.433  21.748  -40.349 1.00 251.36 ? 292 LEU E CA 1 
ATOM 687  C CA . LYS B 1 293 ? 40.580  22.390  -38.300 1.00 270.86 ? 293 LYS E CA 1 
ATOM 688  C CA . GLY B 1 294 ? 42.952  24.121  -40.593 1.00 258.54 ? 294 GLY E CA 1 
ATOM 689  C CA . MET B 1 295 ? 43.386  22.209  -43.773 1.00 271.50 ? 295 MET E CA 1 
ATOM 690  C CA . SER B 1 296 ? 45.707  25.217  -44.161 1.00 281.67 ? 296 SER E CA 1 
ATOM 691  C CA . TYR B 1 297 ? 47.774  24.089  -41.196 1.00 244.70 ? 297 TYR E CA 1 
ATOM 692  C CA . ALA B 1 298 ? 51.327  22.917  -41.272 1.00 262.16 ? 298 ALA E CA 1 
ATOM 693  C CA . MET B 1 299 ? 52.449  19.306  -41.410 1.00 285.53 ? 299 MET E CA 1 
ATOM 694  C CA . CYS B 1 300 ? 53.574  17.880  -38.135 1.00 275.74 ? 300 CYS E CA 1 
ATOM 695  C CA . LEU B 1 301 ? 56.627  16.021  -39.337 1.00 264.45 ? 301 LEU E CA 1 
ATOM 696  C CA . ASN B 1 302 ? 58.650  15.135  -36.297 1.00 273.36 ? 302 ASN E CA 1 
ATOM 697  C CA . THR B 1 303 ? 58.809  12.363  -33.786 1.00 265.27 ? 303 THR E CA 1 
ATOM 698  C CA . PHE B 1 304 ? 55.737  11.009  -32.091 1.00 238.72 ? 304 PHE E CA 1 
ATOM 699  C CA . VAL B 1 305 ? 55.051  8.742   -29.194 1.00 245.23 ? 305 VAL E CA 1 
ATOM 700  C CA . LEU B 1 306 ? 51.871  7.191   -27.920 1.00 229.97 ? 306 LEU E CA 1 
ATOM 701  C CA . LYS B 1 307 ? 50.645  8.718   -24.694 1.00 230.36 ? 307 LYS E CA 1 
ATOM 702  C CA . LYS B 1 308 ? 47.956  6.110   -24.052 1.00 233.49 ? 308 LYS E CA 1 
ATOM 703  C CA . GLU B 1 309 ? 47.642  2.645   -25.568 1.00 233.18 ? 309 GLU E CA 1 
ATOM 704  C CA . VAL B 1 310 ? 45.137  2.138   -28.325 1.00 208.19 ? 310 VAL E CA 1 
ATOM 705  C CA . SER B 1 311 ? 41.651  0.811   -27.614 1.00 214.32 ? 311 SER E CA 1 
ATOM 706  C CA . GLU B 1 312 ? 38.934  -0.308  -30.001 1.00 226.74 ? 312 GLU E CA 1 
ATOM 707  C CA . THR B 1 313 ? 35.545  1.224   -29.393 1.00 221.14 ? 313 THR E CA 1 
ATOM 708  C CA . GLN B 1 314 ? 32.093  0.000   -30.211 1.00 210.67 ? 314 GLN E CA 1 
ATOM 709  C CA . HIS B 1 315 ? 31.356  0.407   -33.934 1.00 210.91 ? 315 HIS E CA 1 
ATOM 710  C CA . GLY B 1 316 ? 35.010  -0.337  -34.588 1.00 212.14 ? 316 GLY E CA 1 
ATOM 711  C CA . THR B 1 317 ? 37.223  2.582   -33.661 1.00 203.64 ? 317 THR E CA 1 
ATOM 712  C CA . ILE B 1 318 ? 40.689  2.498   -32.153 1.00 187.85 ? 318 ILE E CA 1 
ATOM 713  C CA . LEU B 1 319 ? 42.279  5.266   -30.112 1.00 189.49 ? 319 LEU E CA 1 
ATOM 714  C CA . ILE B 1 320 ? 45.552  7.051   -30.734 1.00 182.22 ? 320 ILE E CA 1 
ATOM 715  C CA . LYS B 1 321 ? 46.645  9.530   -28.076 1.00 228.08 ? 321 LYS E CA 1 
ATOM 716  C CA . VAL B 1 322 ? 50.137  10.682  -28.760 1.00 221.74 ? 322 VAL E CA 1 
ATOM 717  C CA . GLU B 1 323 ? 52.756  13.357  -28.415 1.00 235.09 ? 323 GLU E CA 1 
ATOM 718  C CA . TYR B 1 324 ? 54.504  15.315  -31.111 1.00 250.92 ? 324 TYR E CA 1 
ATOM 719  C CA . LYS B 1 325 ? 58.177  16.119  -31.004 1.00 259.19 ? 325 LYS E CA 1 
ATOM 720  C CA . GLY B 1 326 ? 57.932  19.028  -33.397 1.00 262.29 ? 326 GLY E CA 1 
ATOM 721  C CA . GLU B 1 327 ? 56.794  22.588  -33.002 1.00 282.23 ? 327 GLU E CA 1 
ATOM 722  C CA . ASP B 1 328 ? 54.194  23.533  -35.608 1.00 291.74 ? 328 ASP E CA 1 
ATOM 723  C CA . ALA B 1 329 ? 51.031  23.747  -33.526 1.00 275.92 ? 329 ALA E CA 1 
ATOM 724  C CA . PRO B 1 330 ? 48.649  24.229  -36.458 1.00 266.08 ? 330 PRO E CA 1 
ATOM 725  C CA . CYS B 1 331 ? 49.604  21.169  -38.407 1.00 261.50 ? 331 CYS E CA 1 
ATOM 726  C CA . LYS B 1 332 ? 48.501  17.880  -39.819 1.00 269.45 ? 332 LYS E CA 1 
ATOM 727  C CA . ILE B 1 333 ? 50.148  14.713  -38.494 1.00 234.06 ? 333 ILE E CA 1 
ATOM 728  C CA . PRO B 1 334 ? 50.655  11.854  -40.986 1.00 242.42 ? 334 PRO E CA 1 
ATOM 729  C CA . PHE B 1 335 ? 48.275  9.039   -40.046 1.00 231.18 ? 335 PHE E CA 1 
ATOM 730  C CA . SER B 1 336 ? 47.412  5.909   -41.962 1.00 236.43 ? 336 SER E CA 1 
ATOM 731  C CA . THR B 1 337 ? 46.734  2.244   -41.359 1.00 254.35 ? 337 THR E CA 1 
ATOM 732  C CA . GLU B 1 338 ? 48.516  -0.520  -43.309 1.00 277.35 ? 338 GLU E CA 1 
ATOM 733  C CA . ASP B 1 339 ? 47.574  -4.217  -43.263 1.00 300.12 ? 339 ASP E CA 1 
ATOM 734  C CA . GLY B 1 340 ? 51.161  -5.074  -42.417 1.00 305.32 ? 340 GLY E CA 1 
ATOM 735  C CA . GLN B 1 341 ? 52.850  -2.374  -44.495 1.00 310.61 ? 341 GLN E CA 1 
ATOM 736  C CA . GLY B 1 342 ? 50.258  -3.006  -47.201 1.00 303.71 ? 342 GLY E CA 1 
ATOM 737  C CA . LYS B 1 343 ? 48.164  0.072   -47.873 1.00 297.76 ? 343 LYS E CA 1 
ATOM 738  C CA . ALA B 1 344 ? 44.807  -1.596  -48.181 1.00 290.96 ? 344 ALA E CA 1 
ATOM 739  C CA . HIS B 1 345 ? 43.674  0.847   -45.481 1.00 280.66 ? 345 HIS E CA 1 
ATOM 740  C CA . ASN B 1 346 ? 40.064  -0.324  -45.460 1.00 285.29 ? 346 ASN E CA 1 
ATOM 741  C CA . GLY B 1 347 ? 39.628  2.008   -42.507 1.00 275.05 ? 347 GLY E CA 1 
ATOM 742  C CA . ARG B 1 348 ? 39.065  5.640   -41.531 1.00 238.53 ? 348 ARG E CA 1 
ATOM 743  C CA . LEU B 1 349 ? 40.926  8.210   -39.453 1.00 230.52 ? 349 LEU E CA 1 
ATOM 744  C CA . ILE B 1 350 ? 37.779  9.361   -37.651 1.00 209.86 ? 350 ILE E CA 1 
ATOM 745  C CA . THR B 1 351 ? 39.701  12.485  -36.669 1.00 227.41 ? 351 THR E CA 1 
ATOM 746  C CA . ALA B 1 352 ? 39.000  15.058  -39.348 1.00 218.32 ? 352 ALA E CA 1 
ATOM 747  C CA . ASN B 1 353 ? 42.499  16.389  -39.019 1.00 218.72 ? 353 ASN E CA 1 
ATOM 748  C CA . PRO B 1 354 ? 45.381  15.755  -36.603 1.00 219.10 ? 354 PRO E CA 1 
ATOM 749  C CA . VAL B 1 355 ? 46.928  18.735  -34.859 1.00 213.69 ? 355 VAL E CA 1 
ATOM 750  C CA . VAL B 1 356 ? 49.542  19.278  -32.179 1.00 251.10 ? 356 VAL E CA 1 
ATOM 751  C CA . THR B 1 357 ? 48.979  22.141  -29.804 1.00 259.69 ? 357 THR E CA 1 
ATOM 752  C CA . LYS B 1 358 ? 51.743  21.803  -27.236 1.00 261.52 ? 358 LYS E CA 1 
ATOM 753  C CA . LYS B 1 359 ? 54.360  19.288  -28.481 1.00 260.65 ? 359 LYS E CA 1 
ATOM 754  C CA . GLU B 1 360 ? 52.847  17.637  -25.403 1.00 256.19 ? 360 GLU E CA 1 
ATOM 755  C CA . GLU B 1 361 ? 49.116  17.621  -25.998 1.00 234.37 ? 361 GLU E CA 1 
ATOM 756  C CA . PRO B 1 362 ? 47.964  14.008  -26.289 1.00 237.50 ? 362 PRO E CA 1 
ATOM 757  C CA . VAL B 1 363 ? 45.813  14.355  -29.367 1.00 226.86 ? 363 VAL E CA 1 
ATOM 758  C CA . ASN B 1 364 ? 43.404  11.470  -29.184 1.00 230.57 ? 364 ASN E CA 1 
ATOM 759  C CA . ILE B 1 365 ? 43.130  10.027  -32.625 1.00 200.69 ? 365 ILE E CA 1 
ATOM 760  C CA . GLU B 1 366 ? 40.676  7.466   -33.861 1.00 219.84 ? 366 GLU E CA 1 
ATOM 761  C CA . ALA B 1 367 ? 41.463  4.872   -36.499 1.00 208.35 ? 367 ALA E CA 1 
ATOM 762  C CA . GLU B 1 368 ? 39.017  2.372   -37.913 1.00 227.35 ? 368 GLU E CA 1 
ATOM 763  C CA . PRO B 1 369 ? 41.033  -0.740  -38.820 1.00 227.10 ? 369 PRO E CA 1 
ATOM 764  C CA . PRO B 1 370 ? 40.100  -3.129  -41.638 1.00 243.12 ? 370 PRO E CA 1 
ATOM 765  C CA . PHE B 1 371 ? 38.988  -6.748  -41.614 1.00 257.18 ? 371 PHE E CA 1 
ATOM 766  C CA . GLY B 1 372 ? 42.521  -7.921  -40.867 1.00 252.61 ? 372 GLY E CA 1 
ATOM 767  C CA . GLU B 1 373 ? 45.852  -6.983  -39.360 1.00 258.43 ? 373 GLU E CA 1 
ATOM 768  C CA . SER B 1 374 ? 46.965  -3.396  -39.601 1.00 245.83 ? 374 SER E CA 1 
ATOM 769  C CA . ASN B 1 375 ? 49.573  -0.946  -38.381 1.00 244.78 ? 375 ASN E CA 1 
ATOM 770  C CA . ILE B 1 376 ? 49.464  2.833   -38.175 1.00 229.43 ? 376 ILE E CA 1 
ATOM 771  C CA . VAL B 1 377 ? 52.125  5.523   -38.483 1.00 228.77 ? 377 VAL E CA 1 
ATOM 772  C CA . ILE B 1 378 ? 52.169  8.475   -36.106 1.00 245.37 ? 378 ILE E CA 1 
ATOM 773  C CA . GLY B 1 379 ? 55.425  10.282  -36.779 1.00 270.69 ? 379 GLY E CA 1 
ATOM 774  C CA . ILE B 1 380 ? 57.036  10.450  -40.209 1.00 268.56 ? 380 ILE E CA 1 
ATOM 775  C CA . GLY B 1 381 ? 59.180  8.056   -42.211 1.00 285.75 ? 381 GLY E CA 1 
ATOM 776  C CA . ASP B 1 382 ? 61.695  6.215   -40.054 1.00 289.74 ? 382 ASP E CA 1 
ATOM 777  C CA . LYS B 1 383 ? 60.429  8.043   -36.965 1.00 273.01 ? 383 LYS E CA 1 
ATOM 778  C CA . ALA B 1 384 ? 56.857  7.390   -38.006 1.00 271.17 ? 384 ALA E CA 1 
ATOM 779  C CA . LEU B 1 385 ? 55.871  5.827   -34.742 1.00 241.75 ? 385 LEU E CA 1 
ATOM 780  C CA . LYS B 1 386 ? 54.571  2.627   -36.248 1.00 226.66 ? 386 LYS E CA 1 
ATOM 781  C CA . ILE B 1 387 ? 52.757  0.329   -33.851 1.00 204.56 ? 387 ILE E CA 1 
ATOM 782  C CA . ASN B 1 388 ? 51.582  -3.052  -34.869 1.00 220.71 ? 388 ASN E CA 1 
ATOM 783  C CA . TRP B 1 389 ? 47.990  -3.985  -34.149 1.00 210.15 ? 389 TRP E CA 1 
ATOM 784  C CA . TYR B 1 390 ? 46.411  -7.006  -35.659 1.00 227.97 ? 390 TYR E CA 1 
ATOM 785  C CA . LYS B 1 391 ? 42.670  -6.452  -35.873 1.00 228.18 ? 391 LYS E CA 1 
ATOM 786  C CA . LYS B 1 392 ? 40.365  -9.451  -35.489 1.00 248.97 ? 392 LYS E CA 1 
ATOM 787  C CA . GLY B 1 393 ? 37.749  -7.629  -37.564 1.00 288.94 ? 393 GLY E CA 1 
ATOM 788  C CA . SER B 1 394 ? 36.274  -10.613 -39.387 1.00 313.52 ? 394 SER E CA 1 
ATOM 789  C CA A GLN C 2 1   ? -4.734  2.019   9.658   0.50 335.05 ? 1   GLN H CA 1 
ATOM 790  C CA B GLN C 2 1   ? 7.953   3.114   0.241   0.50 335.05 ? 1   GLN H CA 1 
ATOM 791  C CA A VAL C 2 2   ? -1.247  1.633   11.061  0.50 301.97 ? 2   VAL H CA 1 
ATOM 792  C CA B VAL C 2 2   ? 5.804   5.455   2.286   0.50 301.97 ? 2   VAL H CA 1 
ATOM 793  C CA A GLU C 2 3   ? -1.775  1.444   14.823  0.50 305.61 ? 3   GLU H CA 1 
ATOM 794  C CA B GLU C 2 3   ? 8.199   8.204   3.369   0.50 305.61 ? 3   GLU H CA 1 
ATOM 795  C CA A LEU C 2 4   ? 0.838   1.584   17.589  0.50 279.66 ? 4   LEU H CA 1 
ATOM 796  C CA B LEU C 2 4   ? 7.620   10.979  5.912   0.50 279.66 ? 4   LEU H CA 1 
ATOM 797  C CA A VAL C 2 5   ? 0.043   1.978   21.292  0.50 287.11 ? 5   VAL H CA 1 
ATOM 798  C CA B VAL C 2 5   ? 10.348  13.257  7.281   0.50 287.11 ? 5   VAL H CA 1 
ATOM 799  C CA A GLU C 2 6   ? 2.258   3.091   24.183  0.50 304.59 ? 6   GLU H CA 1 
ATOM 800  C CA B GLU C 2 6   ? 10.406  15.424  10.411  0.50 304.59 ? 6   GLU H CA 1 
ATOM 801  C CA A SER C 2 7   ? 2.406   1.459   27.605  0.50 314.23 ? 7   SER H CA 1 
ATOM 802  C CA B SER C 2 7   ? 11.704  18.985  10.606  0.50 314.23 ? 7   SER H CA 1 
ATOM 803  C CA A GLY C 2 8   ? 4.447   1.110   30.771  0.50 349.08 ? 8   GLY H CA 1 
ATOM 804  C CA B GLY C 2 8   ? 11.673  22.173  12.641  0.50 349.08 ? 8   GLY H CA 1 
ATOM 805  C CA A GLY C 2 9   ? 4.851   4.775   31.696  0.50 376.72 ? 9   GLY H CA 1 
ATOM 806  C CA B GLY C 2 9   ? 12.789  20.808  16.009  0.50 376.72 ? 9   GLY H CA 1 
ATOM 807  C CA A ASP C 2 10  ? 4.481   5.817   35.341  0.50 401.04 ? 10  ASP H CA 1 
ATOM 808  C CA B ASP C 2 10  ? 15.311  22.788  18.066  0.50 401.04 ? 10  ASP H CA 1 
ATOM 809  C CA A VAL C 2 11  ? 6.147   7.767   38.173  0.50 401.29 ? 11  VAL H CA 1 
ATOM 810  C CA B VAL C 2 11  ? 15.995  24.247  21.530  0.50 401.29 ? 11  VAL H CA 1 
ATOM 811  C CA A VAL C 2 12  ? 9.128   6.391   40.095  0.50 398.95 ? 12  VAL H CA 1 
ATOM 812  C CA B VAL C 2 12  ? 14.278  27.407  22.768  0.50 398.95 ? 12  VAL H CA 1 
ATOM 813  C CA A GLN C 2 13  ? 12.129  7.389   42.196  0.50 384.40 ? 13  GLN H CA 1 
ATOM 814  C CA B GLN C 2 13  ? 13.250  29.298  25.898  0.50 384.40 ? 13  GLN H CA 1 
ATOM 815  C CA A PRO C 2 14  ? 15.535  7.511   40.484  0.50 365.01 ? 14  PRO H CA 1 
ATOM 816  C CA B PRO C 2 14  ? 9.627   28.994  27.048  0.50 365.01 ? 14  PRO H CA 1 
ATOM 817  C CA A GLY C 2 15  ? 17.629  4.369   40.222  0.50 372.06 ? 15  GLY H CA 1 
ATOM 818  C CA B GLY C 2 15  ? 6.993   31.307  25.618  0.50 372.06 ? 15  GLY H CA 1 
ATOM 819  C CA A LYS C 2 16  ? 14.506  2.197   40.221  0.50 377.95 ? 16  LYS H CA 1 
ATOM 820  C CA B LYS C 2 16  ? 8.943   31.639  22.368  0.50 377.95 ? 16  LYS H CA 1 
ATOM 821  C CA A SER C 2 17  ? 13.830  0.060   37.162  0.50 383.00 ? 17  SER H CA 1 
ATOM 822  C CA B SER C 2 17  ? 7.293   30.426  19.175  0.50 383.00 ? 17  SER H CA 1 
ATOM 823  C CA A LEU C 2 18  ? 10.844  0.065   34.803  0.50 369.15 ? 18  LEU H CA 1 
ATOM 824  C CA B LEU C 2 18  ? 8.427   27.753  16.717  0.50 369.15 ? 18  LEU H CA 1 
ATOM 825  C CA A ARG C 2 19  ? 9.742   -2.170  31.914  0.50 353.86 ? 19  ARG H CA 1 
ATOM 826  C CA B ARG C 2 19  ? 7.186   26.594  13.301  0.50 353.86 ? 19  ARG H CA 1 
ATOM 827  C CA A LEU C 2 20  ? 8.072   -0.593  28.884  0.50 331.70 ? 20  LEU H CA 1 
ATOM 828  C CA B LEU C 2 20  ? 7.309   22.892  12.443  0.50 331.70 ? 20  LEU H CA 1 
ATOM 829  C CA A SER C 2 21  ? 5.982   -2.261  26.199  0.50 308.77 ? 21  SER H CA 1 
ATOM 830  C CA B SER C 2 21  ? 7.117   21.244  9.036   0.50 308.77 ? 21  SER H CA 1 
ATOM 831  C CA A CYS C 2 22  ? 5.196   -1.249  22.614  0.50 303.06 ? 22  CYS H CA 1 
ATOM 832  C CA B CYS C 2 22  ? 6.086   17.735  7.978   0.50 303.06 ? 22  CYS H CA 1 
ATOM 833  C CA A ALA C 2 23  ? 2.217   -3.310  21.488  0.50 279.68 ? 23  ALA H CA 1 
ATOM 834  C CA B ALA C 2 23  ? 7.343   17.209  4.437   0.50 279.68 ? 23  ALA H CA 1 
ATOM 835  C CA A ALA C 2 24  ? 2.111   -3.736  17.712  0.50 284.53 ? 24  ALA H CA 1 
ATOM 836  C CA B ALA C 2 24  ? 5.291   14.620  2.556   0.50 284.53 ? 24  ALA H CA 1 
ATOM 837  C CA A SER C 2 25  ? -1.086  -3.877  15.681  0.50 275.80 ? 25  SER H CA 1 
ATOM 838  C CA B SER C 2 25  ? 6.734   12.214  0.008   0.50 275.80 ? 25  SER H CA 1 
ATOM 839  C CA A GLY C 2 26  ? -2.339  -3.901  12.116  0.50 241.79 ? 26  GLY H CA 1 
ATOM 840  C CA B GLY C 2 26  ? 5.822   9.193   -2.070  0.50 241.79 ? 26  GLY H CA 1 
ATOM 841  C CA A PHE C 2 27  ? 0.375   -5.851  10.303  0.50 255.63 ? 27  PHE H CA 1 
ATOM 842  C CA B PHE C 2 27  ? 2.165   9.834   -2.892  0.50 255.63 ? 27  PHE H CA 1 
ATOM 843  C CA A THR C 2 28  ? 3.179   -8.381  10.565  0.50 247.96 ? 28  THR H CA 1 
ATOM 844  C CA B THR C 2 28  ? -0.600  12.389  -3.285  0.50 247.96 ? 28  THR H CA 1 
ATOM 845  C CA A PHE C 2 29  ? 5.279   -7.139  13.470  0.50 279.97 ? 29  PHE H CA 1 
ATOM 846  C CA B PHE C 2 29  ? -0.407  14.457  -0.109  0.50 279.97 ? 29  PHE H CA 1 
ATOM 847  C CA A THR C 2 30  ? 7.612   -10.001 12.488  0.50 287.41 ? 30  THR H CA 1 
ATOM 848  C CA B THR C 2 30  ? -3.547  16.139  -1.492  0.50 287.41 ? 30  THR H CA 1 
ATOM 849  C CA A ASN C 2 31  ? 8.507   -7.935  9.424   0.50 281.26 ? 31  ASN H CA 1 
ATOM 850  C CA B ASN C 2 31  ? -5.377  12.907  -0.678  0.50 281.26 ? 31  ASN H CA 1 
ATOM 851  C CA A TYR C 2 32  ? 9.422   -4.804  11.398  0.50 279.46 ? 32  TYR H CA 1 
ATOM 852  C CA B TYR C 2 32  ? -4.246  12.798  2.961   0.50 279.46 ? 32  TYR H CA 1 
ATOM 853  C CA A ALA C 2 33  ? 12.680  -3.315  12.527  0.50 264.16 ? 33  ALA H CA 1 
ATOM 854  C CA B ALA C 2 33  ? -5.873  13.750  6.208   0.50 264.16 ? 33  ALA H CA 1 
ATOM 855  C CA A MET C 2 34  ? 11.991  -1.383  15.695  0.50 284.74 ? 34  MET H CA 1 
ATOM 856  C CA B MET C 2 34  ? -3.121  14.749  8.590   0.50 284.74 ? 34  MET H CA 1 
ATOM 857  C CA A HIS C 2 35  ? 13.057  1.564   17.831  0.50 283.99 ? 35  HIS H CA 1 
ATOM 858  C CA B HIS C 2 35  ? -2.073  14.914  12.231  0.50 283.99 ? 35  HIS H CA 1 
ATOM 859  C CA A TRP C 2 36  ? 12.162  3.488   20.959  0.50 310.69 ? 36  TRP H CA 1 
ATOM 860  C CA B TRP C 2 36  ? 0.821   15.824  14.485  0.50 310.69 ? 36  TRP H CA 1 
ATOM 861  C CA A LEU C 2 37  ? 12.503  7.258   21.189  0.50 310.85 ? 37  LEU H CA 1 
ATOM 862  C CA B LEU C 2 37  ? 1.643   13.862  17.625  0.50 310.85 ? 37  LEU H CA 1 
ATOM 863  C CA A ARG C 2 38  ? 12.266  9.887   23.899  0.50 312.16 ? 38  ARG H CA 1 
ATOM 864  C CA B ARG C 2 38  ? 3.966   14.243  20.585  0.50 312.16 ? 38  ARG H CA 1 
ATOM 865  C CA A GLN C 2 39  ? 11.853  13.666  23.869  0.50 315.03 ? 39  GLN H CA 1 
ATOM 866  C CA B GLN C 2 39  ? 5.255   11.851  23.243  0.50 315.03 ? 39  GLN H CA 1 
ATOM 867  C CA A ALA C 2 40  ? 12.383  15.821  26.920  0.50 323.20 ? 40  ALA H CA 1 
ATOM 868  C CA B ALA C 2 40  ? 7.022   13.004  26.371  0.50 323.20 ? 40  ALA H CA 1 
ATOM 869  C CA A PRO C 2 41  ? 9.471   18.286  27.237  0.50 330.67 ? 41  PRO H CA 1 
ATOM 870  C CA B PRO C 2 41  ? 10.168  10.882  26.889  0.50 330.67 ? 41  PRO H CA 1 
ATOM 871  C CA A GLY C 2 42  ? 10.042  21.262  24.964  0.50 322.13 ? 42  GLY H CA 1 
ATOM 872  C CA B GLY C 2 42  ? 9.256   7.598   28.544  0.50 322.13 ? 42  GLY H CA 1 
ATOM 873  C CA A LYS C 2 43  ? 13.441  19.767  24.102  0.50 315.83 ? 43  LYS H CA 1 
ATOM 874  C CA B LYS C 2 43  ? 5.678   8.887   28.796  0.50 315.83 ? 43  LYS H CA 1 
ATOM 875  C CA A GLY C 2 44  ? 14.759  17.898  21.082  0.50 308.07 ? 44  GLY H CA 1 
ATOM 876  C CA B GLY C 2 44  ? 2.515   8.154   26.843  0.50 308.07 ? 44  GLY H CA 1 
ATOM 877  C CA A LEU C 2 45  ? 14.036  14.439  19.739  0.50 292.80 ? 45  LEU H CA 1 
ATOM 878  C CA B LEU C 2 45  ? 1.484   8.988   23.303  0.50 292.80 ? 45  LEU H CA 1 
ATOM 879  C CA A GLU C 2 46  ? 16.160  11.476  20.854  0.50 299.67 ? 46  GLU H CA 1 
ATOM 880  C CA B GLU C 2 46  ? -0.387  12.228  22.572  0.50 299.67 ? 46  GLU H CA 1 
ATOM 881  C CA A TRP C 2 47  ? 16.268  7.971   19.413  0.50 300.48 ? 47  TRP H CA 1 
ATOM 882  C CA B TRP C 2 47  ? -2.152  13.270  19.383  0.50 300.48 ? 47  TRP H CA 1 
ATOM 883  C CA A VAL C 2 48  ? 17.009  5.238   21.923  0.50 330.98 ? 48  VAL H CA 1 
ATOM 884  C CA B VAL C 2 48  ? -2.104  16.988  18.678  0.50 330.98 ? 48  VAL H CA 1 
ATOM 885  C CA A ALA C 2 49  ? 17.932  1.952   20.274  0.50 313.53 ? 49  ALA H CA 1 
ATOM 886  C CA B ALA C 2 49  ? -4.578  17.994  15.988  0.50 313.53 ? 49  ALA H CA 1 
ATOM 887  C CA A VAL C 2 50  ? 17.292  -0.504  17.455  0.50 297.73 ? 50  VAL H CA 1 
ATOM 888  C CA B VAL C 2 50  ? -6.210  17.159  12.667  0.50 297.73 ? 50  VAL H CA 1 
ATOM 889  C CA A ILE C 2 51  ? 15.858  -3.955  17.026  0.50 303.29 ? 51  ILE H CA 1 
ATOM 890  C CA B ILE C 2 51  ? -6.178  18.451  9.134   0.50 303.29 ? 51  ILE H CA 1 
ATOM 891  C CA A SER C 2 52  ? 15.874  -5.032  13.395  0.50 304.19 ? 52  SER H CA 1 
ATOM 892  C CA B SER C 2 52  ? -8.416  16.395  6.876   0.50 304.19 ? 52  SER H CA 1 
ATOM 893  C CA A SER C 2 53  ? 13.425  -7.474  11.912  0.50 299.31 ? 53  SER H CA 1 
ATOM 894  C CA B SER C 2 53  ? -7.875  15.991  3.174   0.50 299.31 ? 53  SER H CA 1 
ATOM 895  C CA A ASP C 2 54  ? 15.954  -9.705  13.664  0.50 339.88 ? 54  ASP H CA 1 
ATOM 896  C CA B ASP C 2 54  ? -9.542  19.394  3.462   0.50 339.88 ? 54  ASP H CA 1 
ATOM 897  C CA A VAL C 2 55  ? 15.456  -9.553  17.432  0.50 333.68 ? 55  VAL H CA 1 
ATOM 898  C CA B VAL C 2 55  ? -7.080  21.954  4.823   0.50 333.68 ? 55  VAL H CA 1 
ATOM 899  C CA A ASN C 2 56  ? 19.057  -10.501 18.276  0.50 344.54 ? 56  ASN H CA 1 
ATOM 900  C CA B ASN C 2 56  ? -9.765  24.249  6.276   0.50 344.54 ? 56  ASN H CA 1 
ATOM 901  C CA A ASP C 2 57  ? 20.408  -7.539  16.265  0.50 325.99 ? 57  ASP H CA 1 
ATOM 902  C CA B ASP C 2 57  ? -11.165 21.408  8.422   0.50 325.99 ? 57  ASP H CA 1 
ATOM 903  C CA A LYS C 2 58  ? 20.290  -4.803  18.908  0.50 309.57 ? 58  LYS H CA 1 
ATOM 904  C CA B LYS C 2 58  ? -8.947  21.712  11.499  0.50 309.57 ? 58  LYS H CA 1 
ATOM 905  C CA A TYR C 2 59  ? 22.179  -1.529  19.295  0.50 294.87 ? 59  TYR H CA 1 
ATOM 906  C CA B TYR C 2 59  ? -9.413  20.635  15.113  0.50 294.87 ? 59  TYR H CA 1 
ATOM 907  C CA A TYR C 2 60  ? 21.501  1.058   21.996  0.50 300.07 ? 60  TYR H CA 1 
ATOM 908  C CA B TYR C 2 60  ? -6.752  20.900  17.814  0.50 300.07 ? 60  TYR H CA 1 
ATOM 909  C CA A ALA C 2 61  ? 22.432  4.728   22.201  0.50 316.98 ? 61  ALA H CA 1 
ATOM 910  C CA B ALA C 2 61  ? -6.444  19.158  21.168  0.50 316.98 ? 61  ALA H CA 1 
ATOM 911  C CA A ASP C 2 62  ? 25.745  5.818   23.708  0.50 324.41 ? 62  ASP H CA 1 
ATOM 912  C CA B ASP C 2 62  ? -8.016  20.648  24.290  0.50 324.41 ? 62  ASP H CA 1 
ATOM 913  C CA A SER C 2 63  ? 24.736  7.799   26.797  0.50 327.61 ? 63  SER H CA 1 
ATOM 914  C CA B SER C 2 63  ? -5.037  21.459  26.515  0.50 327.61 ? 63  SER H CA 1 
ATOM 915  C CA A VAL C 2 64  ? 22.185  5.383   28.276  0.50 322.40 ? 64  VAL H CA 1 
ATOM 916  C CA B VAL C 2 64  ? -2.817  23.213  23.960  0.50 322.40 ? 64  VAL H CA 1 
ATOM 917  C CA A LYS C 2 65  ? 24.120  2.388   26.958  0.50 316.38 ? 65  LYS H CA 1 
ATOM 918  C CA B LYS C 2 65  ? -5.850  24.604  22.141  0.50 316.38 ? 65  LYS H CA 1 
ATOM 919  C CA A GLY C 2 66  ? 23.775  -0.635  29.222  0.50 321.78 ? 66  GLY H CA 1 
ATOM 920  C CA B GLY C 2 66  ? -5.137  27.978  20.561  0.50 321.78 ? 66  GLY H CA 1 
ATOM 921  C CA A ARG C 2 67  ? 20.976  0.983   31.231  0.50 331.44 ? 67  ARG H CA 1 
ATOM 922  C CA B ARG C 2 67  ? -1.393  27.654  21.166  0.50 331.44 ? 67  ARG H CA 1 
ATOM 923  C CA A PHE C 2 68  ? 18.080  0.164   28.880  0.50 306.76 ? 68  PHE H CA 1 
ATOM 924  C CA B PHE C 2 68  ? -0.540  25.505  18.128  0.50 306.76 ? 68  PHE H CA 1 
ATOM 925  C CA A THR C 2 69  ? 16.984  -3.278  27.725  0.50 332.98 ? 69  THR H CA 1 
ATOM 926  C CA B THR C 2 69  ? -1.165  26.354  14.484  0.50 332.98 ? 69  THR H CA 1 
ATOM 927  C CA A ILE C 2 70  ? 14.513  -3.585  24.846  0.50 308.27 ? 70  ILE H CA 1 
ATOM 928  C CA B ILE C 2 70  ? -0.806  23.637  11.843  0.50 308.27 ? 70  ILE H CA 1 
ATOM 929  C CA A SER C 2 71  ? 12.777  -6.816  23.876  0.50 291.58 ? 71  SER H CA 1 
ATOM 930  C CA B SER C 2 71  ? -0.764  24.303  8.108   0.50 291.58 ? 71  SER H CA 1 
ATOM 931  C CA A ARG C 2 72  ? 10.310  -7.747  21.153  0.50 296.11 ? 72  ARG H CA 1 
ATOM 932  C CA B ARG C 2 72  ? -0.483  22.074  5.056   0.50 296.11 ? 72  ARG H CA 1 
ATOM 933  C CA A ASP C 2 73  ? 7.352   -10.124 20.744  0.50 320.01 ? 73  ASP H CA 1 
ATOM 934  C CA B ASP C 2 73  ? 1.061   22.275  1.570   0.50 320.01 ? 73  ASP H CA 1 
ATOM 935  C CA A ASN C 2 74  ? 6.040   -10.569 17.216  0.50 312.72 ? 74  ASN H CA 1 
ATOM 936  C CA B ASN C 2 74  ? 0.108   19.513  -0.844  0.50 312.72 ? 74  ASN H CA 1 
ATOM 937  C CA A SER C 2 75  ? 3.964   -13.552 18.343  0.50 317.71 ? 75  SER H CA 1 
ATOM 938  C CA B SER C 2 75  ? 1.611   21.487  -3.728  0.50 317.71 ? 75  SER H CA 1 
ATOM 939  C CA A LYS C 2 76  ? 2.036   -11.187 20.629  0.50 315.42 ? 76  LYS H CA 1 
ATOM 940  C CA B LYS C 2 76  ? 4.997   21.193  -1.999  0.50 315.42 ? 76  LYS H CA 1 
ATOM 941  C CA A ASN C 2 77  ? 2.663   -8.158  18.369  0.50 302.97 ? 77  ASN H CA 1 
ATOM 942  C CA B ASN C 2 77  ? 4.061   17.904  -0.271  0.50 302.97 ? 77  ASN H CA 1 
ATOM 943  C CA A THR C 2 78  ? 4.368   -6.136  21.078  0.50 312.24 ? 78  THR H CA 1 
ATOM 944  C CA B THR C 2 78  ? 4.667   19.241  3.219   0.50 312.24 ? 78  THR H CA 1 
ATOM 945  C CA A LEU C 2 79  ? 7.791   -4.637  21.696  0.50 295.59 ? 79  LEU H CA 1 
ATOM 946  C CA B LEU C 2 79  ? 2.634   19.858  6.356   0.50 295.59 ? 79  LEU H CA 1 
ATOM 947  C CA A TYR C 2 80  ? 9.313   -4.605  25.173  0.50 304.40 ? 80  TYR H CA 1 
ATOM 948  C CA B TYR C 2 80  ? 3.286   22.893  8.541   0.50 304.40 ? 80  TYR H CA 1 
ATOM 949  C CA A LEU C 2 81  ? 11.707  -2.272  26.980  0.50 329.19 ? 81  LEU H CA 1 
ATOM 950  C CA B LEU C 2 81  ? 2.933   23.585  12.260  0.50 329.19 ? 81  LEU H CA 1 
ATOM 951  C CA A GLN C 2 82  ? 12.993  -3.052  30.473  0.50 343.66 ? 82  GLN H CA 1 
ATOM 952  C CA B GLN C 2 82  ? 3.574   27.042  13.714  0.50 343.66 ? 82  GLN H CA 1 
ATOM 953  C CA A MET C 2 83  ? 14.774  0.019   31.841  0.50 347.11 ? 83  MET H CA 1 
ATOM 954  C CA B MET C 2 83  ? 3.669   26.780  17.509  0.50 347.11 ? 83  MET H CA 1 
ATOM 955  C CA A ASN C 2 84  ? 17.033  -0.210  34.903  0.50 350.51 ? 84  ASN H CA 1 
ATOM 956  C CA B ASN C 2 84  ? 3.437   29.886  19.706  0.50 350.51 ? 84  ASN H CA 1 
ATOM 957  C CA A SER C 2 85  ? 18.989  2.202   37.124  0.50 350.13 ? 85  SER H CA 1 
ATOM 958  C CA B SER C 2 85  ? 3.679   30.706  23.428  0.50 350.13 ? 85  SER H CA 1 
ATOM 959  C CA A LEU C 2 86  ? 17.116  5.288   35.994  0.50 363.38 ? 86  LEU H CA 1 
ATOM 960  C CA B LEU C 2 86  ? 5.374   27.458  24.373  0.50 363.38 ? 86  LEU H CA 1 
ATOM 961  C CA A THR C 2 87  ? 18.534  8.788   36.461  0.50 369.17 ? 87  THR H CA 1 
ATOM 962  C CA B THR C 2 87  ? 5.387   26.162  27.950  0.50 369.17 ? 87  THR H CA 1 
ATOM 963  C CA A PRO C 2 88  ? 16.628  11.968  37.404  0.50 379.55 ? 88  PRO H CA 1 
ATOM 964  C CA B PRO C 2 88  ? 8.245   24.390  29.776  0.50 379.55 ? 88  PRO H CA 1 
ATOM 965  C CA A GLU C 2 89  ? 17.373  13.529  34.024  0.50 368.03 ? 89  GLU H CA 1 
ATOM 966  C CA B GLU C 2 89  ? 6.234   21.177  30.000  0.50 368.03 ? 89  GLU H CA 1 
ATOM 967  C CA A ASP C 2 90  ? 15.572  10.631  32.312  0.50 368.73 ? 90  ASP H CA 1 
ATOM 968  C CA B ASP C 2 90  ? 6.015   21.073  26.191  0.50 368.73 ? 90  ASP H CA 1 
ATOM 969  C CA A THR C 2 91  ? 12.267  12.530  32.470  0.50 348.06 ? 91  THR H CA 1 
ATOM 970  C CA B THR C 2 91  ? 9.245   19.050  26.015  0.50 348.06 ? 91  THR H CA 1 
ATOM 971  C CA A ALA C 2 92  ? 11.100  12.933  28.871  0.50 335.88 ? 92  ALA H CA 1 
ATOM 972  C CA B ALA C 2 92  ? 8.355   15.775  24.293  0.50 335.88 ? 92  ALA H CA 1 
ATOM 973  C CA A VAL C 2 93  ? 8.264   12.097  26.503  0.50 323.70 ? 93  VAL H CA 1 
ATOM 974  C CA B VAL C 2 93  ? 9.147   13.641  21.264  0.50 323.70 ? 93  VAL H CA 1 
ATOM 975  C CA A TYR C 2 94  ? 9.125   8.662   25.149  0.50 326.91 ? 94  TYR H CA 1 
ATOM 976  C CA B TYR C 2 94  ? 6.844   14.939  18.548  0.50 326.91 ? 94  TYR H CA 1 
ATOM 977  C CA A TYR C 2 95  ? 8.155   7.094   21.835  0.50 303.51 ? 95  TYR H CA 1 
ATOM 978  C CA B TYR C 2 95  ? 5.440   13.108  15.537  0.50 303.51 ? 95  TYR H CA 1 
ATOM 979  C CA A CYS C 2 96  ? 8.180   3.853   19.867  0.50 302.40 ? 96  CYS H CA 1 
ATOM 980  C CA B CYS C 2 96  ? 3.529   13.575  12.296  0.50 302.40 ? 96  CYS H CA 1 
ATOM 981  C CA A ALA C 2 97  ? 8.336   4.072   16.076  0.50 296.08 ? 97  ALA H CA 1 
ATOM 982  C CA B ALA C 2 97  ? 1.426   10.673  11.033  0.50 296.08 ? 97  ALA H CA 1 
ATOM 983  C CA A ARG C 2 98  ? 8.169   1.389   13.393  0.50 277.05 ? 98  ARG H CA 1 
ATOM 984  C CA B ARG C 2 98  ? -0.572  10.219  7.835   0.50 277.05 ? 98  ARG H CA 1 
ATOM 985  C CA A GLU C 2 99  ? 10.400  0.626   10.480  0.50 262.48 ? 99  GLU H CA 1 
ATOM 986  C CA B GLU C 2 99  ? -4.124  9.189   7.233   0.50 262.48 ? 99  GLU H CA 1 
ATOM 987  C CA A GLN C 2 100 ? 9.360   2.776   7.544   0.50 262.05 ? 100 GLN H CA 1 
ATOM 988  C CA B GLN C 2 100 ? -4.310  5.409   7.172   0.50 262.05 ? 100 GLN H CA 1 
ATOM 989  C CA A ALA C 2 101 ? 7.531   1.038   4.716   0.50 253.68 ? 101 ALA H CA 1 
ATOM 990  C CA B ALA C 2 101 ? -4.806  3.777   3.786   0.50 253.68 ? 101 ALA H CA 1 
ATOM 991  C CA A VAL C 2 102 ? 9.031   2.301   1.455   0.50 239.17 ? 102 VAL H CA 1 
ATOM 992  C CA B VAL C 2 102 ? -7.436  1.061   4.216   0.50 239.17 ? 102 VAL H CA 1 
ATOM 993  C CA A GLY C 2 103 ? 12.326  4.047   0.786   0.50 242.77 ? 103 GLY H CA 1 
ATOM 994  C CA B GLY C 2 103 ? -9.991  0.535   6.964   0.50 242.77 ? 103 GLY H CA 1 
ATOM 995  C CA A THR C 2 104 ? 16.001  3.143   0.565   0.50 241.71 ? 104 THR H CA 1 
ATOM 996  C CA B THR C 2 104 ? -13.297 2.034   8.062   0.50 241.71 ? 104 THR H CA 1 
ATOM 997  C CA A ASN C 2 105 ? 17.613  2.921   3.990   0.50 219.20 ? 105 ASN H CA 1 
ATOM 998  C CA B ASN C 2 105 ? -12.812 5.208   10.080  0.50 219.20 ? 105 ASN H CA 1 
ATOM 999  C CA A PRO C 2 106 ? 17.585  -0.450  5.804   0.50 193.95 ? 106 PRO H CA 1 
ATOM 1000 C CA B PRO C 2 106 ? -12.685 8.550   8.218   0.50 193.95 ? 106 PRO H CA 1 
ATOM 1001 C CA A TRP C 2 107 ? 15.928  1.430   8.662   0.50 198.03 ? 107 TRP H CA 1 
ATOM 1002 C CA B TRP C 2 107 ? -9.334  9.053   9.943   0.50 198.03 ? 107 TRP H CA 1 
ATOM 1003 C CA A ALA C 2 108 ? 13.646  4.471   8.687   0.50 230.51 ? 108 ALA H CA 1 
ATOM 1004 C CA B ALA C 2 108 ? -6.704  6.565   11.106  0.50 230.51 ? 108 ALA H CA 1 
ATOM 1005 C CA A PHE C 2 109 ? 10.461  5.556   10.452  0.50 244.28 ? 109 PHE H CA 1 
ATOM 1006 C CA B PHE C 2 109 ? -2.918  6.260   11.010  0.50 244.28 ? 109 PHE H CA 1 
ATOM 1007 C CA A ASP C 2 110 ? 6.956   5.669   8.995   0.50 278.16 ? 110 ASP H CA 1 
ATOM 1008 C CA B ASP C 2 110 ? -0.854  4.034   8.726   0.50 278.16 ? 110 ASP H CA 1 
ATOM 1009 C CA A TYR C 2 111 ? 4.704   5.681   12.067  0.50 292.64 ? 111 TYR H CA 1 
ATOM 1010 C CA B TYR C 2 111 ? 2.607   5.623   8.809   0.50 292.64 ? 111 TYR H CA 1 
ATOM 1011 C CA A TRP C 2 112 ? 5.005   6.008   15.829  0.50 270.14 ? 112 TRP H CA 1 
ATOM 1012 C CA B TRP C 2 112 ? 4.468   8.318   10.710  0.50 270.14 ? 112 TRP H CA 1 
ATOM 1013 C CA A GLY C 2 113 ? 3.410   5.290   19.142  0.50 294.38 ? 113 GLY H CA 1 
ATOM 1014 C CA B GLY C 2 113 ? 7.342   10.721  10.667  0.50 294.38 ? 113 GLY H CA 1 
ATOM 1015 C CA A GLN C 2 114 ? 1.431   8.050   20.788  0.50 300.28 ? 114 GLN H CA 1 
ATOM 1016 C CA B GLN C 2 114 ? 10.527  9.700   12.416  0.50 300.28 ? 114 GLN H CA 1 
ATOM 1017 C CA A GLY C 2 115 ? 4.159   9.103   23.218  0.50 319.05 ? 115 GLY H CA 1 
ATOM 1018 C CA B GLY C 2 115 ? 9.911   11.718  15.579  0.50 319.05 ? 115 GLY H CA 1 
ATOM 1019 C CA A THR C 2 116 ? 3.938   9.675   26.966  0.50 337.64 ? 116 THR H CA 1 
ATOM 1020 C CA B THR C 2 116 ? 12.248  14.099  17.394  0.50 337.64 ? 116 THR H CA 1 
ATOM 1021 C CA A LEU C 2 117 ? 6.077   11.512  29.506  0.50 350.18 ? 117 LEU H CA 1 
ATOM 1022 C CA B LEU C 2 117 ? 12.365  15.554  20.897  0.50 350.18 ? 117 LEU H CA 1 
ATOM 1023 C CA A VAL C 2 118 ? 7.687   9.583   32.362  0.50 365.49 ? 118 VAL H CA 1 
ATOM 1024 C CA B VAL C 2 118 ? 12.107  19.317  21.387  0.50 365.49 ? 118 VAL H CA 1 
ATOM 1025 C CA A THR C 2 119 ? 9.021   11.343  35.466  0.50 393.94 ? 119 THR H CA 1 
ATOM 1026 C CA B THR C 2 119 ? 13.156  20.990  24.644  0.50 393.94 ? 119 THR H CA 1 
ATOM 1027 C CA A VAL C 2 120 ? 11.855  9.600   37.320  0.50 388.99 ? 120 VAL H CA 1 
ATOM 1028 C CA B VAL C 2 120 ? 11.424  24.273  25.502  0.50 388.99 ? 120 VAL H CA 1 
ATOM 1029 C CA A SER C 2 121 ? 12.694  11.797  40.294  0.50 393.84 ? 121 SER H CA 1 
ATOM 1030 C CA B SER C 2 121 ? 12.913  25.438  28.788  0.50 393.84 ? 121 SER H CA 1 
ATOM 1031 C CA A SER C 2 122 ? 12.859  11.944  44.088  0.50 410.01 ? 122 SER H CA 1 
ATOM 1032 C CA B SER C 2 122 ? 14.853  28.223  30.496  0.50 410.01 ? 122 SER H CA 1 
ATOM 1033 C CA A ILE D 3 2   ? 27.957  13.627  11.689  0.50 263.69 ? 2   ILE L CA 1 
ATOM 1034 C CA B ILE D 3 2   ? -14.230 7.746   26.585  0.50 263.69 ? 2   ILE L CA 1 
ATOM 1035 C CA A VAL D 3 3   ? 25.923  16.447  13.250  0.50 277.65 ? 3   VAL L CA 1 
ATOM 1036 C CA B VAL D 3 3   ? -11.032 6.610   28.318  0.50 277.65 ? 3   VAL L CA 1 
ATOM 1037 C CA A MET D 3 4   ? 23.121  18.001  11.205  0.50 283.22 ? 4   MET L CA 1 
ATOM 1038 C CA B MET D 3 4   ? -9.476  3.307   27.257  0.50 283.22 ? 4   MET L CA 1 
ATOM 1039 C CA A THR D 3 5   ? 22.659  21.775  11.246  0.50 272.01 ? 5   THR L CA 1 
ATOM 1040 C CA B THR D 3 5   ? -8.111  0.954   29.913  0.50 272.01 ? 5   THR L CA 1 
ATOM 1041 C CA A GLN D 3 6   ? 19.338  23.310  10.238  0.50 281.13 ? 6   GLN L CA 1 
ATOM 1042 C CA B GLN D 3 6   ? -5.588  -1.725  28.987  0.50 281.13 ? 6   GLN L CA 1 
ATOM 1043 C CA A SER D 3 7   ? 19.822  26.875  9.038   0.50 301.63 ? 7   SER L CA 1 
ATOM 1044 C CA B SER D 3 7   ? -5.702  -4.586  31.474  0.50 301.63 ? 7   SER L CA 1 
ATOM 1045 C CA A PRO D 3 8   ? 16.492  28.427  10.146  0.50 299.89 ? 8   PRO L CA 1 
ATOM 1046 C CA B PRO D 3 8   ? -2.032  -5.704  31.398  0.50 299.89 ? 8   PRO L CA 1 
ATOM 1047 C CA A LEU D 3 9   ? 15.694  28.465  13.846  0.50 314.87 ? 9   LEU L CA 1 
ATOM 1048 C CA B LEU D 3 9   ? 0.606   -3.218  32.492  0.50 314.87 ? 9   LEU L CA 1 
ATOM 1049 C CA A SER D 3 10  ? 12.170  29.942  13.952  0.50 312.95 ? 10  SER L CA 1 
ATOM 1050 C CA B SER D 3 10  ? 3.874   -5.096  31.861  0.50 312.95 ? 10  SER L CA 1 
ATOM 1051 C CA A LEU D 3 11  ? 10.252  31.365  10.998  0.50 319.62 ? 11  LEU L CA 1 
ATOM 1052 C CA B LEU D 3 11  ? 4.197   -8.727  30.791  0.50 319.62 ? 11  LEU L CA 1 
ATOM 1053 C CA A SER D 3 12  ? 7.352   33.825  11.094  0.50 352.02 ? 12  SER L CA 1 
ATOM 1054 C CA B SER D 3 12  ? 7.213   -11.005 31.223  0.50 352.02 ? 12  SER L CA 1 
ATOM 1055 C CA A VAL D 3 13  ? 5.707   34.361  7.702   0.50 349.87 ? 13  VAL L CA 1 
ATOM 1056 C CA B VAL D 3 13  ? 6.852   -14.351 29.442  0.50 349.87 ? 13  VAL L CA 1 
ATOM 1057 C CA A THR D 3 14  ? 2.398   35.903  6.670   0.50 346.34 ? 14  THR L CA 1 
ATOM 1058 C CA B THR D 3 14  ? 9.356   -17.048 28.516  0.50 346.34 ? 14  THR L CA 1 
ATOM 1059 C CA A PRO D 3 15  ? -0.096  33.588  4.922   0.50 338.38 ? 15  PRO L CA 1 
ATOM 1060 C CA B PRO D 3 15  ? 9.823   -17.737 24.782  0.50 338.38 ? 15  PRO L CA 1 
ATOM 1061 C CA A GLY D 3 16  ? 0.209   32.739  1.249   0.50 333.03 ? 16  GLY L CA 1 
ATOM 1062 C CA B GLY D 3 16  ? 7.389   -19.872 22.829  0.50 333.03 ? 16  GLY L CA 1 
ATOM 1063 C CA A GLN D 3 17  ? 3.944   33.376  1.094   0.50 327.64 ? 17  GLN L CA 1 
ATOM 1064 C CA B GLN D 3 17  ? 4.468   -19.221 25.160  0.50 327.64 ? 17  GLN L CA 1 
ATOM 1065 C CA A PRO D 3 18  ? 7.175   31.542  0.250   0.50 308.40 ? 18  PRO L CA 1 
ATOM 1066 C CA B PRO D 3 18  ? 0.946   -17.771 25.075  0.50 308.40 ? 18  PRO L CA 1 
ATOM 1067 C CA A ALA D 3 19  ? 9.034   29.527  2.862   0.50 278.10 ? 19  ALA L CA 1 
ATOM 1068 C CA B ALA D 3 19  ? 0.336   -14.060 25.527  0.50 278.10 ? 19  ALA L CA 1 
ATOM 1069 C CA A SER D 3 20  ? 12.523  28.170  2.227   0.50 273.30 ? 20  SER L CA 1 
ATOM 1070 C CA B SER D 3 20  ? -3.158  -12.658 26.022  0.50 273.30 ? 20  SER L CA 1 
ATOM 1071 C CA A ILE D 3 21  ? 14.253  26.084  4.892   0.50 271.97 ? 21  ILE L CA 1 
ATOM 1072 C CA B ILE D 3 21  ? -3.656  -8.907  26.376  0.50 271.97 ? 21  ILE L CA 1 
ATOM 1073 C CA A SER D 3 22  ? 17.768  24.730  4.450   0.50 275.69 ? 22  SER L CA 1 
ATOM 1074 C CA B SER D 3 22  ? -7.067  -7.354  26.962  0.50 275.69 ? 22  SER L CA 1 
ATOM 1075 C CA A CYS D 3 23  ? 19.278  21.866  6.452   0.50 276.05 ? 23  CYS L CA 1 
ATOM 1076 C CA B CYS D 3 23  ? -7.943  -3.702  26.348  0.50 276.05 ? 23  CYS L CA 1 
ATOM 1077 C CA A LYS D 3 24  ? 23.057  21.537  6.486   0.50 263.81 ? 24  LYS L CA 1 
ATOM 1078 C CA B LYS D 3 24  ? -11.045 -2.324  28.041  0.50 263.81 ? 24  LYS L CA 1 
ATOM 1079 C CA A SER D 3 25  ? 25.067  18.595  7.756   0.50 267.27 ? 25  SER L CA 1 
ATOM 1080 C CA B SER D 3 25  ? -12.738 0.984   27.330  0.50 267.27 ? 25  SER L CA 1 
ATOM 1081 C CA A SER D 3 26  ? 28.553  18.331  9.175   0.50 262.96 ? 26  SER L CA 1 
ATOM 1082 C CA B SER D 3 26  ? -14.846 3.264   29.473  0.50 262.96 ? 26  SER L CA 1 
ATOM 1083 C CA A GLN D 3 27  ? 29.459  15.696  6.582   0.50 244.46 ? 27  GLN L CA 1 
ATOM 1084 C CA B GLN D 3 27  ? -17.644 3.178   26.895  0.50 244.46 ? 27  GLN L CA 1 
ATOM 1085 C CA A ILE D 3 28  ? 28.514  14.381  3.167   0.50 238.26 ? 28  ILE L CA 1 
ATOM 1086 C CA B ILE D 3 28  ? -19.057 1.129   24.050  0.50 238.26 ? 28  ILE L CA 1 
ATOM 1087 C CA A SER D 3 29  ? 25.156  12.601  3.042   0.50 239.59 ? 29  SER L CA 1 
ATOM 1088 C CA B SER D 3 29  ? -16.886 1.064   20.930  0.50 239.59 ? 29  SER L CA 1 
ATOM 1089 C CA A SER D 3 30  ? 25.174  11.759  -0.669  0.50 249.44 ? 30  SER L CA 1 
ATOM 1090 C CA B SER D 3 30  ? -19.108 -1.191  18.820  0.50 249.44 ? 30  SER L CA 1 
ATOM 1091 C CA A TRP D 3 31  ? 26.201  8.125   -0.322  0.50 237.43 ? 31  TRP L CA 1 
ATOM 1092 C CA B TRP D 3 31  ? -20.683 1.539   16.713  0.50 237.43 ? 31  TRP L CA 1 
ATOM 1093 C CA A GLY D 3 32  ? 28.175  6.401   -3.059  0.50 240.74 ? 32  GLY L CA 1 
ATOM 1094 C CA B GLY D 3 32  ? -24.183 1.133   15.317  0.50 240.74 ? 32  GLY L CA 1 
ATOM 1095 C CA A SER D 3 33  ? 26.241  3.259   -3.940  0.50 236.83 ? 33  SER L CA 1 
ATOM 1096 C CA B SER D 3 33  ? -23.911 1.750   11.584  0.50 236.83 ? 33  SER L CA 1 
ATOM 1097 C CA A ASP D 3 34  ? 22.873  5.052   -3.903  0.50 242.23 ? 34  ASP L CA 1 
ATOM 1098 C CA B ASP D 3 34  ? -20.723 -0.319  11.247  0.50 242.23 ? 34  ASP L CA 1 
ATOM 1099 C CA A GLY D 3 35  ? 23.205  8.430   -5.541  0.50 246.09 ? 35  GLY L CA 1 
ATOM 1100 C CA B GLY D 3 35  ? -20.999 -3.440  13.338  0.50 246.09 ? 35  GLY L CA 1 
ATOM 1101 C CA A LYS D 3 36  ? 20.545  9.433   -3.016  0.50 239.21 ? 36  LYS L CA 1 
ATOM 1102 C CA B LYS D 3 36  ? -17.248 -2.974  13.750  0.50 239.21 ? 36  LYS L CA 1 
ATOM 1103 C CA A THR D 3 37  ? 19.902  12.023  -0.302  0.50 240.48 ? 37  THR L CA 1 
ATOM 1104 C CA B THR D 3 37  ? -14.607 -2.691  16.476  0.50 240.48 ? 37  THR L CA 1 
ATOM 1105 C CA A TYR D 3 38  ? 19.291  10.677  3.197   0.50 239.54 ? 38  TYR L CA 1 
ATOM 1106 C CA B TYR D 3 38  ? -12.586 0.525   16.531  0.50 239.54 ? 38  TYR L CA 1 
ATOM 1107 C CA A LEU D 3 39  ? 17.561  13.717  4.651   0.50 250.10 ? 39  LEU L CA 1 
ATOM 1108 C CA B LEU D 3 39  ? -9.631  -0.728  18.544  0.50 250.10 ? 39  LEU L CA 1 
ATOM 1109 C CA A TYR D 3 40  ? 14.206  13.309  6.368   0.50 259.42 ? 40  TYR L CA 1 
ATOM 1110 C CA B TYR D 3 40  ? -6.120  -0.236  17.204  0.50 259.42 ? 40  TYR L CA 1 
ATOM 1111 C CA A TRP D 3 41  ? 12.043  16.183  7.609   0.50 266.54 ? 41  TRP L CA 1 
ATOM 1112 C CA B TRP D 3 41  ? -2.975  -1.682  18.784  0.50 266.54 ? 41  TRP L CA 1 
ATOM 1113 C CA A TYR D 3 42  ? 9.660   14.965  10.295  0.50 271.52 ? 42  TYR L CA 1 
ATOM 1114 C CA B TYR D 3 42  ? 0.069   0.309   17.709  0.50 271.52 ? 42  TYR L CA 1 
ATOM 1115 C CA A LEU D 3 43  ? 6.957   17.099  11.917  0.50 277.70 ? 43  LEU L CA 1 
ATOM 1116 C CA B LEU D 3 43  ? 3.659   -0.580  18.601  0.50 277.70 ? 43  LEU L CA 1 
ATOM 1117 C CA A GLN D 3 44  ? 5.132   17.215  15.235  0.50 298.50 ? 44  GLN L CA 1 
ATOM 1118 C CA B GLN D 3 44  ? 6.936   1.260   19.080  0.50 298.50 ? 44  GLN L CA 1 
ATOM 1119 C CA A LYS D 3 45  ? 2.465   19.903  15.240  0.50 308.98 ? 45  LYS L CA 1 
ATOM 1120 C CA B LYS D 3 45  ? 9.776   -1.149  19.768  0.50 308.98 ? 45  LYS L CA 1 
ATOM 1121 C CA A PRO D 3 46  ? 1.926   21.787  18.520  0.50 323.23 ? 46  PRO L CA 1 
ATOM 1122 C CA B PRO D 3 46  ? 12.454  0.007   22.235  0.50 323.23 ? 46  PRO L CA 1 
ATOM 1123 C CA A GLY D 3 47  ? 0.115   19.314  20.733  0.50 306.32 ? 47  GLY L CA 1 
ATOM 1124 C CA B GLY D 3 47  ? 14.460  2.567   20.308  0.50 306.32 ? 47  GLY L CA 1 
ATOM 1125 C CA A GLN D 3 48  ? 0.408   16.543  18.144  0.50 302.65 ? 48  GLN L CA 1 
ATOM 1126 C CA B GLN D 3 48  ? 12.120  2.377   17.314  0.50 302.65 ? 48  GLN L CA 1 
ATOM 1127 C CA A SER D 3 49  ? 2.411   13.467  17.284  0.50 291.87 ? 49  SER L CA 1 
ATOM 1128 C CA B SER D 3 49  ? 9.256   4.178   15.650  0.50 291.87 ? 49  SER L CA 1 
ATOM 1129 C CA A PRO D 3 50  ? 5.695   13.314  15.349  0.50 284.70 ? 50  PRO L CA 1 
ATOM 1130 C CA B PRO D 3 50  ? 5.539   3.834   16.440  0.50 284.70 ? 50  PRO L CA 1 
ATOM 1131 C CA A GLN D 3 51  ? 4.779   12.820  11.716  0.50 276.63 ? 51  GLN L CA 1 
ATOM 1132 C CA B GLN D 3 51  ? 4.199   1.145   14.148  0.50 276.63 ? 51  GLN L CA 1 
ATOM 1133 C CA A LEU D 3 52  ? 7.099   12.926  8.697   0.50 276.44 ? 52  LEU L CA 1 
ATOM 1134 C CA B LEU D 3 52  ? 0.741   -0.453  14.212  0.50 276.44 ? 52  LEU L CA 1 
ATOM 1135 C CA A LEU D 3 53  ? 6.814   15.535  5.964   0.50 273.40 ? 53  LEU L CA 1 
ATOM 1136 C CA B LEU D 3 53  ? 0.176   -4.123  14.965  0.50 273.40 ? 53  LEU L CA 1 
ATOM 1137 C CA A ILE D 3 54  ? 9.718   14.937  3.602   0.50 258.24 ? 54  ILE L CA 1 
ATOM 1138 C CA B ILE D 3 54  ? -3.578  -4.636  15.052  0.50 258.24 ? 54  ILE L CA 1 
ATOM 1139 C CA A TYR D 3 55  ? 11.953  11.926  3.056   0.50 250.69 ? 55  TYR L CA 1 
ATOM 1140 C CA B TYR D 3 55  ? -6.443  -2.569  13.682  0.50 250.69 ? 55  TYR L CA 1 
ATOM 1141 C CA A GLU D 3 56  ? 15.003  11.748  0.793   0.50 248.21 ? 56  GLU L CA 1 
ATOM 1142 C CA B GLU D 3 56  ? -10.154 -3.212  14.202  0.50 248.21 ? 56  GLU L CA 1 
ATOM 1143 C CA A VAL D 3 57  ? 14.679  15.451  0.576   0.50 265.89 ? 57  VAL L CA 1 
ATOM 1144 C CA B VAL D 3 57  ? -9.056  -5.672  16.772  0.50 265.89 ? 57  VAL L CA 1 
ATOM 1145 C CA A SER D 3 58  ? 14.050  15.681  -3.166  0.50 272.64 ? 58  SER L CA 1 
ATOM 1146 C CA B SER D 3 58  ? -10.500 -8.786  15.136  0.50 272.64 ? 58  SER L CA 1 
ATOM 1147 C CA A SER D 3 59  ? 11.390  13.001  -2.677  0.50 263.16 ? 59  SER L CA 1 
ATOM 1148 C CA B SER D 3 59  ? -8.790  -7.645  11.929  0.50 263.16 ? 59  SER L CA 1 
ATOM 1149 C CA A ARG D 3 60  ? 7.989   13.502  -1.054  0.50 256.69 ? 60  ARG L CA 1 
ATOM 1150 C CA B ARG D 3 60  ? -5.057  -7.777  11.221  0.50 256.69 ? 60  ARG L CA 1 
ATOM 1151 C CA A PHE D 3 61  ? 6.268   11.245  1.462   0.50 231.97 ? 61  PHE L CA 1 
ATOM 1152 C CA B PHE D 3 61  ? -2.906  -5.092  9.625   0.50 231.97 ? 61  PHE L CA 1 
ATOM 1153 C CA A SER D 3 62  ? 2.799   9.819   0.916   0.50 226.84 ? 62  SER L CA 1 
ATOM 1154 C CA B SER D 3 62  ? -0.780  -5.715  6.551   0.50 226.84 ? 62  SER L CA 1 
ATOM 1155 C CA A GLY D 3 63  ? -0.168  12.104  1.478   0.50 225.41 ? 63  GLY L CA 1 
ATOM 1156 C CA B GLY D 3 63  ? 2.495   -7.563  7.001   0.50 225.41 ? 63  GLY L CA 1 
ATOM 1157 C CA A VAL D 3 64  ? 1.902   15.309  1.469   0.50 245.81 ? 64  VAL L CA 1 
ATOM 1158 C CA B VAL D 3 64  ? 1.652   -8.838  10.496  0.50 245.81 ? 64  VAL L CA 1 
ATOM 1159 C CA A SER D 3 65  ? 0.709   18.702  0.244   0.50 279.60 ? 65  SER L CA 1 
ATOM 1160 C CA B SER D 3 65  ? 2.829   -12.130 11.986  0.50 279.60 ? 65  SER L CA 1 
ATOM 1161 C CA A ASP D 3 66  ? 2.232   19.989  -2.992  0.50 282.97 ? 66  ASP L CA 1 
ATOM 1162 C CA B ASP D 3 66  ? 0.201   -14.835 12.455  0.50 282.97 ? 66  ASP L CA 1 
ATOM 1163 C CA A ARG D 3 67  ? 3.438   23.184  -1.294  0.50 293.64 ? 67  ARG L CA 1 
ATOM 1164 C CA B ARG D 3 67  ? 0.966   -15.100 16.181  0.50 293.64 ? 67  ARG L CA 1 
ATOM 1165 C CA A PHE D 3 68  ? 6.664   21.676  0.048   0.50 280.39 ? 68  PHE L CA 1 
ATOM 1166 C CA B PHE D 3 68  ? -1.295  -12.218 17.214  0.50 280.39 ? 68  PHE L CA 1 
ATOM 1167 C CA A SER D 3 69  ? 9.773   21.343  -2.122  0.50 271.22 ? 69  SER L CA 1 
ATOM 1168 C CA B SER D 3 69  ? -5.042  -12.682 17.683  0.50 271.22 ? 69  SER L CA 1 
ATOM 1169 C CA A GLY D 3 70  ? 13.170  19.894  -1.244  0.50 262.69 ? 70  GLY L CA 1 
ATOM 1170 C CA B GLY D 3 70  ? -7.675  -10.128 18.663  0.50 262.69 ? 70  GLY L CA 1 
ATOM 1171 C CA A SER D 3 71  ? 16.695  20.072  -2.624  0.50 267.74 ? 71  SER L CA 1 
ATOM 1172 C CA B SER D 3 71  ? -11.201 -10.180 20.050  0.50 267.74 ? 71  SER L CA 1 
ATOM 1173 C CA A GLY D 3 72  ? 20.364  20.335  -1.681  0.50 224.14 ? 72  GLY L CA 1 
ATOM 1174 C CA B GLY D 3 72  ? -13.575 -8.511  22.498  0.50 224.14 ? 72  GLY L CA 1 
ATOM 1175 C CA A SER D 3 73  ? 23.248  18.280  -2.991  0.50 223.05 ? 73  SER L CA 1 
ATOM 1176 C CA B SER D 3 73  ? -17.126 -7.382  21.881  0.50 223.05 ? 73  SER L CA 1 
ATOM 1177 C CA A GLY D 3 74  ? 26.132  17.343  -0.708  0.50 245.27 ? 74  GLY L CA 1 
ATOM 1178 C CA B GLY D 3 74  ? -18.459 -4.243  23.550  0.50 245.27 ? 74  GLY L CA 1 
ATOM 1179 C CA A THR D 3 75  ? 25.974  18.706  2.840   0.50 250.04 ? 75  THR L CA 1 
ATOM 1180 C CA B THR D 3 75  ? -16.076 -2.460  25.920  0.50 250.04 ? 75  THR L CA 1 
ATOM 1181 C CA A ASP D 3 76  ? 23.321  21.459  2.900   0.50 255.53 ? 76  ASP L CA 1 
ATOM 1182 C CA B ASP D 3 76  ? -13.203 -4.864  26.687  0.50 255.53 ? 76  ASP L CA 1 
ATOM 1183 C CA A PHE D 3 77  ? 19.783  20.643  1.850   0.50 253.38 ? 77  PHE L CA 1 
ATOM 1184 C CA B PHE D 3 77  ? -11.133 -6.245  23.841  0.50 253.38 ? 77  PHE L CA 1 
ATOM 1185 C CA A THR D 3 78  ? 16.753  22.836  1.440   0.50 275.69 ? 78  THR L CA 1 
ATOM 1186 C CA B THR D 3 78  ? -8.355  -8.781  23.803  0.50 275.69 ? 78  THR L CA 1 
ATOM 1187 C CA A LEU D 3 79  ? 13.013  22.621  1.983   0.50 279.51 ? 79  LEU L CA 1 
ATOM 1188 C CA B LEU D 3 79  ? -5.114  -9.394  21.947  0.50 279.51 ? 79  LEU L CA 1 
ATOM 1189 C CA A LYS D 3 80  ? 10.906  25.141  0.066   0.50 282.02 ? 80  LYS L CA 1 
ATOM 1190 C CA B LYS D 3 80  ? -3.799  -12.963 22.027  0.50 282.02 ? 80  LYS L CA 1 
ATOM 1191 C CA A ILE D 3 81  ? 7.243   26.028  0.577   0.50 288.52 ? 81  ILE L CA 1 
ATOM 1192 C CA B ILE D 3 81  ? -0.354  -14.232 21.037  0.50 288.52 ? 81  ILE L CA 1 
ATOM 1193 C CA A SER D 3 82  ? 5.282   28.126  -1.905  0.50 331.84 ? 82  SER L CA 1 
ATOM 1194 C CA B SER D 3 82  ? 0.431   -17.925 20.646  0.50 331.84 ? 82  SER L CA 1 
ATOM 1195 C CA A ARG D 3 83  ? 2.359   29.509  0.117   0.50 338.79 ? 83  ARG L CA 1 
ATOM 1196 C CA B ARG D 3 83  ? 4.221   -18.137 21.014  0.50 338.79 ? 83  ARG L CA 1 
ATOM 1197 C CA A VAL D 3 84  ? 1.718   29.910  3.834   0.50 334.34 ? 84  VAL L CA 1 
ATOM 1198 C CA B VAL D 3 84  ? 6.834   -15.806 22.472  0.50 334.34 ? 84  VAL L CA 1 
ATOM 1199 C CA A GLN D 3 85  ? -1.540  28.522  5.207   0.50 328.90 ? 85  GLN L CA 1 
ATOM 1200 C CA B GLN D 3 85  ? 9.830   -14.959 20.298  0.50 328.90 ? 85  GLN L CA 1 
ATOM 1201 C CA A ALA D 3 86  ? -2.974  27.881  8.661   0.50 311.33 ? 86  ALA L CA 1 
ATOM 1202 C CA B ALA D 3 86  ? 12.671  -12.447 20.452  0.50 311.33 ? 86  ALA L CA 1 
ATOM 1203 C CA A GLU D 3 87  ? -2.044  24.190  8.768   0.50 307.33 ? 87  GLU L CA 1 
ATOM 1204 C CA B GLU D 3 87  ? 11.030  -9.890  18.156  0.50 307.33 ? 87  GLU L CA 1 
ATOM 1205 C CA A ASP D 3 88  ? 1.517   25.020  7.748   0.50 311.18 ? 88  ASP L CA 1 
ATOM 1206 C CA B ASP D 3 88  ? 7.835   -10.052 20.201  0.50 311.18 ? 88  ASP L CA 1 
ATOM 1207 C CA A VAL D 3 89  ? 2.700   25.741  11.296  0.50 293.97 ? 89  VAL L CA 1 
ATOM 1208 C CA B VAL D 3 89  ? 8.975   -7.479  22.767  0.50 293.97 ? 89  VAL L CA 1 
ATOM 1209 C CA A GLY D 3 90  ? 4.408   23.111  13.419  0.50 287.72 ? 90  GLY L CA 1 
ATOM 1210 C CA B GLY D 3 90  ? 8.064   -3.814  22.480  0.50 287.72 ? 90  GLY L CA 1 
ATOM 1211 C CA A LEU D 3 91  ? 7.736   21.871  14.764  0.50 288.48 ? 91  LEU L CA 1 
ATOM 1212 C CA B LEU D 3 91  ? 5.792   -1.057  23.770  0.50 288.48 ? 91  LEU L CA 1 
ATOM 1213 C CA A TYR D 3 92  ? 9.985   20.837  11.890  0.50 278.53 ? 92  TYR L CA 1 
ATOM 1214 C CA B TYR D 3 92  ? 2.176   -1.892  22.986  0.50 278.53 ? 92  TYR L CA 1 
ATOM 1215 C CA A TYR D 3 93  ? 13.095  18.656  12.152  0.50 283.74 ? 93  TYR L CA 1 
ATOM 1216 C CA B TYR D 3 93  ? -0.744  0.551   23.015  0.50 283.74 ? 93  TYR L CA 1 
ATOM 1217 C CA A CYS D 3 94  ? 15.055  17.416  9.171   0.50 285.33 ? 94  CYS L CA 1 
ATOM 1218 C CA B CYS D 3 94  ? -4.239  -0.330  21.884  0.50 285.33 ? 94  CYS L CA 1 
ATOM 1219 C CA A MET D 3 95  ? 17.097  14.335  9.931   0.50 246.91 ? 95  MET L CA 1 
ATOM 1220 C CA B MET D 3 95  ? -6.266  2.692   20.880  0.50 246.91 ? 95  MET L CA 1 
ATOM 1221 C CA A GLN D 3 96  ? 19.918  12.221  8.510   0.50 239.18 ? 96  GLN L CA 1 
ATOM 1222 C CA B GLN D 3 96  ? -9.840  3.753   20.144  0.50 239.18 ? 96  GLN L CA 1 
ATOM 1223 C CA A GLY D 3 97  ? 19.640  8.659   7.267   0.50 244.73 ? 97  GLY L CA 1 
ATOM 1224 C CA B GLY D 3 97  ? -11.201 4.858   16.792  0.50 244.73 ? 97  GLY L CA 1 
ATOM 1225 C CA A LEU D 3 98  ? 23.153  7.316   6.724   0.50 251.94 ? 98  LEU L CA 1 
ATOM 1226 C CA B LEU D 3 98  ? -14.663 6.328   17.346  0.50 251.94 ? 98  LEU L CA 1 
ATOM 1227 C CA A HIS D 3 99  ? 24.712  5.847   9.834   0.50 251.32 ? 99  HIS L CA 1 
ATOM 1228 C CA B HIS D 3 99  ? -14.624 9.992   18.261  0.50 251.32 ? 99  HIS L CA 1 
ATOM 1229 C CA A LEU D 3 100 ? 23.694  4.009   12.987  0.50 277.09 ? 100 LEU L CA 1 
ATOM 1230 C CA B LEU D 3 100 ? -12.588 13.117  17.596  0.50 277.09 ? 100 LEU L CA 1 
ATOM 1231 C CA A PRO D 3 101 ? 24.802  6.877   15.289  0.50 282.78 ? 101 PRO L CA 1 
ATOM 1232 C CA B PRO D 3 101 ? -11.503 13.466  21.263  0.50 282.78 ? 101 PRO L CA 1 
ATOM 1233 C CA A LEU D 3 102 ? 21.952  8.958   13.910  0.50 268.23 ? 102 LEU L CA 1 
ATOM 1234 C CA B LEU D 3 102 ? -9.418  10.331  20.846  0.50 268.23 ? 102 LEU L CA 1 
ATOM 1235 C CA A THR D 3 103 ? 21.856  12.660  14.784  0.50 286.61 ? 103 THR L CA 1 
ATOM 1236 C CA B THR D 3 103 ? -7.916  8.754   23.966  0.50 286.61 ? 103 THR L CA 1 
ATOM 1237 C CA A PHE D 3 104 ? 18.943  15.083  14.858  0.50 269.94 ? 104 PHE L CA 1 
ATOM 1238 C CA B PHE D 3 104 ? -4.911  6.477   24.355  0.50 269.94 ? 104 PHE L CA 1 
ATOM 1239 C CA A GLY D 3 105 ? 18.622  18.589  13.551  0.50 269.82 ? 105 GLY L CA 1 
ATOM 1240 C CA B GLY D 3 105 ? -4.450  3.325   26.343  0.50 269.82 ? 105 GLY L CA 1 
ATOM 1241 C CA A GLN D 3 106 ? 17.978  21.315  16.075  0.50 284.14 ? 106 GLN L CA 1 
ATOM 1242 C CA B GLN D 3 106 ? -1.877  3.386   29.097  0.50 284.14 ? 106 GLN L CA 1 
ATOM 1243 C CA A GLY D 3 107 ? 14.470  21.830  14.704  0.50 295.79 ? 107 GLY L CA 1 
ATOM 1244 C CA B GLY D 3 107 ? 0.339   0.985   27.152  0.50 295.79 ? 107 GLY L CA 1 
ATOM 1245 C CA A THR D 3 108 ? 12.661  24.928  13.475  0.50 307.84 ? 108 THR L CA 1 
ATOM 1246 C CA B THR D 3 108 ? 1.932   -2.323  28.100  0.50 307.84 ? 108 THR L CA 1 
ATOM 1247 C CA A ARG D 3 109 ? 9.169   26.293  14.136  0.50 333.38 ? 109 ARG L CA 1 
ATOM 1248 C CA B ARG D 3 109 ? 5.443   -3.712  27.621  0.50 333.38 ? 109 ARG L CA 1 
ATOM 1249 C CA A LEU D 3 110 ? 6.680   28.261  12.041  0.50 340.90 ? 110 LEU L CA 1 
ATOM 1250 C CA B LEU D 3 110 ? 6.827   -7.201  27.016  0.50 340.90 ? 110 LEU L CA 1 
ATOM 1251 C CA A GLU D 3 111 ? 4.156   30.986  12.831  0.50 379.10 ? 111 GLU L CA 1 
ATOM 1252 C CA B GLU D 3 111 ? 9.981   -9.005  28.118  0.50 379.10 ? 111 GLU L CA 1 
ATOM 1253 C CA A ILE D 3 112 ? 2.028   33.502  10.948  0.50 383.18 ? 112 ILE L CA 1 
ATOM 1254 C CA B ILE D 3 112 ? 11.329  -12.554 28.201  0.50 383.18 ? 112 ILE L CA 1 
ATOM 1255 C CA A LYS D 3 113 ? 3.455   36.961  10.438  0.50 377.89 ? 113 LYS L CA 1 
ATOM 1256 C CA B LYS D 3 113 ? 10.800  -14.549 31.362  0.50 377.89 ? 113 LYS L CA 1 
# 
